data_6Q13
#
_entry.id   6Q13
#
_cell.length_a   134.800
_cell.length_b   94.740
_cell.length_c   121.560
_cell.angle_alpha   90.000
_cell.angle_beta   90.000
_cell.angle_gamma   90.000
#
_symmetry.space_group_name_H-M   'P 21 21 2'
#
loop_
_entity.id
_entity.type
_entity.pdbx_description
1 polymer 'L-lactate dehydrogenase A chain'
2 non-polymer '1,4-DIHYDRONICOTINAMIDE ADENINE DINUCLEOTIDE'
3 non-polymer '2-[5-(cyclopropylmethyl)-4-[(3-fluoro-4-sulfamoylphenyl)methyl]-3-{3-[(5-methylthiophen-2-yl)ethynyl]phenyl}-1H-pyrazol-1-yl]-1,3-thiazole-4-carboxylic acid'
4 non-polymer 1,2-ETHANEDIOL
5 water water
#
_entity_poly.entity_id   1
_entity_poly.type   'polypeptide(L)'
_entity_poly.pdbx_seq_one_letter_code
;MATLKDQLIYNLLKEEQTPQNKITVVGVGAVGMACAISILMKDLADELALVDVIEDKLKGEMMDLQHGSLFLRTPKIVSG
KDYNVTANSKLVIITAGARQQEGESRLNLVQRNVNIFKFIIPNVVKYSPNCKLLIVSNPVDILTYVAWKISGFPKNRVIG
SGCNLDSARFRYLMGERLGVHPLSCHGWVLGEHGDSSVPVWSGMNVAGVSLKTLHPDLGTDKDKEQWKEVHKQVVESAYE
VIKLKGYTSWAIGLSVADLAESIMKNLRRVHPVSTMIKGLYGIKDDVFLSVPCILGQNGISDLVKVTLTSEEEARLKKSA
DTLWGIQKELQF
;
_entity_poly.pdbx_strand_id   A,B,C,D
#
# COMPACT_ATOMS: atom_id res chain seq x y z
N ALA A 2 -27.58 21.10 39.56
CA ALA A 2 -27.12 20.03 38.69
C ALA A 2 -27.52 20.31 37.25
N THR A 3 -26.72 19.82 36.32
CA THR A 3 -27.04 19.97 34.91
C THR A 3 -28.27 19.13 34.58
N LEU A 4 -28.88 19.45 33.44
CA LEU A 4 -30.03 18.68 33.00
C LEU A 4 -29.66 17.21 32.84
N LYS A 5 -28.48 16.94 32.25
CA LYS A 5 -28.01 15.57 32.11
C LYS A 5 -27.98 14.84 33.44
N ASP A 6 -27.44 15.49 34.48
CA ASP A 6 -27.33 14.84 35.77
C ASP A 6 -28.67 14.77 36.51
N GLN A 7 -29.57 15.72 36.25
CA GLN A 7 -30.94 15.60 36.74
C GLN A 7 -31.65 14.41 36.12
N LEU A 8 -31.40 14.16 34.84
CA LEU A 8 -32.10 13.08 34.12
C LEU A 8 -31.46 11.73 34.36
N ILE A 9 -30.14 11.68 34.45
CA ILE A 9 -29.40 10.43 34.36
C ILE A 9 -28.48 10.30 35.58
N TYR A 10 -28.57 9.16 36.25
CA TYR A 10 -27.66 8.83 37.33
C TYR A 10 -26.58 7.87 36.84
N ASN A 11 -25.32 8.24 37.06
CA ASN A 11 -24.18 7.48 36.57
C ASN A 11 -23.71 6.44 37.59
N LEU A 12 -23.61 5.18 37.16
CA LEU A 12 -23.10 4.07 37.96
C LEU A 12 -21.61 3.81 37.78
N LEU A 13 -21.10 3.94 36.57
CA LEU A 13 -19.73 3.55 36.23
C LEU A 13 -19.00 4.65 35.51
N LYS A 14 -17.74 4.85 35.90
CA LYS A 14 -16.82 5.64 35.10
C LYS A 14 -16.26 4.63 34.12
N GLU A 15 -16.73 4.69 32.88
CA GLU A 15 -16.45 3.62 31.96
C GLU A 15 -15.02 3.70 31.47
N GLU A 16 -14.46 2.54 31.13
CA GLU A 16 -13.10 2.49 30.61
C GLU A 16 -13.07 2.76 29.11
N GLN A 17 -14.18 2.54 28.41
CA GLN A 17 -14.31 2.84 26.99
C GLN A 17 -13.17 2.20 26.20
N THR A 18 -13.25 0.88 26.10
CA THR A 18 -12.31 0.09 25.32
C THR A 18 -13.02 -0.64 24.18
N PRO A 19 -12.61 -0.47 22.92
CA PRO A 19 -13.38 -1.01 21.81
C PRO A 19 -13.18 -2.51 21.67
N GLN A 20 -14.28 -3.21 21.45
CA GLN A 20 -14.22 -4.67 21.36
C GLN A 20 -14.20 -5.17 19.93
N ASN A 21 -14.91 -4.52 19.01
CA ASN A 21 -15.01 -4.97 17.64
C ASN A 21 -14.80 -3.80 16.71
N LYS A 22 -13.60 -3.23 16.78
CA LYS A 22 -13.31 -1.98 16.10
C LYS A 22 -12.70 -2.25 14.72
N ILE A 23 -13.18 -1.49 13.73
CA ILE A 23 -12.69 -1.52 12.36
C ILE A 23 -12.22 -0.11 12.00
N THR A 24 -11.10 0.00 11.29
CA THR A 24 -10.63 1.25 10.74
C THR A 24 -10.62 1.15 9.22
N VAL A 25 -11.07 2.22 8.55
CA VAL A 25 -10.88 2.39 7.12
C VAL A 25 -9.92 3.56 6.91
N VAL A 26 -8.85 3.34 6.15
CA VAL A 26 -7.89 4.39 5.82
C VAL A 26 -8.10 4.80 4.37
N GLY A 27 -8.42 6.07 4.16
CA GLY A 27 -8.65 6.59 2.82
C GLY A 27 -10.13 6.64 2.54
N VAL A 28 -10.72 7.84 2.53
CA VAL A 28 -12.17 8.01 2.43
C VAL A 28 -12.59 8.53 1.06
N GLY A 29 -11.97 8.02 0.01
CA GLY A 29 -12.48 8.20 -1.33
C GLY A 29 -13.74 7.37 -1.52
N ALA A 30 -14.16 7.24 -2.78
CA ALA A 30 -15.38 6.48 -3.09
C ALA A 30 -15.29 5.04 -2.58
N VAL A 31 -14.14 4.40 -2.74
CA VAL A 31 -13.99 3.00 -2.33
C VAL A 31 -14.05 2.89 -0.81
N GLY A 32 -13.29 3.73 -0.10
CA GLY A 32 -13.31 3.69 1.35
C GLY A 32 -14.69 3.95 1.94
N MET A 33 -15.41 4.93 1.38
CA MET A 33 -16.74 5.21 1.92
C MET A 33 -17.73 4.12 1.55
N ALA A 34 -17.60 3.48 0.37
CA ALA A 34 -18.44 2.32 0.10
C ALA A 34 -18.15 1.18 1.07
N CYS A 35 -16.89 0.92 1.38
CA CYS A 35 -16.56 -0.07 2.41
C CYS A 35 -17.21 0.33 3.72
N ALA A 36 -17.09 1.60 4.08
CA ALA A 36 -17.63 2.09 5.33
C ALA A 36 -19.14 1.88 5.42
N ILE A 37 -19.89 2.28 4.39
CA ILE A 37 -21.34 2.17 4.51
C ILE A 37 -21.75 0.70 4.55
N SER A 38 -21.06 -0.16 3.79
CA SER A 38 -21.42 -1.57 3.75
C SER A 38 -21.16 -2.25 5.09
N ILE A 39 -20.07 -1.90 5.74
CA ILE A 39 -19.75 -2.40 7.08
C ILE A 39 -20.75 -1.89 8.11
N LEU A 40 -21.14 -0.62 7.99
CA LEU A 40 -22.11 -0.04 8.92
C LEU A 40 -23.46 -0.73 8.80
N MET A 41 -23.90 -1.00 7.58
CA MET A 41 -25.21 -1.59 7.42
C MET A 41 -25.23 -3.09 7.65
N LYS A 42 -24.08 -3.71 7.87
CA LYS A 42 -24.03 -5.12 8.24
C LYS A 42 -23.70 -5.35 9.70
N ASP A 43 -23.66 -4.28 10.51
CA ASP A 43 -23.46 -4.41 11.96
C ASP A 43 -22.22 -5.22 12.29
N LEU A 44 -21.10 -4.93 11.61
CA LEU A 44 -19.87 -5.70 11.81
C LEU A 44 -18.96 -5.11 12.88
N ALA A 45 -19.16 -3.84 13.26
CA ALA A 45 -18.26 -3.18 14.21
C ALA A 45 -19.05 -2.48 15.30
N ASP A 46 -18.47 -2.36 16.50
CA ASP A 46 -19.04 -1.45 17.49
C ASP A 46 -18.36 -0.08 17.49
N GLU A 47 -17.30 0.09 16.70
CA GLU A 47 -16.65 1.39 16.52
C GLU A 47 -16.03 1.40 15.14
N LEU A 48 -16.23 2.49 14.41
CA LEU A 48 -15.67 2.69 13.08
C LEU A 48 -14.79 3.94 13.14
N ALA A 49 -13.53 3.79 12.74
CA ALA A 49 -12.60 4.90 12.64
C ALA A 49 -12.23 5.11 11.19
N LEU A 50 -12.15 6.38 10.79
CA LEU A 50 -11.77 6.78 9.45
C LEU A 50 -10.51 7.63 9.51
N VAL A 51 -9.58 7.41 8.58
CA VAL A 51 -8.38 8.21 8.47
C VAL A 51 -8.17 8.63 7.03
N ASP A 52 -7.71 9.87 6.84
CA ASP A 52 -7.31 10.36 5.52
C ASP A 52 -6.34 11.51 5.76
N VAL A 53 -5.74 12.00 4.68
CA VAL A 53 -4.91 13.19 4.77
C VAL A 53 -5.67 14.44 4.37
N ILE A 54 -6.79 14.32 3.67
CA ILE A 54 -7.59 15.50 3.31
C ILE A 54 -8.53 15.75 4.49
N GLU A 55 -8.20 16.76 5.29
CA GLU A 55 -8.85 16.92 6.59
C GLU A 55 -10.32 17.31 6.46
N ASP A 56 -10.65 18.26 5.57
CA ASP A 56 -12.05 18.67 5.45
CA ASP A 56 -12.05 18.67 5.45
C ASP A 56 -12.91 17.51 4.95
N LYS A 57 -12.47 16.85 3.87
CA LYS A 57 -13.22 15.72 3.34
C LYS A 57 -13.45 14.65 4.41
N LEU A 58 -12.41 14.33 5.18
CA LEU A 58 -12.52 13.34 6.24
C LEU A 58 -13.59 13.73 7.26
N LYS A 59 -13.55 14.97 7.75
CA LYS A 59 -14.50 15.39 8.77
C LYS A 59 -15.92 15.43 8.21
N GLY A 60 -16.07 15.87 6.95
CA GLY A 60 -17.40 15.90 6.34
C GLY A 60 -18.01 14.51 6.20
N GLU A 61 -17.20 13.53 5.75
CA GLU A 61 -17.73 12.17 5.61
C GLU A 61 -18.10 11.60 6.98
N MET A 62 -17.25 11.81 7.98
CA MET A 62 -17.56 11.36 9.34
C MET A 62 -18.89 11.94 9.82
N MET A 63 -19.06 13.26 9.68
CA MET A 63 -20.29 13.88 10.15
C MET A 63 -21.51 13.34 9.40
N ASP A 64 -21.38 13.14 8.09
CA ASP A 64 -22.49 12.60 7.30
C ASP A 64 -22.93 11.24 7.85
N LEU A 65 -21.97 10.36 8.15
CA LEU A 65 -22.30 9.07 8.74
C LEU A 65 -22.95 9.24 10.11
N GLN A 66 -22.37 10.11 10.94
CA GLN A 66 -22.89 10.32 12.29
C GLN A 66 -24.34 10.78 12.25
N HIS A 67 -24.69 11.63 11.28
CA HIS A 67 -26.07 12.11 11.17
C HIS A 67 -27.04 10.99 10.85
N GLY A 68 -26.54 9.85 10.36
CA GLY A 68 -27.40 8.69 10.16
C GLY A 68 -27.41 7.70 11.31
N SER A 69 -26.83 8.07 12.45
CA SER A 69 -26.67 7.15 13.58
C SER A 69 -27.99 6.55 14.04
N LEU A 70 -29.07 7.34 14.00
CA LEU A 70 -30.39 6.83 14.34
C LEU A 70 -30.74 5.54 13.60
N PHE A 71 -30.23 5.37 12.38
CA PHE A 71 -30.63 4.26 11.53
C PHE A 71 -29.62 3.11 11.56
N LEU A 72 -28.62 3.20 12.44
CA LEU A 72 -27.51 2.26 12.53
C LEU A 72 -27.43 1.69 13.95
N ARG A 73 -26.58 0.68 14.10
CA ARG A 73 -26.29 0.03 15.38
C ARG A 73 -24.80 -0.11 15.58
N THR A 74 -24.06 0.90 15.13
CA THR A 74 -22.62 1.05 15.35
C THR A 74 -22.46 2.34 16.14
N PRO A 75 -22.28 2.28 17.46
CA PRO A 75 -22.55 3.47 18.28
C PRO A 75 -21.48 4.55 18.25
N LYS A 76 -20.26 4.24 17.79
CA LYS A 76 -19.17 5.22 17.78
C LYS A 76 -18.56 5.26 16.39
N ILE A 77 -18.57 6.45 15.79
CA ILE A 77 -17.90 6.71 14.51
C ILE A 77 -16.95 7.88 14.75
N VAL A 78 -15.65 7.66 14.50
CA VAL A 78 -14.63 8.66 14.77
C VAL A 78 -13.78 8.84 13.52
N SER A 79 -13.00 9.92 13.50
CA SER A 79 -12.11 10.17 12.37
C SER A 79 -10.96 11.05 12.82
N GLY A 80 -9.89 11.05 12.02
CA GLY A 80 -8.74 11.91 12.26
C GLY A 80 -7.56 11.60 11.37
N LYS A 81 -6.67 12.58 11.19
CA LYS A 81 -5.41 12.32 10.51
C LYS A 81 -4.41 11.63 11.43
N ASP A 82 -4.57 11.79 12.73
CA ASP A 82 -3.71 11.14 13.73
C ASP A 82 -4.20 9.71 13.95
N TYR A 83 -3.26 8.76 13.96
CA TYR A 83 -3.68 7.37 14.07
C TYR A 83 -4.09 6.96 15.48
N ASN A 84 -4.03 7.85 16.48
CA ASN A 84 -4.53 7.45 17.78
C ASN A 84 -6.03 7.15 17.74
N VAL A 85 -6.75 7.67 16.73
CA VAL A 85 -8.16 7.32 16.60
C VAL A 85 -8.35 5.88 16.16
N THR A 86 -7.30 5.22 15.68
CA THR A 86 -7.41 3.84 15.19
C THR A 86 -7.02 2.80 16.23
N ALA A 87 -6.62 3.22 17.44
CA ALA A 87 -6.06 2.30 18.42
C ALA A 87 -6.97 1.08 18.64
N ASN A 88 -6.33 -0.08 18.78
CA ASN A 88 -7.03 -1.32 19.15
C ASN A 88 -8.07 -1.73 18.12
N SER A 89 -7.81 -1.48 16.84
CA SER A 89 -8.70 -2.01 15.81
C SER A 89 -8.46 -3.51 15.65
N LYS A 90 -9.53 -4.26 15.43
CA LYS A 90 -9.40 -5.67 15.07
C LYS A 90 -9.00 -5.84 13.62
N LEU A 91 -9.47 -4.93 12.78
CA LEU A 91 -9.38 -5.03 11.32
C LEU A 91 -9.14 -3.63 10.79
N VAL A 92 -8.14 -3.48 9.94
CA VAL A 92 -7.78 -2.19 9.37
C VAL A 92 -7.76 -2.35 7.86
N ILE A 93 -8.59 -1.58 7.19
CA ILE A 93 -8.83 -1.71 5.75
C ILE A 93 -8.14 -0.53 5.08
N ILE A 94 -7.25 -0.82 4.13
CA ILE A 94 -6.47 0.24 3.47
C ILE A 94 -7.08 0.48 2.10
N THR A 95 -7.67 1.65 1.92
CA THR A 95 -8.21 2.05 0.62
C THR A 95 -7.58 3.35 0.13
N ALA A 96 -6.42 3.71 0.67
CA ALA A 96 -5.74 4.94 0.29
C ALA A 96 -4.99 4.79 -1.02
N GLY A 97 -4.89 5.89 -1.76
CA GLY A 97 -4.11 5.91 -2.98
C GLY A 97 -4.00 7.32 -3.52
N ALA A 98 -3.05 7.48 -4.45
CA ALA A 98 -2.82 8.75 -5.12
C ALA A 98 -3.75 8.86 -6.33
N ARG A 99 -3.90 10.08 -6.83
CA ARG A 99 -4.73 10.31 -7.99
C ARG A 99 -3.86 10.25 -9.25
N GLN A 100 -4.24 9.39 -10.19
CA GLN A 100 -3.48 9.33 -11.44
C GLN A 100 -3.65 10.64 -12.19
N GLN A 101 -2.54 11.26 -12.55
CA GLN A 101 -2.57 12.50 -13.27
C GLN A 101 -2.74 12.24 -14.76
N GLU A 102 -3.26 13.24 -15.47
CA GLU A 102 -3.42 13.12 -16.91
C GLU A 102 -2.04 12.87 -17.53
N GLY A 103 -1.95 11.83 -18.35
CA GLY A 103 -0.70 11.47 -18.97
C GLY A 103 0.29 10.76 -18.07
N GLU A 104 -0.12 10.37 -16.86
CA GLU A 104 0.75 9.64 -15.94
C GLU A 104 0.49 8.15 -16.12
N SER A 105 1.56 7.36 -16.22
CA SER A 105 1.42 5.94 -16.41
C SER A 105 1.10 5.25 -15.08
N ARG A 106 0.57 4.03 -15.19
CA ARG A 106 0.32 3.21 -14.01
C ARG A 106 1.62 2.97 -13.24
N LEU A 107 2.73 2.80 -13.96
CA LEU A 107 4.01 2.56 -13.30
C LEU A 107 4.35 3.68 -12.32
N ASN A 108 4.06 4.94 -12.68
CA ASN A 108 4.33 6.05 -11.77
C ASN A 108 3.45 6.00 -10.52
N LEU A 109 2.22 5.54 -10.67
CA LEU A 109 1.32 5.40 -9.53
C LEU A 109 1.85 4.39 -8.53
N VAL A 110 2.52 3.34 -9.01
CA VAL A 110 2.95 2.26 -8.12
C VAL A 110 3.83 2.80 -6.99
N GLN A 111 4.87 3.57 -7.35
CA GLN A 111 5.74 4.11 -6.32
C GLN A 111 5.05 5.18 -5.48
N ARG A 112 4.15 5.98 -6.07
CA ARG A 112 3.42 6.94 -5.25
C ARG A 112 2.53 6.22 -4.22
N ASN A 113 1.90 5.11 -4.59
CA ASN A 113 1.10 4.38 -3.61
C ASN A 113 1.99 3.69 -2.58
N VAL A 114 3.15 3.20 -3.01
CA VAL A 114 4.14 2.66 -2.07
C VAL A 114 4.55 3.72 -1.06
N ASN A 115 4.82 4.95 -1.54
CA ASN A 115 5.19 6.03 -0.63
C ASN A 115 4.06 6.34 0.35
N ILE A 116 2.82 6.25 -0.10
CA ILE A 116 1.69 6.42 0.80
C ILE A 116 1.68 5.31 1.85
N PHE A 117 1.91 4.06 1.43
CA PHE A 117 1.93 2.93 2.36
C PHE A 117 3.08 3.05 3.36
N LYS A 118 4.23 3.59 2.95
CA LYS A 118 5.31 3.76 3.91
C LYS A 118 4.94 4.73 5.02
N PHE A 119 4.03 5.67 4.76
CA PHE A 119 3.57 6.52 5.84
C PHE A 119 2.46 5.85 6.64
N ILE A 120 1.53 5.18 5.96
CA ILE A 120 0.35 4.66 6.62
C ILE A 120 0.70 3.47 7.51
N ILE A 121 1.36 2.45 6.94
CA ILE A 121 1.41 1.15 7.60
C ILE A 121 2.13 1.24 8.95
N PRO A 122 3.25 1.95 9.09
CA PRO A 122 3.87 2.01 10.43
C PRO A 122 2.95 2.59 11.50
N ASN A 123 2.14 3.60 11.14
CA ASN A 123 1.21 4.20 12.08
C ASN A 123 0.07 3.24 12.45
N VAL A 124 -0.34 2.39 11.52
CA VAL A 124 -1.35 1.38 11.83
C VAL A 124 -0.82 0.41 12.88
N VAL A 125 0.38 -0.13 12.65
CA VAL A 125 1.00 -1.09 13.58
C VAL A 125 1.21 -0.46 14.95
N LYS A 126 1.65 0.80 14.97
CA LYS A 126 1.91 1.46 16.23
C LYS A 126 0.69 1.40 17.14
N TYR A 127 -0.51 1.61 16.59
CA TYR A 127 -1.71 1.69 17.41
C TYR A 127 -2.56 0.43 17.41
N SER A 128 -2.35 -0.50 16.48
CA SER A 128 -3.06 -1.79 16.47
C SER A 128 -2.09 -2.91 16.10
N PRO A 129 -1.14 -3.22 16.98
CA PRO A 129 -0.12 -4.24 16.63
C PRO A 129 -0.68 -5.63 16.38
N ASN A 130 -1.89 -5.94 16.87
CA ASN A 130 -2.50 -7.25 16.69
C ASN A 130 -3.58 -7.29 15.60
N CYS A 131 -3.73 -6.23 14.80
CA CYS A 131 -4.86 -6.22 13.88
C CYS A 131 -4.62 -7.16 12.70
N LYS A 132 -5.71 -7.41 11.98
CA LYS A 132 -5.64 -7.92 10.62
C LYS A 132 -5.66 -6.73 9.67
N LEU A 133 -4.80 -6.78 8.65
CA LEU A 133 -4.70 -5.77 7.60
C LEU A 133 -5.35 -6.31 6.32
N LEU A 134 -6.31 -5.57 5.78
CA LEU A 134 -6.98 -5.93 4.54
C LEU A 134 -6.69 -4.83 3.52
N ILE A 135 -5.96 -5.19 2.47
CA ILE A 135 -5.44 -4.21 1.51
C ILE A 135 -6.37 -4.19 0.30
N VAL A 136 -6.88 -3.01 -0.03
CA VAL A 136 -7.75 -2.85 -1.19
C VAL A 136 -7.10 -2.00 -2.30
N SER A 137 -6.22 -1.06 -1.92
CA SER A 137 -5.59 -0.16 -2.89
C SER A 137 -4.90 -0.95 -4.00
N ASN A 138 -4.90 -0.37 -5.24
CA ASN A 138 -4.29 -1.02 -6.37
C ASN A 138 -2.94 -0.39 -6.70
N PRO A 139 -1.99 -1.16 -7.31
CA PRO A 139 -2.12 -2.56 -7.72
C PRO A 139 -2.12 -3.48 -6.49
N VAL A 140 -3.21 -4.24 -6.31
CA VAL A 140 -3.52 -4.76 -4.98
C VAL A 140 -2.55 -5.86 -4.57
N ASP A 141 -2.12 -6.71 -5.51
CA ASP A 141 -1.21 -7.78 -5.09
C ASP A 141 0.16 -7.22 -4.71
N ILE A 142 0.65 -6.24 -5.46
CA ILE A 142 1.92 -5.62 -5.11
C ILE A 142 1.80 -4.89 -3.78
N LEU A 143 0.73 -4.12 -3.60
CA LEU A 143 0.60 -3.33 -2.37
C LEU A 143 0.31 -4.20 -1.14
N THR A 144 -0.30 -5.37 -1.33
CA THR A 144 -0.45 -6.27 -0.18
C THR A 144 0.93 -6.77 0.29
N TYR A 145 1.79 -7.14 -0.64
CA TYR A 145 3.19 -7.45 -0.31
C TYR A 145 3.87 -6.30 0.40
N VAL A 146 3.72 -5.09 -0.14
CA VAL A 146 4.32 -3.89 0.45
C VAL A 146 3.85 -3.73 1.90
N ALA A 147 2.53 -3.84 2.10
CA ALA A 147 1.96 -3.73 3.43
C ALA A 147 2.49 -4.81 4.36
N TRP A 148 2.57 -6.04 3.86
CA TRP A 148 3.11 -7.14 4.67
C TRP A 148 4.53 -6.84 5.12
N LYS A 149 5.37 -6.43 4.18
CA LYS A 149 6.77 -6.17 4.50
C LYS A 149 6.93 -5.03 5.50
N ILE A 150 6.20 -3.94 5.33
CA ILE A 150 6.35 -2.78 6.21
C ILE A 150 5.79 -3.07 7.60
N SER A 151 4.65 -3.77 7.66
CA SER A 151 4.00 -4.05 8.93
C SER A 151 4.83 -4.99 9.79
N GLY A 152 5.60 -5.89 9.19
CA GLY A 152 6.22 -6.97 9.93
C GLY A 152 5.28 -8.11 10.32
N PHE A 153 4.00 -8.04 9.93
CA PHE A 153 3.02 -9.02 10.38
C PHE A 153 3.32 -10.42 9.83
N PRO A 154 2.93 -11.47 10.55
CA PRO A 154 2.95 -12.81 9.94
C PRO A 154 1.88 -12.86 8.85
N LYS A 155 2.05 -13.77 7.91
CA LYS A 155 1.26 -13.73 6.67
C LYS A 155 -0.23 -13.99 6.88
N ASN A 156 -0.62 -14.65 7.98
CA ASN A 156 -2.05 -14.83 8.23
C ASN A 156 -2.76 -13.51 8.47
N ARG A 157 -2.06 -12.46 8.90
CA ARG A 157 -2.73 -11.22 9.28
C ARG A 157 -2.63 -10.14 8.19
N VAL A 158 -2.14 -10.46 7.01
CA VAL A 158 -2.11 -9.51 5.90
C VAL A 158 -2.87 -10.11 4.71
N ILE A 159 -3.99 -9.50 4.36
CA ILE A 159 -4.92 -10.06 3.38
C ILE A 159 -5.16 -9.04 2.28
N GLY A 160 -5.02 -9.47 1.01
CA GLY A 160 -5.33 -8.63 -0.13
C GLY A 160 -6.71 -8.94 -0.68
N SER A 161 -7.42 -7.89 -1.05
CA SER A 161 -8.74 -8.09 -1.66
C SER A 161 -8.64 -9.06 -2.83
N GLY A 162 -7.57 -8.95 -3.61
CA GLY A 162 -7.26 -9.95 -4.61
C GLY A 162 -8.41 -10.20 -5.58
N CYS A 163 -8.76 -11.47 -5.73
CA CYS A 163 -9.73 -11.87 -6.74
C CYS A 163 -11.12 -12.10 -6.16
N ASN A 164 -11.37 -11.62 -4.94
CA ASN A 164 -12.70 -11.75 -4.35
C ASN A 164 -13.75 -11.07 -5.22
N LEU A 165 -13.49 -9.85 -5.66
CA LEU A 165 -14.43 -9.13 -6.51
C LEU A 165 -14.44 -9.71 -7.93
N ASP A 166 -13.26 -10.11 -8.43
CA ASP A 166 -13.25 -10.76 -9.75
C ASP A 166 -14.13 -11.98 -9.73
N SER A 167 -14.05 -12.79 -8.68
CA SER A 167 -14.88 -14.00 -8.59
C SER A 167 -16.35 -13.65 -8.45
N ALA A 168 -16.68 -12.58 -7.73
CA ALA A 168 -18.08 -12.16 -7.65
C ALA A 168 -18.60 -11.75 -9.03
N ARG A 169 -17.78 -11.02 -9.79
CA ARG A 169 -18.17 -10.64 -11.16
C ARG A 169 -18.32 -11.87 -12.04
N PHE A 170 -17.42 -12.83 -11.90
CA PHE A 170 -17.51 -14.08 -12.65
C PHE A 170 -18.83 -14.78 -12.39
N ARG A 171 -19.22 -14.87 -11.12
CA ARG A 171 -20.44 -15.57 -10.75
C ARG A 171 -21.69 -14.81 -11.17
N TYR A 172 -21.65 -13.46 -11.13
CA TYR A 172 -22.74 -12.67 -11.68
C TYR A 172 -22.93 -12.96 -13.17
N LEU A 173 -21.84 -12.94 -13.94
CA LEU A 173 -21.94 -13.15 -15.38
C LEU A 173 -22.33 -14.58 -15.71
N MET A 174 -21.78 -15.54 -14.97
CA MET A 174 -22.21 -16.92 -15.12
C MET A 174 -23.69 -17.05 -14.80
N GLY A 175 -24.14 -16.40 -13.74
CA GLY A 175 -25.55 -16.44 -13.39
C GLY A 175 -26.44 -15.87 -14.48
N GLU A 176 -25.99 -14.80 -15.15
CA GLU A 176 -26.81 -14.21 -16.21
C GLU A 176 -26.93 -15.16 -17.40
N ARG A 177 -25.88 -15.91 -17.71
CA ARG A 177 -25.96 -16.89 -18.79
C ARG A 177 -26.93 -18.01 -18.45
N LEU A 178 -26.96 -18.45 -17.20
CA LEU A 178 -27.73 -19.64 -16.83
C LEU A 178 -29.10 -19.33 -16.27
N GLY A 179 -29.40 -18.07 -15.96
CA GLY A 179 -30.65 -17.73 -15.30
C GLY A 179 -30.71 -18.22 -13.86
N VAL A 180 -29.59 -18.19 -13.14
CA VAL A 180 -29.50 -18.66 -11.76
C VAL A 180 -28.79 -17.61 -10.92
N HIS A 181 -29.21 -17.47 -9.66
CA HIS A 181 -28.60 -16.45 -8.81
C HIS A 181 -27.12 -16.77 -8.61
N PRO A 182 -26.24 -15.76 -8.60
CA PRO A 182 -24.80 -16.02 -8.38
C PRO A 182 -24.52 -16.79 -7.12
N LEU A 183 -25.38 -16.67 -6.11
CA LEU A 183 -25.19 -17.45 -4.88
C LEU A 183 -25.17 -18.95 -5.17
N SER A 184 -25.86 -19.40 -6.21
CA SER A 184 -25.87 -20.81 -6.60
C SER A 184 -25.03 -21.13 -7.82
N CYS A 185 -24.34 -20.14 -8.39
CA CYS A 185 -23.42 -20.38 -9.51
C CYS A 185 -22.00 -20.29 -8.99
N HIS A 186 -21.28 -21.40 -9.05
CA HIS A 186 -19.96 -21.50 -8.44
C HIS A 186 -18.87 -21.49 -9.50
N GLY A 187 -17.83 -20.71 -9.24
CA GLY A 187 -16.71 -20.59 -10.16
C GLY A 187 -15.65 -19.69 -9.56
N TRP A 188 -14.37 -19.94 -9.85
CA TRP A 188 -13.27 -19.30 -9.14
C TRP A 188 -12.33 -18.62 -10.11
N VAL A 189 -12.03 -17.34 -9.83
CA VAL A 189 -11.01 -16.60 -10.55
C VAL A 189 -9.84 -16.40 -9.58
N LEU A 190 -8.66 -16.86 -9.97
CA LEU A 190 -7.51 -16.92 -9.07
C LEU A 190 -6.33 -16.15 -9.68
N GLY A 191 -5.25 -16.04 -8.90
CA GLY A 191 -4.05 -15.36 -9.36
C GLY A 191 -4.05 -13.87 -9.08
N GLU A 192 -3.64 -13.08 -10.07
CA GLU A 192 -3.60 -11.64 -9.96
C GLU A 192 -4.99 -11.03 -10.14
N HIS A 193 -5.26 -9.98 -9.37
CA HIS A 193 -6.47 -9.19 -9.61
C HIS A 193 -6.44 -8.56 -11.00
N GLY A 194 -7.57 -8.61 -11.69
CA GLY A 194 -7.73 -7.84 -12.91
C GLY A 194 -7.23 -8.57 -14.14
N ASP A 195 -6.38 -7.88 -14.90
CA ASP A 195 -6.09 -8.28 -16.28
C ASP A 195 -5.57 -9.72 -16.35
N SER A 196 -4.67 -10.11 -15.44
CA SER A 196 -3.97 -11.39 -15.55
C SER A 196 -4.62 -12.52 -14.77
N SER A 197 -5.84 -12.34 -14.26
CA SER A 197 -6.50 -13.35 -13.46
C SER A 197 -6.79 -14.61 -14.28
N VAL A 198 -6.96 -15.72 -13.57
CA VAL A 198 -7.06 -17.06 -14.16
C VAL A 198 -8.42 -17.66 -13.84
N PRO A 199 -9.28 -17.92 -14.83
CA PRO A 199 -10.55 -18.61 -14.56
C PRO A 199 -10.31 -20.12 -14.48
N VAL A 200 -10.72 -20.74 -13.37
CA VAL A 200 -10.48 -22.17 -13.16
C VAL A 200 -11.72 -22.90 -13.67
N TRP A 201 -11.72 -23.21 -14.97
CA TRP A 201 -12.89 -23.80 -15.62
C TRP A 201 -13.29 -25.12 -14.97
N SER A 202 -12.33 -25.85 -14.39
CA SER A 202 -12.62 -27.16 -13.81
C SER A 202 -13.54 -27.06 -12.60
N GLY A 203 -13.62 -25.91 -11.95
CA GLY A 203 -14.46 -25.75 -10.78
C GLY A 203 -15.82 -25.13 -11.04
N MET A 204 -16.10 -24.73 -12.27
CA MET A 204 -17.37 -24.07 -12.57
C MET A 204 -18.50 -25.08 -12.51
N ASN A 205 -19.51 -24.83 -11.66
CA ASN A 205 -20.56 -25.82 -11.48
C ASN A 205 -21.80 -25.16 -10.89
N VAL A 206 -22.94 -25.83 -11.11
CA VAL A 206 -24.20 -25.56 -10.43
C VAL A 206 -24.63 -26.87 -9.77
N ALA A 207 -24.99 -26.80 -8.49
CA ALA A 207 -25.43 -27.97 -7.71
C ALA A 207 -24.45 -29.13 -7.82
N GLY A 208 -23.16 -28.83 -7.87
CA GLY A 208 -22.15 -29.87 -7.95
C GLY A 208 -22.01 -30.54 -9.29
N VAL A 209 -22.71 -30.06 -10.31
CA VAL A 209 -22.60 -30.61 -11.66
C VAL A 209 -21.55 -29.80 -12.41
N SER A 210 -20.43 -30.43 -12.75
CA SER A 210 -19.31 -29.77 -13.41
C SER A 210 -19.70 -29.35 -14.84
N LEU A 211 -19.60 -28.05 -15.12
CA LEU A 211 -19.86 -27.58 -16.48
C LEU A 211 -18.83 -28.15 -17.45
N LYS A 212 -17.57 -28.24 -16.99
CA LYS A 212 -16.50 -28.71 -17.87
C LYS A 212 -16.72 -30.16 -18.28
N THR A 213 -17.27 -30.97 -17.38
CA THR A 213 -17.58 -32.36 -17.74
C THR A 213 -18.79 -32.43 -18.67
N LEU A 214 -19.81 -31.59 -18.44
CA LEU A 214 -20.92 -31.54 -19.38
C LEU A 214 -20.48 -31.06 -20.75
N HIS A 215 -19.52 -30.14 -20.79
CA HIS A 215 -19.16 -29.42 -22.02
C HIS A 215 -17.65 -29.33 -22.06
N PRO A 216 -16.98 -30.37 -22.57
CA PRO A 216 -15.50 -30.42 -22.47
C PRO A 216 -14.79 -29.27 -23.17
N ASP A 217 -15.43 -28.64 -24.16
CA ASP A 217 -14.83 -27.47 -24.82
C ASP A 217 -14.95 -26.19 -23.99
N LEU A 218 -15.57 -26.24 -22.82
CA LEU A 218 -15.77 -25.05 -21.98
C LEU A 218 -14.49 -24.26 -21.79
N GLY A 219 -14.54 -22.97 -22.15
CA GLY A 219 -13.42 -22.07 -21.94
C GLY A 219 -12.32 -22.14 -22.98
N THR A 220 -12.38 -23.08 -23.90
CA THR A 220 -11.39 -23.20 -24.95
C THR A 220 -11.79 -22.37 -26.18
N ASP A 221 -10.88 -22.27 -27.15
CA ASP A 221 -11.19 -21.54 -28.36
C ASP A 221 -12.19 -22.28 -29.25
N LYS A 222 -12.26 -23.61 -29.15
CA LYS A 222 -13.24 -24.37 -29.91
C LYS A 222 -14.66 -24.22 -29.40
N ASP A 223 -14.85 -23.59 -28.24
CA ASP A 223 -16.15 -23.48 -27.58
C ASP A 223 -17.11 -22.65 -28.42
N LYS A 224 -18.14 -23.30 -28.97
CA LYS A 224 -19.12 -22.61 -29.79
C LYS A 224 -19.91 -21.59 -28.98
N GLU A 225 -20.03 -21.79 -27.67
CA GLU A 225 -20.73 -20.86 -26.81
C GLU A 225 -19.81 -19.80 -26.21
N GLN A 226 -18.51 -19.84 -26.52
CA GLN A 226 -17.58 -18.79 -26.15
C GLN A 226 -17.63 -18.46 -24.65
N TRP A 227 -17.56 -19.49 -23.80
CA TRP A 227 -17.56 -19.21 -22.37
C TRP A 227 -16.31 -18.47 -21.91
N LYS A 228 -15.20 -18.53 -22.67
CA LYS A 228 -14.03 -17.72 -22.31
C LYS A 228 -14.39 -16.24 -22.25
N GLU A 229 -15.40 -15.82 -23.02
CA GLU A 229 -15.86 -14.45 -22.98
C GLU A 229 -16.41 -14.06 -21.60
N VAL A 230 -16.88 -15.04 -20.82
CA VAL A 230 -17.31 -14.74 -19.46
C VAL A 230 -16.14 -14.21 -18.64
N HIS A 231 -14.97 -14.83 -18.77
CA HIS A 231 -13.80 -14.31 -18.05
C HIS A 231 -13.29 -13.02 -18.68
N LYS A 232 -13.31 -12.92 -20.00
CA LYS A 232 -12.92 -11.67 -20.63
C LYS A 232 -13.75 -10.51 -20.09
N GLN A 233 -15.05 -10.75 -19.85
CA GLN A 233 -15.91 -9.70 -19.30
C GLN A 233 -15.66 -9.44 -17.82
N VAL A 234 -15.17 -10.43 -17.05
CA VAL A 234 -14.74 -10.13 -15.68
C VAL A 234 -13.72 -8.99 -15.67
N VAL A 235 -12.79 -9.01 -16.62
CA VAL A 235 -11.79 -7.95 -16.75
C VAL A 235 -12.41 -6.72 -17.42
N GLU A 236 -13.04 -6.91 -18.58
CA GLU A 236 -13.49 -5.77 -19.38
C GLU A 236 -14.58 -4.96 -18.68
N SER A 237 -15.48 -5.63 -17.95
CA SER A 237 -16.56 -4.89 -17.30
C SER A 237 -16.03 -3.93 -16.24
N ALA A 238 -14.91 -4.26 -15.58
CA ALA A 238 -14.33 -3.31 -14.64
C ALA A 238 -13.85 -2.05 -15.35
N TYR A 239 -13.11 -2.23 -16.45
CA TYR A 239 -12.70 -1.07 -17.25
C TYR A 239 -13.92 -0.31 -17.78
N GLU A 240 -15.03 -1.01 -18.05
CA GLU A 240 -16.21 -0.33 -18.59
C GLU A 240 -16.84 0.57 -17.54
N VAL A 241 -17.03 0.06 -16.32
CA VAL A 241 -17.57 0.88 -15.25
C VAL A 241 -16.68 2.09 -15.01
N ILE A 242 -15.35 1.88 -15.03
CA ILE A 242 -14.43 3.00 -14.86
C ILE A 242 -14.66 4.03 -15.96
N LYS A 243 -14.83 3.58 -17.21
CA LYS A 243 -15.09 4.51 -18.30
C LYS A 243 -16.44 5.21 -18.14
N LEU A 244 -17.47 4.48 -17.71
CA LEU A 244 -18.82 5.02 -17.69
C LEU A 244 -19.07 5.98 -16.53
N LYS A 245 -18.62 5.64 -15.33
CA LYS A 245 -18.87 6.50 -14.18
C LYS A 245 -17.61 7.08 -13.56
N GLY A 246 -16.41 6.72 -14.05
CA GLY A 246 -15.16 7.31 -13.59
C GLY A 246 -14.34 6.44 -12.67
N TYR A 247 -14.97 5.44 -12.03
CA TYR A 247 -14.35 4.62 -10.98
C TYR A 247 -15.35 3.53 -10.66
N THR A 248 -14.92 2.52 -9.91
CA THR A 248 -15.85 1.56 -9.32
C THR A 248 -15.83 1.72 -7.81
N SER A 249 -16.97 1.46 -7.17
CA SER A 249 -17.02 1.59 -5.71
C SER A 249 -18.00 0.63 -5.01
N TRP A 250 -19.22 0.48 -5.52
CA TRP A 250 -20.24 -0.27 -4.79
C TRP A 250 -19.88 -1.75 -4.70
N ALA A 251 -19.45 -2.34 -5.82
CA ALA A 251 -19.15 -3.77 -5.81
C ALA A 251 -17.97 -4.09 -4.90
N ILE A 252 -16.91 -3.28 -4.95
CA ILE A 252 -15.77 -3.56 -4.07
C ILE A 252 -16.15 -3.34 -2.61
N GLY A 253 -16.96 -2.31 -2.32
CA GLY A 253 -17.38 -2.08 -0.95
C GLY A 253 -18.15 -3.26 -0.36
N LEU A 254 -19.07 -3.84 -1.14
CA LEU A 254 -19.82 -5.01 -0.68
C LEU A 254 -18.90 -6.22 -0.53
N SER A 255 -17.97 -6.39 -1.46
CA SER A 255 -17.03 -7.50 -1.40
CA SER A 255 -17.05 -7.52 -1.37
C SER A 255 -16.13 -7.40 -0.17
N VAL A 256 -15.69 -6.18 0.13
CA VAL A 256 -14.84 -5.97 1.31
C VAL A 256 -15.62 -6.24 2.58
N ALA A 257 -16.90 -5.82 2.64
CA ALA A 257 -17.72 -6.07 3.81
C ALA A 257 -17.97 -7.57 4.00
N ASP A 258 -18.05 -8.31 2.90
CA ASP A 258 -18.16 -9.77 2.98
C ASP A 258 -16.92 -10.39 3.61
N LEU A 259 -15.73 -9.95 3.22
CA LEU A 259 -14.51 -10.44 3.87
C LEU A 259 -14.46 -10.03 5.32
N ALA A 260 -14.82 -8.76 5.63
CA ALA A 260 -14.87 -8.31 7.02
C ALA A 260 -15.82 -9.15 7.85
N GLU A 261 -16.94 -9.56 7.25
CA GLU A 261 -17.88 -10.40 7.97
C GLU A 261 -17.23 -11.72 8.39
N SER A 262 -16.53 -12.37 7.46
CA SER A 262 -15.89 -13.63 7.82
C SER A 262 -14.84 -13.44 8.91
N ILE A 263 -14.09 -12.33 8.84
CA ILE A 263 -13.03 -12.11 9.83
C ILE A 263 -13.62 -11.79 11.20
N MET A 264 -14.52 -10.79 11.25
CA MET A 264 -15.10 -10.36 12.52
C MET A 264 -15.95 -11.44 13.18
N LYS A 265 -16.63 -12.29 12.40
CA LYS A 265 -17.50 -13.32 12.94
C LYS A 265 -16.83 -14.70 12.98
N ASN A 266 -15.53 -14.78 12.70
CA ASN A 266 -14.78 -16.02 12.73
C ASN A 266 -15.49 -17.13 11.96
N LEU A 267 -15.99 -16.80 10.76
CA LEU A 267 -16.89 -17.74 10.08
C LEU A 267 -16.15 -18.91 9.44
N ARG A 268 -14.89 -18.73 9.02
CA ARG A 268 -14.15 -19.79 8.33
C ARG A 268 -14.85 -20.19 7.01
N ARG A 269 -15.37 -19.20 6.31
CA ARG A 269 -15.76 -19.34 4.92
C ARG A 269 -14.52 -19.24 4.04
N VAL A 270 -14.64 -19.72 2.82
CA VAL A 270 -13.55 -19.72 1.85
C VAL A 270 -13.76 -18.58 0.86
N HIS A 271 -12.74 -17.73 0.70
CA HIS A 271 -12.78 -16.58 -0.21
C HIS A 271 -11.53 -16.57 -1.08
N PRO A 272 -11.63 -16.11 -2.32
CA PRO A 272 -10.40 -15.97 -3.11
C PRO A 272 -9.78 -14.61 -2.80
N VAL A 273 -8.81 -14.61 -1.89
CA VAL A 273 -8.13 -13.38 -1.49
C VAL A 273 -6.64 -13.59 -1.71
N SER A 274 -5.91 -12.49 -1.77
CA SER A 274 -4.50 -12.54 -2.10
C SER A 274 -3.71 -12.83 -0.83
N THR A 275 -2.89 -13.88 -0.89
CA THR A 275 -2.16 -14.32 0.30
C THR A 275 -0.72 -14.64 -0.08
N MET A 276 0.17 -14.61 0.91
CA MET A 276 1.59 -14.88 0.69
C MET A 276 1.74 -16.36 0.29
N ILE A 277 2.07 -16.61 -0.97
CA ILE A 277 1.87 -17.92 -1.57
C ILE A 277 3.18 -18.69 -1.75
N LYS A 278 4.29 -18.17 -1.25
CA LYS A 278 5.57 -18.86 -1.39
C LYS A 278 5.48 -20.26 -0.79
N GLY A 279 6.08 -21.23 -1.48
CA GLY A 279 6.02 -22.61 -1.08
C GLY A 279 4.99 -23.44 -1.83
N LEU A 280 4.16 -22.80 -2.66
CA LEU A 280 3.17 -23.48 -3.47
C LEU A 280 3.42 -23.21 -4.95
N TYR A 281 3.08 -24.20 -5.78
CA TYR A 281 3.18 -24.08 -7.23
C TYR A 281 4.60 -23.80 -7.70
N GLY A 282 5.59 -24.26 -6.96
CA GLY A 282 6.96 -23.97 -7.36
C GLY A 282 7.34 -22.53 -7.12
N ILE A 283 6.45 -21.74 -6.54
CA ILE A 283 6.78 -20.34 -6.28
C ILE A 283 7.75 -20.29 -5.11
N LYS A 284 8.89 -19.64 -5.33
CA LYS A 284 9.95 -19.57 -4.34
C LYS A 284 10.22 -18.15 -3.88
N ASP A 285 9.45 -17.17 -4.35
CA ASP A 285 9.62 -15.78 -3.98
C ASP A 285 8.48 -15.34 -3.07
N ASP A 286 8.71 -14.25 -2.32
CA ASP A 286 7.72 -13.62 -1.46
C ASP A 286 6.74 -12.83 -2.34
N VAL A 287 5.61 -13.45 -2.73
CA VAL A 287 4.61 -12.76 -3.52
C VAL A 287 3.21 -13.11 -3.00
N PHE A 288 2.25 -12.23 -3.32
CA PHE A 288 0.87 -12.43 -2.91
C PHE A 288 0.00 -12.66 -4.16
N LEU A 289 -0.69 -13.81 -4.18
CA LEU A 289 -1.62 -14.16 -5.25
C LEU A 289 -2.89 -14.73 -4.63
N SER A 290 -3.99 -14.67 -5.39
CA SER A 290 -5.27 -15.15 -4.87
C SER A 290 -5.43 -16.65 -5.04
N VAL A 291 -5.72 -17.33 -3.94
CA VAL A 291 -6.16 -18.72 -3.92
C VAL A 291 -7.34 -18.78 -2.95
N PRO A 292 -8.12 -19.87 -2.92
CA PRO A 292 -9.22 -19.94 -1.95
C PRO A 292 -8.64 -20.07 -0.56
N CYS A 293 -9.00 -19.12 0.32
CA CYS A 293 -8.48 -19.08 1.68
C CYS A 293 -9.62 -19.18 2.66
N ILE A 294 -9.36 -19.86 3.77
CA ILE A 294 -10.30 -19.91 4.88
C ILE A 294 -10.06 -18.69 5.76
N LEU A 295 -11.10 -17.84 5.90
CA LEU A 295 -10.98 -16.58 6.63
C LEU A 295 -11.71 -16.64 7.96
N GLY A 296 -11.05 -16.17 9.01
CA GLY A 296 -11.63 -16.09 10.33
C GLY A 296 -10.95 -15.04 11.22
N GLN A 297 -11.12 -15.20 12.54
CA GLN A 297 -10.69 -14.14 13.46
C GLN A 297 -9.17 -13.98 13.53
N ASN A 298 -8.40 -14.96 13.04
CA ASN A 298 -6.96 -14.86 12.96
C ASN A 298 -6.47 -14.58 11.54
N GLY A 299 -7.37 -14.12 10.67
CA GLY A 299 -7.01 -13.87 9.28
C GLY A 299 -7.10 -15.13 8.44
N ILE A 300 -6.08 -15.35 7.62
CA ILE A 300 -6.03 -16.53 6.76
C ILE A 300 -5.40 -17.65 7.58
N SER A 301 -6.23 -18.57 8.08
CA SER A 301 -5.72 -19.67 8.87
C SER A 301 -5.35 -20.88 8.03
N ASP A 302 -5.97 -21.04 6.86
CA ASP A 302 -5.77 -22.18 5.96
C ASP A 302 -6.04 -21.74 4.53
N LEU A 303 -5.58 -22.53 3.57
CA LEU A 303 -5.96 -22.31 2.18
C LEU A 303 -6.21 -23.64 1.47
N VAL A 304 -7.07 -23.59 0.47
CA VAL A 304 -7.42 -24.76 -0.32
C VAL A 304 -6.39 -24.91 -1.42
N LYS A 305 -5.88 -26.13 -1.62
CA LYS A 305 -4.96 -26.43 -2.71
C LYS A 305 -5.79 -26.90 -3.91
N VAL A 306 -6.12 -25.97 -4.80
CA VAL A 306 -6.91 -26.30 -5.97
C VAL A 306 -6.04 -27.12 -6.93
N THR A 307 -6.60 -28.20 -7.47
CA THR A 307 -5.88 -28.97 -8.47
C THR A 307 -5.88 -28.19 -9.78
N LEU A 308 -4.71 -27.81 -10.26
CA LEU A 308 -4.60 -26.99 -11.45
C LEU A 308 -4.02 -27.80 -12.60
N THR A 309 -4.44 -27.46 -13.82
CA THR A 309 -3.76 -28.04 -14.96
C THR A 309 -2.36 -27.45 -15.06
N SER A 310 -1.53 -28.09 -15.87
CA SER A 310 -0.18 -27.56 -16.09
C SER A 310 -0.23 -26.13 -16.58
N GLU A 311 -1.18 -25.83 -17.49
CA GLU A 311 -1.30 -24.48 -18.02
C GLU A 311 -1.67 -23.50 -16.94
N GLU A 312 -2.62 -23.86 -16.07
CA GLU A 312 -3.05 -22.97 -15.00
C GLU A 312 -1.93 -22.72 -14.00
N GLU A 313 -1.19 -23.77 -13.66
CA GLU A 313 -0.07 -23.61 -12.74
C GLU A 313 0.99 -22.69 -13.34
N ALA A 314 1.25 -22.84 -14.64
CA ALA A 314 2.26 -22.01 -15.30
C ALA A 314 1.86 -20.55 -15.36
N ARG A 315 0.55 -20.25 -15.45
CA ARG A 315 0.12 -18.86 -15.42
C ARG A 315 0.32 -18.24 -14.05
N LEU A 316 0.02 -19.00 -13.00
CA LEU A 316 0.24 -18.51 -11.65
C LEU A 316 1.73 -18.29 -11.39
N LYS A 317 2.57 -19.23 -11.83
CA LYS A 317 4.01 -19.08 -11.66
C LYS A 317 4.52 -17.86 -12.40
N LYS A 318 3.98 -17.59 -13.59
CA LYS A 318 4.41 -16.44 -14.36
C LYS A 318 4.01 -15.13 -13.66
N SER A 319 2.82 -15.09 -13.05
CA SER A 319 2.44 -13.94 -12.24
C SER A 319 3.42 -13.76 -11.09
N ALA A 320 3.75 -14.85 -10.40
CA ALA A 320 4.69 -14.76 -9.29
C ALA A 320 6.03 -14.20 -9.74
N ASP A 321 6.56 -14.72 -10.85
CA ASP A 321 7.83 -14.21 -11.35
C ASP A 321 7.73 -12.72 -11.69
N THR A 322 6.65 -12.31 -12.35
CA THR A 322 6.52 -10.91 -12.75
C THR A 322 6.38 -10.00 -11.53
N LEU A 323 5.60 -10.43 -10.53
CA LEU A 323 5.44 -9.65 -9.31
C LEU A 323 6.78 -9.51 -8.57
N TRP A 324 7.54 -10.59 -8.45
CA TRP A 324 8.83 -10.46 -7.79
C TRP A 324 9.74 -9.52 -8.58
N GLY A 325 9.65 -9.55 -9.91
CA GLY A 325 10.47 -8.67 -10.72
C GLY A 325 10.21 -7.20 -10.45
N ILE A 326 8.94 -6.84 -10.26
CA ILE A 326 8.58 -5.47 -9.92
C ILE A 326 8.95 -5.16 -8.48
N GLN A 327 8.66 -6.08 -7.56
CA GLN A 327 8.83 -5.80 -6.14
C GLN A 327 10.29 -5.55 -5.79
N LYS A 328 11.22 -6.29 -6.42
CA LYS A 328 12.62 -6.09 -6.09
C LYS A 328 13.13 -4.71 -6.51
N GLU A 329 12.39 -3.99 -7.37
CA GLU A 329 12.75 -2.64 -7.76
C GLU A 329 12.05 -1.55 -6.95
N LEU A 330 11.24 -1.91 -5.95
CA LEU A 330 10.53 -0.92 -5.14
C LEU A 330 11.42 -0.46 -3.98
N GLN A 331 11.31 0.83 -3.64
CA GLN A 331 12.13 1.42 -2.59
C GLN A 331 11.33 1.50 -1.30
N PHE A 332 11.85 0.86 -0.26
CA PHE A 332 11.23 0.83 1.06
C PHE A 332 11.88 1.76 2.07
N ALA B 2 -4.98 -45.36 41.67
CA ALA B 2 -4.46 -44.03 41.38
C ALA B 2 -2.94 -44.02 41.44
N THR B 3 -2.34 -43.13 40.65
CA THR B 3 -0.90 -42.97 40.64
C THR B 3 -0.43 -42.33 41.95
N LEU B 4 0.87 -42.45 42.18
CA LEU B 4 1.45 -41.85 43.38
C LEU B 4 1.18 -40.36 43.42
N LYS B 5 1.33 -39.68 42.28
CA LYS B 5 1.05 -38.25 42.23
C LYS B 5 -0.35 -37.94 42.71
N ASP B 6 -1.36 -38.69 42.21
CA ASP B 6 -2.75 -38.42 42.53
C ASP B 6 -3.15 -38.87 43.93
N GLN B 7 -2.46 -39.90 44.47
CA GLN B 7 -2.63 -40.23 45.89
C GLN B 7 -2.14 -39.10 46.78
N LEU B 8 -1.03 -38.47 46.38
CA LEU B 8 -0.40 -37.44 47.20
C LEU B 8 -1.06 -36.08 47.01
N ILE B 9 -1.53 -35.78 45.78
CA ILE B 9 -1.94 -34.43 45.43
C ILE B 9 -3.36 -34.46 44.87
N TYR B 10 -4.23 -33.59 45.39
CA TYR B 10 -5.55 -33.35 44.85
C TYR B 10 -5.54 -32.08 44.03
N ASN B 11 -5.97 -32.19 42.78
CA ASN B 11 -5.97 -31.07 41.84
C ASN B 11 -7.27 -30.30 41.91
N LEU B 12 -7.17 -28.97 42.05
CA LEU B 12 -8.37 -28.13 42.09
C LEU B 12 -8.80 -27.63 40.71
N LEU B 13 -7.85 -27.19 39.90
CA LEU B 13 -8.22 -26.72 38.57
C LEU B 13 -7.18 -27.13 37.55
N LYS B 14 -7.67 -27.36 36.34
CA LYS B 14 -6.79 -27.53 35.18
C LYS B 14 -6.41 -26.14 34.73
N GLU B 15 -5.12 -25.86 34.64
CA GLU B 15 -4.67 -24.49 34.51
C GLU B 15 -4.32 -24.12 33.09
N GLU B 16 -4.65 -22.88 32.74
CA GLU B 16 -4.28 -22.26 31.47
C GLU B 16 -2.94 -21.58 31.69
N GLN B 17 -1.88 -22.39 31.75
CA GLN B 17 -0.54 -21.82 31.85
C GLN B 17 -0.31 -20.76 30.77
N THR B 18 -0.48 -19.49 31.14
CA THR B 18 -0.17 -18.37 30.26
C THR B 18 0.89 -17.51 30.93
N PRO B 19 2.01 -17.25 30.27
CA PRO B 19 3.13 -16.60 30.94
C PRO B 19 2.88 -15.11 31.13
N GLN B 20 3.18 -14.62 32.33
CA GLN B 20 2.94 -13.23 32.68
C GLN B 20 4.18 -12.36 32.56
N ASN B 21 5.37 -12.89 32.83
CA ASN B 21 6.60 -12.09 32.81
C ASN B 21 7.69 -12.88 32.10
N LYS B 22 7.49 -13.16 30.82
CA LYS B 22 8.32 -14.07 30.06
C LYS B 22 9.42 -13.34 29.29
N ILE B 23 10.63 -13.89 29.35
CA ILE B 23 11.75 -13.34 28.60
C ILE B 23 12.29 -14.44 27.69
N THR B 24 12.65 -14.07 26.47
CA THR B 24 13.31 -14.94 25.51
C THR B 24 14.69 -14.39 25.21
N VAL B 25 15.68 -15.29 25.17
CA VAL B 25 17.01 -15.01 24.65
C VAL B 25 17.20 -15.84 23.39
N VAL B 26 17.59 -15.17 22.30
CA VAL B 26 17.87 -15.84 21.04
C VAL B 26 19.38 -15.85 20.82
N GLY B 27 19.96 -17.05 20.67
CA GLY B 27 21.39 -17.23 20.51
C GLY B 27 22.03 -17.62 21.83
N VAL B 28 22.51 -18.85 21.97
CA VAL B 28 23.02 -19.31 23.27
C VAL B 28 24.54 -19.44 23.24
N GLY B 29 25.22 -18.50 22.60
CA GLY B 29 26.65 -18.38 22.78
C GLY B 29 26.97 -17.87 24.16
N ALA B 30 28.23 -17.49 24.35
CA ALA B 30 28.67 -17.01 25.64
C ALA B 30 27.85 -15.79 26.08
N VAL B 31 27.52 -14.92 25.13
CA VAL B 31 26.79 -13.70 25.47
C VAL B 31 25.36 -14.02 25.86
N GLY B 32 24.67 -14.82 25.03
CA GLY B 32 23.30 -15.16 25.34
C GLY B 32 23.17 -15.87 26.68
N MET B 33 24.09 -16.80 26.98
CA MET B 33 24.00 -17.52 28.24
C MET B 33 24.37 -16.63 29.42
N ALA B 34 25.30 -15.68 29.24
CA ALA B 34 25.55 -14.73 30.30
C ALA B 34 24.33 -13.84 30.57
N CYS B 35 23.64 -13.39 29.50
CA CYS B 35 22.40 -12.67 29.73
C CYS B 35 21.41 -13.54 30.51
N ALA B 36 21.30 -14.81 30.12
CA ALA B 36 20.36 -15.73 30.76
C ALA B 36 20.68 -15.92 32.25
N ILE B 37 21.94 -16.17 32.60
CA ILE B 37 22.22 -16.43 34.01
C ILE B 37 21.97 -15.16 34.83
N SER B 38 22.33 -14.00 34.29
CA SER B 38 22.13 -12.74 35.02
C SER B 38 20.65 -12.44 35.20
N ILE B 39 19.84 -12.71 34.18
CA ILE B 39 18.41 -12.54 34.31
C ILE B 39 17.84 -13.50 35.36
N LEU B 40 18.31 -14.74 35.35
CA LEU B 40 17.83 -15.73 36.31
C LEU B 40 18.19 -15.34 37.73
N MET B 41 19.38 -14.82 37.95
CA MET B 41 19.76 -14.52 39.32
C MET B 41 19.20 -13.19 39.81
N LYS B 42 18.51 -12.42 38.95
CA LYS B 42 17.82 -11.21 39.36
C LYS B 42 16.31 -11.39 39.42
N ASP B 43 15.80 -12.60 39.23
CA ASP B 43 14.37 -12.90 39.38
C ASP B 43 13.51 -11.96 38.53
N LEU B 44 13.89 -11.78 37.27
CA LEU B 44 13.18 -10.84 36.39
C LEU B 44 12.07 -11.48 35.59
N ALA B 45 12.06 -12.81 35.46
CA ALA B 45 11.08 -13.48 34.61
C ALA B 45 10.44 -14.62 35.38
N ASP B 46 9.21 -14.97 35.03
CA ASP B 46 8.66 -16.22 35.52
C ASP B 46 8.79 -17.35 34.49
N GLU B 47 9.28 -17.04 33.31
CA GLU B 47 9.55 -18.05 32.29
C GLU B 47 10.68 -17.53 31.42
N LEU B 48 11.63 -18.39 31.14
CA LEU B 48 12.76 -18.07 30.28
C LEU B 48 12.78 -19.07 29.13
N ALA B 49 12.78 -18.54 27.92
CA ALA B 49 12.85 -19.35 26.72
C ALA B 49 14.15 -19.06 26.02
N LEU B 50 14.79 -20.12 25.51
CA LEU B 50 16.05 -20.04 24.76
C LEU B 50 15.81 -20.59 23.37
N VAL B 51 16.38 -19.92 22.37
CA VAL B 51 16.31 -20.33 20.97
C VAL B 51 17.70 -20.25 20.38
N ASP B 52 18.04 -21.22 19.53
CA ASP B 52 19.26 -21.21 18.74
C ASP B 52 19.00 -22.14 17.57
N VAL B 53 19.96 -22.18 16.63
CA VAL B 53 19.87 -23.15 15.54
C VAL B 53 20.70 -24.41 15.79
N ILE B 54 21.65 -24.36 16.72
CA ILE B 54 22.46 -25.53 17.10
C ILE B 54 21.67 -26.27 18.17
N GLU B 55 21.06 -27.39 17.79
CA GLU B 55 20.05 -28.01 18.64
C GLU B 55 20.67 -28.66 19.88
N ASP B 56 21.76 -29.42 19.73
CA ASP B 56 22.32 -30.10 20.88
CA ASP B 56 22.35 -30.10 20.87
C ASP B 56 22.85 -29.11 21.91
N LYS B 57 23.64 -28.13 21.49
CA LYS B 57 24.08 -27.06 22.39
C LYS B 57 22.90 -26.40 23.09
N LEU B 58 21.83 -26.12 22.35
CA LEU B 58 20.67 -25.46 22.94
C LEU B 58 20.05 -26.32 24.04
N LYS B 59 19.89 -27.61 23.78
CA LYS B 59 19.27 -28.50 24.78
C LYS B 59 20.17 -28.67 26.00
N GLY B 60 21.49 -28.76 25.79
CA GLY B 60 22.41 -28.91 26.92
C GLY B 60 22.40 -27.71 27.83
N GLU B 61 22.40 -26.50 27.25
CA GLU B 61 22.34 -25.30 28.07
C GLU B 61 21.04 -25.22 28.86
N MET B 62 19.90 -25.52 28.21
CA MET B 62 18.63 -25.53 28.91
C MET B 62 18.65 -26.49 30.10
N MET B 63 19.09 -27.72 29.85
CA MET B 63 19.14 -28.72 30.92
C MET B 63 20.06 -28.27 32.04
N ASP B 64 21.23 -27.71 31.70
CA ASP B 64 22.15 -27.22 32.72
C ASP B 64 21.45 -26.20 33.62
N LEU B 65 20.73 -25.24 33.03
CA LEU B 65 19.99 -24.26 33.82
C LEU B 65 18.91 -24.92 34.66
N GLN B 66 18.16 -25.87 34.06
CA GLN B 66 17.09 -26.56 34.78
C GLN B 66 17.62 -27.29 36.01
N HIS B 67 18.81 -27.86 35.91
CA HIS B 67 19.39 -28.58 37.03
C HIS B 67 19.69 -27.66 38.21
N GLY B 68 19.79 -26.36 37.97
CA GLY B 68 19.92 -25.42 39.07
C GLY B 68 18.62 -24.85 39.56
N SER B 69 17.46 -25.40 39.12
CA SER B 69 16.15 -24.82 39.46
C SER B 69 15.96 -24.68 40.96
N LEU B 70 16.49 -25.61 41.76
CA LEU B 70 16.40 -25.54 43.21
C LEU B 70 16.91 -24.21 43.76
N PHE B 71 17.88 -23.61 43.09
CA PHE B 71 18.57 -22.41 43.58
C PHE B 71 18.02 -21.13 42.92
N LEU B 72 16.95 -21.25 42.17
CA LEU B 72 16.39 -20.15 41.39
C LEU B 72 14.93 -19.92 41.78
N ARG B 73 14.36 -18.86 41.24
CA ARG B 73 12.94 -18.57 41.43
C ARG B 73 12.31 -18.22 40.10
N THR B 74 12.75 -18.90 39.04
CA THR B 74 12.16 -18.80 37.72
C THR B 74 11.64 -20.19 37.36
N PRO B 75 10.35 -20.47 37.56
CA PRO B 75 9.93 -21.88 37.62
C PRO B 75 9.89 -22.58 36.29
N LYS B 76 9.89 -21.86 35.15
CA LYS B 76 9.81 -22.51 33.85
C LYS B 76 10.97 -22.05 32.98
N ILE B 77 11.78 -23.01 32.53
CA ILE B 77 12.86 -22.78 31.58
C ILE B 77 12.65 -23.72 30.39
N VAL B 78 12.47 -23.15 29.19
CA VAL B 78 12.19 -23.95 27.99
C VAL B 78 13.16 -23.55 26.89
N SER B 79 13.23 -24.37 25.86
CA SER B 79 14.07 -24.05 24.72
C SER B 79 13.55 -24.78 23.49
N GLY B 80 14.00 -24.31 22.33
CA GLY B 80 13.70 -24.98 21.08
C GLY B 80 14.13 -24.17 19.87
N LYS B 81 14.26 -24.83 18.72
CA LYS B 81 14.51 -24.15 17.45
C LYS B 81 13.24 -23.50 16.90
N ASP B 82 12.07 -24.05 17.26
CA ASP B 82 10.78 -23.53 16.83
C ASP B 82 10.37 -22.36 17.72
N TYR B 83 9.92 -21.26 17.12
CA TYR B 83 9.64 -20.07 17.93
C TYR B 83 8.34 -20.15 18.73
N ASN B 84 7.57 -21.24 18.62
CA ASN B 84 6.39 -21.34 19.47
C ASN B 84 6.75 -21.37 20.95
N VAL B 85 7.99 -21.72 21.28
CA VAL B 85 8.44 -21.66 22.66
C VAL B 85 8.60 -20.23 23.16
N THR B 86 8.60 -19.24 22.27
CA THR B 86 8.80 -17.84 22.64
C THR B 86 7.50 -17.08 22.81
N ALA B 87 6.36 -17.73 22.57
CA ALA B 87 5.08 -17.04 22.53
C ALA B 87 4.84 -16.20 23.78
N ASN B 88 4.33 -14.98 23.56
CA ASN B 88 3.87 -14.10 24.63
C ASN B 88 5.04 -13.67 25.53
N SER B 89 6.21 -13.46 24.94
CA SER B 89 7.33 -12.88 25.67
C SER B 89 7.11 -11.39 25.85
N LYS B 90 7.44 -10.89 27.03
CA LYS B 90 7.41 -9.45 27.23
C LYS B 90 8.63 -8.80 26.61
N LEU B 91 9.76 -9.51 26.64
CA LEU B 91 11.06 -8.98 26.25
C LEU B 91 11.81 -10.07 25.52
N VAL B 92 12.33 -9.77 24.34
CA VAL B 92 13.06 -10.72 23.51
C VAL B 92 14.43 -10.12 23.23
N ILE B 93 15.47 -10.84 23.64
CA ILE B 93 16.85 -10.35 23.61
C ILE B 93 17.57 -11.10 22.51
N ILE B 94 18.14 -10.38 21.55
CA ILE B 94 18.78 -11.01 20.40
C ILE B 94 20.28 -10.94 20.57
N THR B 95 20.91 -12.12 20.71
CA THR B 95 22.37 -12.22 20.80
C THR B 95 22.93 -13.12 19.71
N ALA B 96 22.15 -13.42 18.67
CA ALA B 96 22.58 -14.34 17.62
C ALA B 96 23.51 -13.63 16.66
N GLY B 97 24.41 -14.40 16.05
CA GLY B 97 25.33 -13.85 15.06
C GLY B 97 26.16 -14.95 14.40
N ALA B 98 26.80 -14.57 13.30
CA ALA B 98 27.73 -15.46 12.61
C ALA B 98 29.14 -15.31 13.16
N ARG B 99 29.96 -16.32 12.88
CA ARG B 99 31.39 -16.29 13.16
C ARG B 99 32.11 -15.88 11.88
N GLN B 100 32.98 -14.89 11.96
CA GLN B 100 33.70 -14.46 10.75
C GLN B 100 34.58 -15.58 10.22
N GLN B 101 34.44 -15.86 8.92
CA GLN B 101 35.24 -16.87 8.25
C GLN B 101 36.54 -16.27 7.74
N GLU B 102 37.55 -17.12 7.58
CA GLU B 102 38.85 -16.67 7.08
C GLU B 102 38.72 -16.08 5.69
N GLY B 103 39.27 -14.87 5.52
CA GLY B 103 39.21 -14.20 4.23
C GLY B 103 37.89 -13.55 3.91
N GLU B 104 36.96 -13.47 4.87
CA GLU B 104 35.68 -12.84 4.63
C GLU B 104 35.75 -11.37 5.01
N SER B 105 35.17 -10.52 4.16
CA SER B 105 35.20 -9.09 4.45
C SER B 105 34.22 -8.78 5.57
N ARG B 106 34.47 -7.67 6.27
CA ARG B 106 33.58 -7.29 7.36
C ARG B 106 32.17 -7.03 6.85
N LEU B 107 32.05 -6.38 5.69
CA LEU B 107 30.73 -6.12 5.13
C LEU B 107 29.97 -7.41 4.84
N ASN B 108 30.66 -8.43 4.31
CA ASN B 108 29.97 -9.69 4.06
C ASN B 108 29.60 -10.38 5.37
N LEU B 109 30.42 -10.23 6.41
CA LEU B 109 30.03 -10.74 7.72
C LEU B 109 28.77 -10.03 8.22
N VAL B 110 28.69 -8.71 8.03
CA VAL B 110 27.49 -8.00 8.47
C VAL B 110 26.27 -8.51 7.71
N GLN B 111 26.41 -8.72 6.40
CA GLN B 111 25.27 -9.21 5.61
C GLN B 111 24.82 -10.60 6.08
N ARG B 112 25.77 -11.44 6.49
CA ARG B 112 25.38 -12.73 7.05
C ARG B 112 24.58 -12.55 8.34
N ASN B 113 24.96 -11.58 9.16
CA ASN B 113 24.16 -11.29 10.36
C ASN B 113 22.80 -10.70 9.99
N VAL B 114 22.76 -9.87 8.94
CA VAL B 114 21.48 -9.38 8.42
C VAL B 114 20.60 -10.55 8.01
N ASN B 115 21.18 -11.51 7.28
CA ASN B 115 20.40 -12.67 6.85
C ASN B 115 19.87 -13.46 8.04
N ILE B 116 20.68 -13.55 9.11
CA ILE B 116 20.24 -14.21 10.33
C ILE B 116 19.06 -13.49 10.95
N PHE B 117 19.13 -12.15 11.01
CA PHE B 117 18.01 -11.38 11.55
C PHE B 117 16.76 -11.56 10.69
N LYS B 118 16.92 -11.74 9.38
CA LYS B 118 15.74 -11.93 8.52
C LYS B 118 15.01 -13.24 8.82
N PHE B 119 15.70 -14.25 9.37
CA PHE B 119 14.98 -15.44 9.81
C PHE B 119 14.37 -15.25 11.20
N ILE B 120 15.12 -14.62 12.11
CA ILE B 120 14.73 -14.53 13.52
C ILE B 120 13.57 -13.57 13.72
N ILE B 121 13.73 -12.33 13.23
CA ILE B 121 12.83 -11.25 13.64
C ILE B 121 11.39 -11.53 13.24
N PRO B 122 11.09 -11.98 12.02
CA PRO B 122 9.69 -12.31 11.69
C PRO B 122 9.10 -13.37 12.60
N ASN B 123 9.91 -14.34 13.02
CA ASN B 123 9.42 -15.38 13.92
C ASN B 123 9.16 -14.82 15.32
N VAL B 124 9.99 -13.88 15.77
CA VAL B 124 9.74 -13.25 17.07
C VAL B 124 8.42 -12.51 17.03
N VAL B 125 8.24 -11.66 16.01
CA VAL B 125 7.00 -10.90 15.89
C VAL B 125 5.81 -11.82 15.78
N LYS B 126 5.95 -12.92 15.03
CA LYS B 126 4.82 -13.82 14.85
C LYS B 126 4.27 -14.30 16.19
N TYR B 127 5.16 -14.61 17.13
CA TYR B 127 4.72 -15.21 18.38
C TYR B 127 4.67 -14.21 19.55
N SER B 128 5.27 -13.03 19.42
CA SER B 128 5.19 -11.99 20.46
C SER B 128 5.06 -10.62 19.78
N PRO B 129 3.91 -10.35 19.16
CA PRO B 129 3.76 -9.09 18.43
C PRO B 129 3.84 -7.87 19.30
N ASN B 130 3.62 -8.00 20.61
CA ASN B 130 3.64 -6.88 21.54
C ASN B 130 4.93 -6.79 22.34
N CYS B 131 5.95 -7.58 22.02
CA CYS B 131 7.14 -7.60 22.87
C CYS B 131 7.98 -6.34 22.66
N LYS B 132 8.89 -6.11 23.61
CA LYS B 132 10.01 -5.22 23.39
C LYS B 132 11.19 -6.07 22.90
N LEU B 133 11.88 -5.55 21.89
CA LEU B 133 13.07 -6.18 21.31
C LEU B 133 14.33 -5.47 21.79
N LEU B 134 15.26 -6.23 22.36
CA LEU B 134 16.55 -5.70 22.80
C LEU B 134 17.65 -6.33 21.96
N ILE B 135 18.34 -5.53 21.15
CA ILE B 135 19.32 -6.06 20.21
C ILE B 135 20.71 -5.92 20.82
N VAL B 136 21.42 -7.04 20.91
CA VAL B 136 22.77 -7.06 21.44
C VAL B 136 23.82 -7.41 20.38
N SER B 137 23.46 -8.22 19.39
CA SER B 137 24.37 -8.67 18.34
C SER B 137 25.06 -7.48 17.66
N ASN B 138 26.36 -7.70 17.25
CA ASN B 138 27.10 -6.63 16.62
C ASN B 138 27.21 -6.83 15.11
N PRO B 139 27.34 -5.74 14.33
CA PRO B 139 27.41 -4.34 14.78
C PRO B 139 26.07 -3.84 15.30
N VAL B 140 26.01 -3.43 16.57
CA VAL B 140 24.73 -3.37 17.26
C VAL B 140 23.86 -2.22 16.75
N ASP B 141 24.47 -1.08 16.44
CA ASP B 141 23.63 0.03 15.96
C ASP B 141 23.06 -0.26 14.59
N ILE B 142 23.86 -0.90 13.71
CA ILE B 142 23.35 -1.30 12.41
C ILE B 142 22.26 -2.36 12.55
N LEU B 143 22.51 -3.39 13.36
CA LEU B 143 21.56 -4.48 13.49
C LEU B 143 20.30 -4.07 14.26
N THR B 144 20.37 -3.04 15.11
CA THR B 144 19.14 -2.55 15.74
C THR B 144 18.22 -1.89 14.71
N TYR B 145 18.80 -1.10 13.80
CA TYR B 145 18.04 -0.58 12.66
C TYR B 145 17.41 -1.71 11.85
N VAL B 146 18.19 -2.74 11.56
CA VAL B 146 17.71 -3.87 10.76
C VAL B 146 16.53 -4.53 11.46
N ALA B 147 16.68 -4.83 12.75
CA ALA B 147 15.61 -5.43 13.52
C ALA B 147 14.37 -4.55 13.53
N TRP B 148 14.56 -3.24 13.68
CA TRP B 148 13.44 -2.31 13.67
C TRP B 148 12.72 -2.34 12.32
N LYS B 149 13.48 -2.28 11.22
CA LYS B 149 12.85 -2.35 9.91
C LYS B 149 12.10 -3.66 9.71
N ILE B 150 12.71 -4.79 10.07
CA ILE B 150 12.05 -6.07 9.81
C ILE B 150 10.85 -6.27 10.73
N SER B 151 10.98 -5.90 12.00
CA SER B 151 9.90 -6.14 12.96
C SER B 151 8.65 -5.35 12.63
N GLY B 152 8.78 -4.17 12.03
CA GLY B 152 7.67 -3.25 11.87
C GLY B 152 7.28 -2.51 13.15
N PHE B 153 7.97 -2.77 14.26
CA PHE B 153 7.61 -2.22 15.57
C PHE B 153 7.76 -0.70 15.60
N PRO B 154 6.98 -0.02 16.44
CA PRO B 154 7.24 1.40 16.71
C PRO B 154 8.55 1.55 17.45
N LYS B 155 9.16 2.73 17.33
CA LYS B 155 10.56 2.84 17.75
C LYS B 155 10.75 2.70 19.26
N ASN B 156 9.71 2.95 20.06
CA ASN B 156 9.85 2.74 21.49
C ASN B 156 10.11 1.28 21.83
N ARG B 157 9.75 0.34 20.97
CA ARG B 157 9.85 -1.07 21.31
C ARG B 157 11.05 -1.78 20.69
N VAL B 158 11.98 -1.06 20.05
CA VAL B 158 13.21 -1.66 19.51
C VAL B 158 14.38 -0.90 20.15
N ILE B 159 15.14 -1.60 20.98
CA ILE B 159 16.20 -1.02 21.80
C ILE B 159 17.51 -1.73 21.47
N GLY B 160 18.56 -0.95 21.20
CA GLY B 160 19.88 -1.50 21.00
C GLY B 160 20.70 -1.37 22.27
N SER B 161 21.45 -2.42 22.59
CA SER B 161 22.36 -2.39 23.74
C SER B 161 23.26 -1.15 23.68
N GLY B 162 23.78 -0.83 22.50
CA GLY B 162 24.38 0.47 22.26
C GLY B 162 25.59 0.73 23.15
N CYS B 163 25.57 1.86 23.84
CA CYS B 163 26.68 2.30 24.68
C CYS B 163 26.45 2.01 26.15
N ASN B 164 25.46 1.17 26.47
CA ASN B 164 25.23 0.83 27.87
C ASN B 164 26.47 0.22 28.50
N LEU B 165 27.11 -0.71 27.80
CA LEU B 165 28.33 -1.34 28.30
C LEU B 165 29.52 -0.39 28.24
N ASP B 166 29.62 0.39 27.15
CA ASP B 166 30.70 1.39 27.05
C ASP B 166 30.67 2.35 28.23
N SER B 167 29.48 2.83 28.58
CA SER B 167 29.34 3.75 29.70
C SER B 167 29.68 3.06 31.02
N ALA B 168 29.32 1.78 31.15
CA ALA B 168 29.65 1.03 32.37
C ALA B 168 31.15 0.89 32.52
N ARG B 169 31.85 0.59 31.42
CA ARG B 169 33.31 0.54 31.41
C ARG B 169 33.90 1.90 31.72
N PHE B 170 33.30 2.96 31.15
CA PHE B 170 33.75 4.31 31.45
C PHE B 170 33.68 4.60 32.94
N ARG B 171 32.56 4.22 33.58
CA ARG B 171 32.39 4.51 34.99
C ARG B 171 33.30 3.64 35.85
N TYR B 172 33.56 2.40 35.43
CA TYR B 172 34.53 1.58 36.14
C TYR B 172 35.91 2.21 36.13
N LEU B 173 36.35 2.70 34.96
CA LEU B 173 37.69 3.26 34.84
C LEU B 173 37.81 4.57 35.59
N MET B 174 36.77 5.41 35.51
CA MET B 174 36.71 6.64 36.28
C MET B 174 36.75 6.35 37.77
N GLY B 175 35.97 5.33 38.21
CA GLY B 175 36.02 4.95 39.61
C GLY B 175 37.40 4.50 40.06
N GLU B 176 38.13 3.79 39.18
CA GLU B 176 39.50 3.39 39.49
C GLU B 176 40.43 4.58 39.66
N ARG B 177 40.26 5.61 38.81
CA ARG B 177 41.11 6.79 38.94
C ARG B 177 40.81 7.55 40.22
N LEU B 178 39.55 7.61 40.64
CA LEU B 178 39.17 8.43 41.79
C LEU B 178 39.07 7.64 43.09
N GLY B 179 39.12 6.32 43.04
CA GLY B 179 38.92 5.52 44.24
C GLY B 179 37.51 5.58 44.79
N VAL B 180 36.50 5.62 43.90
CA VAL B 180 35.09 5.71 44.26
C VAL B 180 34.34 4.64 43.48
N HIS B 181 33.31 4.07 44.09
CA HIS B 181 32.54 3.03 43.41
C HIS B 181 31.93 3.59 42.12
N PRO B 182 31.88 2.80 41.05
CA PRO B 182 31.26 3.27 39.79
C PRO B 182 29.83 3.74 39.95
N LEU B 183 29.09 3.21 40.93
CA LEU B 183 27.75 3.70 41.20
C LEU B 183 27.71 5.19 41.53
N SER B 184 28.80 5.74 42.07
CA SER B 184 28.84 7.16 42.41
C SER B 184 29.66 7.98 41.44
N CYS B 185 30.24 7.36 40.41
CA CYS B 185 31.00 8.06 39.37
C CYS B 185 30.13 8.15 38.13
N HIS B 186 29.78 9.37 37.73
CA HIS B 186 28.83 9.58 36.66
C HIS B 186 29.54 10.11 35.43
N GLY B 187 29.17 9.57 34.28
CA GLY B 187 29.76 9.96 33.02
C GLY B 187 29.10 9.18 31.91
N TRP B 188 28.97 9.77 30.71
CA TRP B 188 28.16 9.21 29.65
C TRP B 188 28.97 9.06 28.36
N VAL B 189 28.94 7.87 27.79
CA VAL B 189 29.52 7.57 26.49
C VAL B 189 28.35 7.36 25.54
N LEU B 190 28.30 8.14 24.46
CA LEU B 190 27.13 8.20 23.59
C LEU B 190 27.54 7.91 22.15
N GLY B 191 26.54 7.85 21.26
CA GLY B 191 26.83 7.63 19.85
C GLY B 191 26.92 6.17 19.47
N GLU B 192 27.92 5.83 18.66
CA GLU B 192 28.10 4.46 18.24
C GLU B 192 28.77 3.64 19.34
N HIS B 193 28.33 2.40 19.48
CA HIS B 193 29.04 1.46 20.33
C HIS B 193 30.44 1.25 19.78
N GLY B 194 31.42 1.20 20.69
CA GLY B 194 32.78 0.82 20.32
C GLY B 194 33.64 2.01 19.90
N ASP B 195 34.36 1.85 18.78
CA ASP B 195 35.48 2.74 18.46
C ASP B 195 35.09 4.21 18.31
N SER B 196 33.93 4.51 17.72
CA SER B 196 33.55 5.89 17.42
C SER B 196 32.70 6.55 18.50
N SER B 197 32.59 5.92 19.67
CA SER B 197 31.73 6.47 20.71
C SER B 197 32.29 7.81 21.21
N VAL B 198 31.41 8.59 21.84
CA VAL B 198 31.68 9.96 22.24
C VAL B 198 31.61 10.11 23.76
N PRO B 199 32.71 10.41 24.44
CA PRO B 199 32.65 10.72 25.88
C PRO B 199 32.21 12.15 26.08
N VAL B 200 31.13 12.34 26.85
CA VAL B 200 30.56 13.67 27.07
C VAL B 200 31.21 14.23 28.33
N TRP B 201 32.36 14.89 28.16
CA TRP B 201 33.14 15.32 29.33
C TRP B 201 32.35 16.25 30.23
N SER B 202 31.43 17.05 29.67
CA SER B 202 30.69 18.03 30.46
C SER B 202 29.78 17.43 31.52
N GLY B 203 29.40 16.15 31.38
CA GLY B 203 28.54 15.48 32.33
C GLY B 203 29.27 14.65 33.37
N MET B 204 30.59 14.56 33.27
CA MET B 204 31.39 13.77 34.20
C MET B 204 31.41 14.43 35.57
N ASN B 205 30.95 13.73 36.60
CA ASN B 205 30.83 14.36 37.90
C ASN B 205 30.78 13.32 38.99
N VAL B 206 31.16 13.74 40.19
CA VAL B 206 30.91 13.01 41.43
C VAL B 206 30.14 13.95 42.35
N ALA B 207 29.03 13.45 42.91
CA ALA B 207 28.17 14.23 43.80
C ALA B 207 27.73 15.56 43.17
N GLY B 208 27.47 15.53 41.87
CA GLY B 208 27.03 16.75 41.22
C GLY B 208 28.14 17.77 41.03
N VAL B 209 29.39 17.42 41.30
CA VAL B 209 30.52 18.33 41.13
C VAL B 209 31.16 18.05 39.77
N SER B 210 31.06 19.02 38.86
CA SER B 210 31.55 18.87 37.49
C SER B 210 33.07 18.77 37.44
N LEU B 211 33.59 17.64 36.93
CA LEU B 211 35.03 17.50 36.74
C LEU B 211 35.56 18.47 35.70
N LYS B 212 34.79 18.68 34.63
CA LYS B 212 35.22 19.59 33.55
C LYS B 212 35.34 21.02 34.06
N THR B 213 34.46 21.42 34.98
CA THR B 213 34.55 22.77 35.53
C THR B 213 35.72 22.89 36.51
N LEU B 214 35.94 21.85 37.33
CA LEU B 214 37.11 21.83 38.20
C LEU B 214 38.41 21.82 37.40
N HIS B 215 38.39 21.17 36.23
CA HIS B 215 39.61 20.89 35.46
C HIS B 215 39.29 21.16 34.00
N PRO B 216 39.39 22.42 33.56
CA PRO B 216 38.89 22.77 32.22
C PRO B 216 39.59 22.06 31.08
N ASP B 217 40.83 21.60 31.28
CA ASP B 217 41.53 20.84 30.26
C ASP B 217 41.04 19.39 30.17
N LEU B 218 40.08 19.01 31.01
CA LEU B 218 39.57 17.64 31.05
C LEU B 218 39.26 17.11 29.66
N GLY B 219 39.90 16.00 29.30
CA GLY B 219 39.64 15.32 28.05
C GLY B 219 40.31 15.91 26.84
N THR B 220 40.99 17.05 26.97
CA THR B 220 41.68 17.66 25.85
C THR B 220 43.11 17.14 25.77
N ASP B 221 43.81 17.51 24.69
CA ASP B 221 45.20 17.13 24.57
C ASP B 221 46.09 17.89 25.55
N LYS B 222 45.66 19.08 25.98
CA LYS B 222 46.42 19.86 26.96
C LYS B 222 46.31 19.28 28.38
N ASP B 223 45.46 18.27 28.59
CA ASP B 223 45.21 17.71 29.91
C ASP B 223 46.49 17.01 30.39
N LYS B 224 47.12 17.57 31.42
CA LYS B 224 48.33 16.95 31.96
C LYS B 224 48.04 15.59 32.58
N GLU B 225 46.81 15.35 33.04
CA GLU B 225 46.44 14.05 33.62
C GLU B 225 45.88 13.08 32.59
N GLN B 226 45.75 13.50 31.32
CA GLN B 226 45.37 12.60 30.24
C GLN B 226 44.09 11.82 30.54
N TRP B 227 43.03 12.55 30.91
CA TRP B 227 41.75 11.89 31.13
C TRP B 227 41.15 11.34 29.83
N LYS B 228 41.58 11.84 28.68
CA LYS B 228 41.13 11.23 27.43
C LYS B 228 41.50 9.75 27.37
N GLU B 229 42.56 9.35 28.08
CA GLU B 229 42.94 7.93 28.09
C GLU B 229 41.86 7.06 28.71
N VAL B 230 41.02 7.62 29.59
CA VAL B 230 39.91 6.88 30.17
C VAL B 230 38.96 6.42 29.06
N HIS B 231 38.64 7.31 28.11
CA HIS B 231 37.80 6.90 26.99
C HIS B 231 38.56 5.99 26.03
N LYS B 232 39.85 6.24 25.81
CA LYS B 232 40.62 5.31 24.98
C LYS B 232 40.54 3.91 25.55
N GLN B 233 40.58 3.79 26.89
CA GLN B 233 40.49 2.47 27.50
C GLN B 233 39.08 1.89 27.44
N VAL B 234 38.04 2.74 27.37
CA VAL B 234 36.70 2.22 27.10
C VAL B 234 36.72 1.38 25.83
N VAL B 235 37.41 1.88 24.80
CA VAL B 235 37.51 1.17 23.53
C VAL B 235 38.53 0.04 23.62
N GLU B 236 39.75 0.36 24.07
CA GLU B 236 40.86 -0.59 24.01
C GLU B 236 40.63 -1.79 24.95
N SER B 237 40.03 -1.55 26.11
CA SER B 237 39.84 -2.65 27.05
C SER B 237 38.91 -3.71 26.48
N ALA B 238 37.98 -3.32 25.61
CA ALA B 238 37.13 -4.32 24.99
C ALA B 238 37.94 -5.24 24.07
N TYR B 239 38.77 -4.65 23.20
CA TYR B 239 39.64 -5.45 22.36
C TYR B 239 40.61 -6.29 23.19
N GLU B 240 41.01 -5.80 24.36
CA GLU B 240 41.96 -6.55 25.18
C GLU B 240 41.30 -7.81 25.75
N VAL B 241 40.09 -7.68 26.29
CA VAL B 241 39.38 -8.87 26.77
C VAL B 241 39.17 -9.85 25.63
N ILE B 242 38.80 -9.35 24.45
CA ILE B 242 38.66 -10.23 23.30
C ILE B 242 39.98 -10.93 23.00
N LYS B 243 41.10 -10.21 23.09
CA LYS B 243 42.40 -10.82 22.86
C LYS B 243 42.76 -11.85 23.92
N LEU B 244 42.48 -11.55 25.19
CA LEU B 244 42.98 -12.36 26.30
C LEU B 244 42.18 -13.64 26.50
N LYS B 245 40.85 -13.57 26.41
CA LYS B 245 40.02 -14.75 26.60
C LYS B 245 39.22 -15.16 25.37
N GLY B 246 39.26 -14.39 24.28
CA GLY B 246 38.62 -14.79 23.05
C GLY B 246 37.31 -14.08 22.73
N TYR B 247 36.66 -13.47 23.72
CA TYR B 247 35.34 -12.86 23.59
C TYR B 247 35.07 -12.13 24.90
N THR B 248 34.03 -11.31 24.92
CA THR B 248 33.52 -10.75 26.17
C THR B 248 32.13 -11.33 26.46
N SER B 249 31.81 -11.50 27.74
CA SER B 249 30.51 -12.10 28.05
C SER B 249 29.90 -11.61 29.38
N TRP B 250 30.68 -11.58 30.47
CA TRP B 250 30.08 -11.32 31.77
C TRP B 250 29.55 -9.88 31.88
N ALA B 251 30.34 -8.90 31.45
CA ALA B 251 29.89 -7.51 31.58
C ALA B 251 28.68 -7.23 30.72
N ILE B 252 28.68 -7.73 29.48
CA ILE B 252 27.51 -7.48 28.63
C ILE B 252 26.28 -8.16 29.20
N GLY B 253 26.42 -9.38 29.73
CA GLY B 253 25.29 -10.06 30.34
C GLY B 253 24.73 -9.27 31.51
N LEU B 254 25.61 -8.73 32.35
CA LEU B 254 25.17 -7.91 33.47
C LEU B 254 24.50 -6.63 32.99
N SER B 255 25.04 -5.99 31.94
CA SER B 255 24.44 -4.75 31.49
C SER B 255 23.07 -5.00 30.87
N VAL B 256 22.91 -6.13 30.17
CA VAL B 256 21.63 -6.46 29.58
C VAL B 256 20.59 -6.74 30.65
N ALA B 257 20.98 -7.44 31.72
CA ALA B 257 20.02 -7.70 32.79
C ALA B 257 19.59 -6.41 33.47
N ASP B 258 20.49 -5.43 33.56
CA ASP B 258 20.14 -4.12 34.09
C ASP B 258 19.10 -3.44 33.21
N LEU B 259 19.27 -3.51 31.88
CA LEU B 259 18.24 -2.98 30.98
C LEU B 259 16.94 -3.75 31.13
N ALA B 260 17.02 -5.09 31.18
CA ALA B 260 15.83 -5.92 31.37
C ALA B 260 15.13 -5.57 32.68
N GLU B 261 15.88 -5.26 33.73
CA GLU B 261 15.27 -4.89 35.00
C GLU B 261 14.40 -3.65 34.87
N SER B 262 14.92 -2.61 34.21
CA SER B 262 14.14 -1.39 34.06
C SER B 262 12.89 -1.66 33.25
N ILE B 263 12.98 -2.50 32.22
CA ILE B 263 11.85 -2.76 31.35
C ILE B 263 10.80 -3.60 32.08
N MET B 264 11.23 -4.73 32.67
CA MET B 264 10.29 -5.64 33.33
C MET B 264 9.62 -5.03 34.57
N LYS B 265 10.31 -4.15 35.31
CA LYS B 265 9.73 -3.54 36.50
CA LYS B 265 9.73 -3.54 36.50
C LYS B 265 9.24 -2.12 36.26
N ASN B 266 9.29 -1.63 35.01
CA ASN B 266 8.79 -0.30 34.63
C ASN B 266 9.43 0.79 35.49
N LEU B 267 10.76 0.73 35.59
CA LEU B 267 11.45 1.60 36.55
C LEU B 267 11.59 3.04 36.08
N ARG B 268 11.65 3.28 34.77
CA ARG B 268 11.89 4.61 34.19
C ARG B 268 13.23 5.18 34.66
N ARG B 269 14.22 4.30 34.78
CA ARG B 269 15.60 4.73 34.92
C ARG B 269 16.14 5.14 33.55
N VAL B 270 17.22 5.92 33.58
CA VAL B 270 17.83 6.43 32.35
C VAL B 270 19.04 5.59 32.03
N HIS B 271 19.12 5.09 30.80
CA HIS B 271 20.23 4.27 30.34
C HIS B 271 20.73 4.79 28.99
N PRO B 272 22.03 4.64 28.69
CA PRO B 272 22.50 4.98 27.35
C PRO B 272 22.35 3.80 26.40
N VAL B 273 21.24 3.77 25.66
CA VAL B 273 20.97 2.68 24.73
C VAL B 273 20.70 3.30 23.36
N SER B 274 20.80 2.46 22.34
CA SER B 274 20.68 2.93 20.96
C SER B 274 19.21 2.98 20.56
N THR B 275 18.79 4.14 20.04
CA THR B 275 17.41 4.41 19.67
C THR B 275 17.37 5.12 18.31
N MET B 276 16.23 5.03 17.64
CA MET B 276 16.06 5.65 16.32
C MET B 276 16.07 7.16 16.49
N ILE B 277 17.16 7.79 16.04
CA ILE B 277 17.47 9.14 16.48
C ILE B 277 17.19 10.19 15.41
N LYS B 278 16.55 9.81 14.29
CA LYS B 278 16.25 10.79 13.25
C LYS B 278 15.38 11.91 13.81
N GLY B 279 15.72 13.14 13.46
CA GLY B 279 15.02 14.29 13.98
C GLY B 279 15.74 14.99 15.12
N LEU B 280 16.83 14.42 15.61
CA LEU B 280 17.63 15.02 16.68
C LEU B 280 19.06 15.22 16.19
N TYR B 281 19.71 16.25 16.74
CA TYR B 281 21.11 16.56 16.47
C TYR B 281 21.38 16.78 15.00
N GLY B 282 20.39 17.26 14.26
CA GLY B 282 20.59 17.46 12.86
C GLY B 282 20.63 16.19 12.05
N ILE B 283 20.43 15.03 12.70
CA ILE B 283 20.42 13.76 11.98
C ILE B 283 19.11 13.65 11.21
N LYS B 284 19.22 13.39 9.92
CA LYS B 284 18.09 13.36 9.01
C LYS B 284 17.86 12.00 8.37
N ASP B 285 18.62 10.98 8.74
CA ASP B 285 18.47 9.63 8.21
C ASP B 285 17.97 8.68 9.29
N ASP B 286 17.37 7.56 8.86
CA ASP B 286 16.91 6.53 9.79
C ASP B 286 18.11 5.74 10.30
N VAL B 287 18.66 6.18 11.44
CA VAL B 287 19.79 5.49 12.07
C VAL B 287 19.54 5.40 13.56
N PHE B 288 20.28 4.49 14.21
CA PHE B 288 20.20 4.26 15.65
C PHE B 288 21.52 4.66 16.31
N LEU B 289 21.44 5.54 17.32
CA LEU B 289 22.59 5.93 18.11
C LEU B 289 22.18 5.98 19.57
N SER B 290 23.18 5.86 20.45
CA SER B 290 22.93 5.86 21.88
C SER B 290 22.79 7.29 22.41
N VAL B 291 21.70 7.54 23.09
CA VAL B 291 21.50 8.76 23.87
C VAL B 291 20.91 8.26 25.18
N PRO B 292 20.82 9.07 26.23
CA PRO B 292 20.18 8.61 27.46
C PRO B 292 18.68 8.44 27.26
N CYS B 293 18.19 7.22 27.47
CA CYS B 293 16.78 6.90 27.27
C CYS B 293 16.16 6.47 28.59
N ILE B 294 14.90 6.85 28.78
CA ILE B 294 14.11 6.40 29.92
C ILE B 294 13.46 5.08 29.56
N LEU B 295 13.77 4.03 30.32
CA LEU B 295 13.32 2.67 30.01
C LEU B 295 12.23 2.22 30.96
N GLY B 296 11.17 1.64 30.41
CA GLY B 296 10.08 1.13 31.21
C GLY B 296 9.32 0.02 30.50
N GLN B 297 8.09 -0.22 30.95
CA GLN B 297 7.34 -1.36 30.41
C GLN B 297 6.91 -1.15 28.96
N ASN B 298 6.96 0.07 28.45
CA ASN B 298 6.70 0.31 27.04
C ASN B 298 7.98 0.52 26.24
N GLY B 299 9.12 0.10 26.77
CA GLY B 299 10.38 0.31 26.07
C GLY B 299 10.93 1.68 26.35
N ILE B 300 11.37 2.35 25.29
CA ILE B 300 11.91 3.72 25.39
C ILE B 300 10.71 4.66 25.30
N SER B 301 10.28 5.21 26.43
CA SER B 301 9.14 6.13 26.39
C SER B 301 9.58 7.57 26.20
N ASP B 302 10.79 7.91 26.62
CA ASP B 302 11.31 9.27 26.58
C ASP B 302 12.82 9.19 26.44
N LEU B 303 13.43 10.29 26.01
CA LEU B 303 14.88 10.38 26.00
C LEU B 303 15.33 11.76 26.45
N VAL B 304 16.56 11.80 26.97
CA VAL B 304 17.18 13.03 27.46
C VAL B 304 17.86 13.72 26.29
N LYS B 305 17.65 15.03 26.18
CA LYS B 305 18.33 15.87 25.19
C LYS B 305 19.55 16.46 25.85
N VAL B 306 20.69 15.78 25.66
CA VAL B 306 21.94 16.23 26.25
C VAL B 306 22.46 17.45 25.49
N THR B 307 22.89 18.46 26.23
CA THR B 307 23.51 19.62 25.61
C THR B 307 24.91 19.23 25.15
N LEU B 308 25.15 19.30 23.84
CA LEU B 308 26.41 18.89 23.26
C LEU B 308 27.17 20.10 22.73
N THR B 309 28.49 20.02 22.78
CA THR B 309 29.29 21.04 22.11
C THR B 309 29.17 20.85 20.60
N SER B 310 29.64 21.86 19.86
CA SER B 310 29.64 21.79 18.42
C SER B 310 30.43 20.58 17.93
N GLU B 311 31.56 20.30 18.58
CA GLU B 311 32.38 19.15 18.20
C GLU B 311 31.64 17.84 18.47
N GLU B 312 30.97 17.74 19.63
CA GLU B 312 30.22 16.53 19.94
C GLU B 312 29.07 16.32 18.97
N GLU B 313 28.34 17.39 18.65
CA GLU B 313 27.25 17.26 17.70
C GLU B 313 27.76 16.79 16.35
N ALA B 314 28.91 17.31 15.91
CA ALA B 314 29.47 16.90 14.62
C ALA B 314 29.92 15.45 14.61
N ARG B 315 30.38 14.92 15.75
CA ARG B 315 30.79 13.52 15.78
C ARG B 315 29.58 12.61 15.61
N LEU B 316 28.46 12.96 16.23
CA LEU B 316 27.22 12.18 16.09
C LEU B 316 26.70 12.23 14.66
N LYS B 317 26.77 13.41 14.03
CA LYS B 317 26.31 13.53 12.64
C LYS B 317 27.17 12.71 11.70
N LYS B 318 28.50 12.70 11.93
CA LYS B 318 29.37 11.87 11.10
C LYS B 318 29.08 10.39 11.32
N SER B 319 28.76 10.00 12.55
CA SER B 319 28.34 8.63 12.84
C SER B 319 27.07 8.28 12.07
N ALA B 320 26.08 9.17 12.09
CA ALA B 320 24.84 8.92 11.36
C ALA B 320 25.10 8.77 9.87
N ASP B 321 25.92 9.66 9.30
CA ASP B 321 26.25 9.56 7.88
C ASP B 321 26.88 8.22 7.55
N THR B 322 27.82 7.77 8.40
CA THR B 322 28.50 6.49 8.16
C THR B 322 27.53 5.30 8.28
N LEU B 323 26.66 5.33 9.29
CA LEU B 323 25.71 4.24 9.46
C LEU B 323 24.75 4.14 8.27
N TRP B 324 24.22 5.29 7.83
CA TRP B 324 23.32 5.27 6.69
C TRP B 324 24.01 4.78 5.43
N GLY B 325 25.28 5.17 5.24
CA GLY B 325 26.03 4.69 4.09
C GLY B 325 26.20 3.19 4.10
N ILE B 326 26.42 2.62 5.28
CA ILE B 326 26.53 1.17 5.35
C ILE B 326 25.17 0.53 5.13
N GLN B 327 24.11 1.11 5.72
CA GLN B 327 22.79 0.49 5.64
C GLN B 327 22.28 0.43 4.21
N LYS B 328 22.59 1.45 3.39
CA LYS B 328 22.16 1.41 2.00
C LYS B 328 22.82 0.27 1.23
N GLU B 329 23.89 -0.30 1.74
CA GLU B 329 24.56 -1.41 1.09
C GLU B 329 24.08 -2.78 1.59
N LEU B 330 23.15 -2.81 2.52
CA LEU B 330 22.61 -4.07 3.03
C LEU B 330 21.33 -4.44 2.28
N GLN B 331 21.16 -5.72 2.00
CA GLN B 331 20.01 -6.22 1.27
C GLN B 331 18.97 -6.77 2.24
N PHE B 332 17.76 -6.24 2.17
CA PHE B 332 16.64 -6.69 3.01
C PHE B 332 15.68 -7.60 2.28
N ALA C 2 -28.00 -29.43 -28.11
CA ALA C 2 -28.54 -28.59 -27.06
C ALA C 2 -27.45 -27.68 -26.49
N THR C 3 -27.84 -26.50 -26.02
CA THR C 3 -26.91 -25.60 -25.37
C THR C 3 -26.50 -26.16 -24.01
N LEU C 4 -25.43 -25.60 -23.44
CA LEU C 4 -25.01 -26.01 -22.10
C LEU C 4 -26.11 -25.76 -21.07
N LYS C 5 -26.72 -24.57 -21.14
CA LYS C 5 -27.82 -24.25 -20.23
C LYS C 5 -28.94 -25.29 -20.30
N ASP C 6 -29.32 -25.70 -21.52
CA ASP C 6 -30.41 -26.65 -21.66
C ASP C 6 -30.00 -28.08 -21.32
N GLN C 7 -28.71 -28.41 -21.51
CA GLN C 7 -28.19 -29.67 -20.99
C GLN C 7 -28.25 -29.70 -19.48
N LEU C 8 -27.96 -28.56 -18.84
CA LEU C 8 -27.88 -28.51 -17.39
C LEU C 8 -29.24 -28.31 -16.73
N ILE C 9 -30.12 -27.52 -17.35
CA ILE C 9 -31.31 -27.01 -16.69
C ILE C 9 -32.55 -27.36 -17.51
N TYR C 10 -33.54 -27.95 -16.86
CA TYR C 10 -34.84 -28.22 -17.48
C TYR C 10 -35.82 -27.12 -17.08
N ASN C 11 -36.44 -26.48 -18.08
CA ASN C 11 -37.35 -25.37 -17.82
C ASN C 11 -38.78 -25.87 -17.69
N LEU C 12 -39.44 -25.47 -16.59
CA LEU C 12 -40.84 -25.84 -16.38
C LEU C 12 -41.79 -24.77 -16.94
N LEU C 13 -41.51 -23.50 -16.70
CA LEU C 13 -42.35 -22.42 -17.19
C LEU C 13 -41.49 -21.28 -17.71
N LYS C 14 -41.76 -20.83 -18.93
CA LYS C 14 -41.21 -19.55 -19.39
C LYS C 14 -42.30 -18.52 -19.17
N GLU C 15 -42.25 -17.82 -18.04
CA GLU C 15 -43.31 -16.90 -17.67
C GLU C 15 -42.81 -15.47 -17.74
N GLU C 16 -43.76 -14.55 -17.91
CA GLU C 16 -43.47 -13.11 -17.97
C GLU C 16 -43.42 -12.49 -16.57
N GLN C 17 -42.29 -12.71 -15.90
CA GLN C 17 -41.90 -12.06 -14.65
C GLN C 17 -42.57 -10.69 -14.44
N THR C 18 -43.43 -10.58 -13.43
CA THR C 18 -44.06 -9.33 -13.04
C THR C 18 -43.55 -8.89 -11.66
N PRO C 19 -43.10 -7.64 -11.53
CA PRO C 19 -42.41 -7.26 -10.29
C PRO C 19 -43.37 -7.13 -9.11
N GLN C 20 -42.97 -7.66 -7.97
CA GLN C 20 -43.83 -7.66 -6.80
C GLN C 20 -43.50 -6.57 -5.78
N ASN C 21 -42.23 -6.26 -5.58
CA ASN C 21 -41.82 -5.28 -4.58
C ASN C 21 -40.78 -4.36 -5.18
N LYS C 22 -41.19 -3.60 -6.20
CA LYS C 22 -40.26 -2.82 -7.01
C LYS C 22 -40.16 -1.38 -6.50
N ILE C 23 -38.93 -0.86 -6.46
CA ILE C 23 -38.66 0.53 -6.13
C ILE C 23 -37.87 1.15 -7.27
N THR C 24 -38.21 2.38 -7.63
CA THR C 24 -37.44 3.17 -8.59
C THR C 24 -36.80 4.34 -7.87
N VAL C 25 -35.52 4.59 -8.16
CA VAL C 25 -34.87 5.85 -7.81
C VAL C 25 -34.57 6.62 -9.09
N VAL C 26 -35.04 7.86 -9.15
CA VAL C 26 -34.81 8.72 -10.30
C VAL C 26 -33.74 9.73 -9.91
N GLY C 27 -32.63 9.74 -10.67
CA GLY C 27 -31.51 10.60 -10.37
C GLY C 27 -30.42 9.88 -9.62
N VAL C 28 -29.30 9.61 -10.28
CA VAL C 28 -28.26 8.77 -9.69
C VAL C 28 -27.06 9.63 -9.29
N GLY C 29 -27.33 10.81 -8.74
CA GLY C 29 -26.28 11.57 -8.08
C GLY C 29 -25.89 10.89 -6.78
N ALA C 30 -25.13 11.61 -5.97
CA ALA C 30 -24.70 11.05 -4.69
C ALA C 30 -25.90 10.67 -3.82
N VAL C 31 -26.93 11.51 -3.83
CA VAL C 31 -28.09 11.27 -2.98
C VAL C 31 -28.86 10.05 -3.46
N GLY C 32 -29.14 9.99 -4.76
CA GLY C 32 -29.86 8.86 -5.33
C GLY C 32 -29.15 7.53 -5.11
N MET C 33 -27.83 7.51 -5.28
CA MET C 33 -27.12 6.24 -5.12
C MET C 33 -27.01 5.84 -3.65
N ALA C 34 -26.86 6.81 -2.75
CA ALA C 34 -26.89 6.47 -1.33
C ALA C 34 -28.23 5.85 -0.95
N CYS C 35 -29.32 6.41 -1.48
CA CYS C 35 -30.63 5.78 -1.33
C CYS C 35 -30.62 4.38 -1.91
N ALA C 36 -30.04 4.22 -3.10
CA ALA C 36 -29.99 2.91 -3.75
C ALA C 36 -29.25 1.89 -2.89
N ILE C 37 -28.03 2.24 -2.43
CA ILE C 37 -27.28 1.25 -1.66
C ILE C 37 -27.98 0.95 -0.35
N SER C 38 -28.58 1.95 0.28
CA SER C 38 -29.22 1.69 1.57
C SER C 38 -30.43 0.79 1.40
N ILE C 39 -31.18 0.99 0.31
CA ILE C 39 -32.33 0.13 0.03
C ILE C 39 -31.87 -1.30 -0.28
N LEU C 40 -30.77 -1.44 -1.03
CA LEU C 40 -30.28 -2.78 -1.37
C LEU C 40 -29.85 -3.54 -0.13
N MET C 41 -29.19 -2.88 0.80
CA MET C 41 -28.67 -3.58 1.95
C MET C 41 -29.71 -3.81 3.04
N LYS C 42 -30.92 -3.28 2.87
CA LYS C 42 -32.02 -3.56 3.79
C LYS C 42 -33.06 -4.52 3.20
N ASP C 43 -32.81 -5.09 2.02
CA ASP C 43 -33.71 -6.09 1.40
C ASP C 43 -35.14 -5.60 1.30
N LEU C 44 -35.32 -4.38 0.82
CA LEU C 44 -36.66 -3.81 0.76
C LEU C 44 -37.35 -4.07 -0.56
N ALA C 45 -36.61 -4.42 -1.60
CA ALA C 45 -37.17 -4.57 -2.92
C ALA C 45 -36.69 -5.87 -3.56
N ASP C 46 -37.52 -6.43 -4.43
CA ASP C 46 -37.07 -7.53 -5.29
C ASP C 46 -36.61 -7.03 -6.66
N GLU C 47 -36.82 -5.75 -6.95
CA GLU C 47 -36.36 -5.13 -8.19
C GLU C 47 -36.11 -3.65 -7.93
N LEU C 48 -34.96 -3.16 -8.38
CA LEU C 48 -34.56 -1.77 -8.24
C LEU C 48 -34.32 -1.23 -9.62
N ALA C 49 -35.01 -0.14 -9.97
CA ALA C 49 -34.81 0.54 -11.25
C ALA C 49 -34.20 1.90 -10.99
N LEU C 50 -33.25 2.29 -11.84
CA LEU C 50 -32.58 3.58 -11.76
C LEU C 50 -32.86 4.38 -13.03
N VAL C 51 -33.12 5.68 -12.89
CA VAL C 51 -33.35 6.55 -14.04
C VAL C 51 -32.52 7.82 -13.87
N ASP C 52 -31.95 8.30 -14.98
CA ASP C 52 -31.27 9.59 -15.03
C ASP C 52 -31.24 10.03 -16.49
N VAL C 53 -30.78 11.25 -16.72
CA VAL C 53 -30.57 11.74 -18.08
C VAL C 53 -29.12 11.58 -18.55
N ILE C 54 -28.17 11.39 -17.64
CA ILE C 54 -26.77 11.18 -17.99
C ILE C 54 -26.60 9.68 -18.25
N GLU C 55 -26.50 9.30 -19.52
CA GLU C 55 -26.64 7.89 -19.90
C GLU C 55 -25.43 7.05 -19.48
N ASP C 56 -24.21 7.55 -19.67
CA ASP C 56 -23.05 6.73 -19.30
C ASP C 56 -22.95 6.54 -17.78
N LYS C 57 -23.09 7.62 -17.03
CA LYS C 57 -23.13 7.53 -15.57
C LYS C 57 -24.21 6.56 -15.10
N LEU C 58 -25.41 6.66 -15.68
CA LEU C 58 -26.50 5.78 -15.27
C LEU C 58 -26.13 4.32 -15.46
N LYS C 59 -25.55 3.97 -16.61
CA LYS C 59 -25.18 2.59 -16.90
C LYS C 59 -24.01 2.13 -16.02
N GLY C 60 -23.05 3.01 -15.75
CA GLY C 60 -21.94 2.63 -14.91
C GLY C 60 -22.35 2.33 -13.48
N GLU C 61 -23.23 3.17 -12.91
CA GLU C 61 -23.72 2.91 -11.56
C GLU C 61 -24.54 1.62 -11.50
N MET C 62 -25.42 1.40 -12.48
CA MET C 62 -26.19 0.15 -12.52
C MET C 62 -25.27 -1.06 -12.53
N MET C 63 -24.28 -1.05 -13.44
CA MET C 63 -23.36 -2.19 -13.56
C MET C 63 -22.57 -2.39 -12.28
N ASP C 64 -22.11 -1.30 -11.64
CA ASP C 64 -21.40 -1.42 -10.37
C ASP C 64 -22.26 -2.15 -9.35
N LEU C 65 -23.53 -1.77 -9.24
CA LEU C 65 -24.42 -2.49 -8.32
C LEU C 65 -24.57 -3.95 -8.73
N GLN C 66 -24.75 -4.21 -10.04
CA GLN C 66 -24.92 -5.58 -10.52
C GLN C 66 -23.69 -6.44 -10.19
N HIS C 67 -22.49 -5.87 -10.27
CA HIS C 67 -21.30 -6.65 -9.94
C HIS C 67 -21.27 -7.08 -8.49
N GLY C 68 -22.06 -6.43 -7.63
CA GLY C 68 -22.20 -6.85 -6.25
C GLY C 68 -23.37 -7.77 -5.95
N SER C 69 -24.05 -8.30 -6.98
CA SER C 69 -25.26 -9.10 -6.78
C SER C 69 -25.01 -10.28 -5.86
N LEU C 70 -23.84 -10.90 -5.97
CA LEU C 70 -23.48 -12.02 -5.09
C LEU C 70 -23.72 -11.67 -3.62
N PHE C 71 -23.56 -10.41 -3.24
CA PHE C 71 -23.64 -10.06 -1.84
C PHE C 71 -25.00 -9.47 -1.46
N LEU C 72 -25.96 -9.50 -2.38
CA LEU C 72 -27.26 -8.88 -2.20
C LEU C 72 -28.35 -9.93 -2.35
N ARG C 73 -29.58 -9.53 -2.04
CA ARG C 73 -30.77 -10.37 -2.18
C ARG C 73 -31.88 -9.59 -2.88
N THR C 74 -31.48 -8.75 -3.83
CA THR C 74 -32.40 -8.05 -4.71
C THR C 74 -32.05 -8.49 -6.12
N PRO C 75 -32.79 -9.43 -6.71
CA PRO C 75 -32.25 -10.16 -7.85
C PRO C 75 -32.21 -9.38 -9.14
N LYS C 76 -32.98 -8.30 -9.28
CA LYS C 76 -33.05 -7.56 -10.53
C LYS C 76 -32.75 -6.09 -10.30
N ILE C 77 -31.72 -5.60 -10.97
CA ILE C 77 -31.35 -4.18 -10.96
C ILE C 77 -31.30 -3.72 -12.40
N VAL C 78 -32.13 -2.73 -12.75
CA VAL C 78 -32.23 -2.26 -14.13
C VAL C 78 -32.08 -0.74 -14.17
N SER C 79 -31.89 -0.21 -15.38
CA SER C 79 -31.76 1.24 -15.54
C SER C 79 -32.10 1.63 -16.97
N GLY C 80 -32.34 2.93 -17.16
CA GLY C 80 -32.57 3.46 -18.48
C GLY C 80 -33.02 4.90 -18.44
N LYS C 81 -32.86 5.62 -19.56
CA LYS C 81 -33.43 6.95 -19.64
C LYS C 81 -34.94 6.89 -19.89
N ASP C 82 -35.41 5.79 -20.48
CA ASP C 82 -36.84 5.59 -20.76
C ASP C 82 -37.57 5.02 -19.54
N TYR C 83 -38.75 5.57 -19.25
CA TYR C 83 -39.46 5.21 -18.02
C TYR C 83 -40.16 3.85 -18.08
N ASN C 84 -40.12 3.12 -19.20
CA ASN C 84 -40.69 1.79 -19.18
C ASN C 84 -39.92 0.85 -18.24
N VAL C 85 -38.68 1.18 -17.91
CA VAL C 85 -37.96 0.39 -16.91
C VAL C 85 -38.52 0.55 -15.50
N THR C 86 -39.37 1.56 -15.27
CA THR C 86 -39.91 1.84 -13.94
C THR C 86 -41.29 1.24 -13.71
N ALA C 87 -41.86 0.58 -14.72
CA ALA C 87 -43.25 0.11 -14.68
C ALA C 87 -43.53 -0.69 -13.42
N ASN C 88 -44.70 -0.45 -12.82
CA ASN C 88 -45.23 -1.23 -11.70
C ASN C 88 -44.36 -1.13 -10.45
N SER C 89 -43.78 0.05 -10.22
CA SER C 89 -43.09 0.32 -8.98
C SER C 89 -44.10 0.55 -7.85
N LYS C 90 -43.81 0.00 -6.68
CA LYS C 90 -44.63 0.35 -5.52
CA LYS C 90 -44.63 0.35 -5.52
C LYS C 90 -44.26 1.72 -4.96
N LEU C 91 -42.98 2.10 -5.08
CA LEU C 91 -42.45 3.33 -4.51
C LEU C 91 -41.45 3.95 -5.47
N VAL C 92 -41.59 5.25 -5.72
CA VAL C 92 -40.73 5.97 -6.66
C VAL C 92 -40.08 7.12 -5.92
N ILE C 93 -38.76 7.14 -5.91
CA ILE C 93 -37.98 8.08 -5.10
C ILE C 93 -37.34 9.07 -6.05
N ILE C 94 -37.68 10.34 -5.89
CA ILE C 94 -37.19 11.39 -6.78
C ILE C 94 -36.06 12.12 -6.07
N THR C 95 -34.85 11.99 -6.60
CA THR C 95 -33.71 12.74 -6.11
C THR C 95 -33.09 13.56 -7.24
N ALA C 96 -33.85 13.79 -8.31
CA ALA C 96 -33.32 14.51 -9.46
C ALA C 96 -33.28 15.99 -9.17
N GLY C 97 -32.30 16.67 -9.75
CA GLY C 97 -32.24 18.11 -9.61
C GLY C 97 -31.17 18.70 -10.50
N ALA C 98 -31.26 20.01 -10.67
CA ALA C 98 -30.26 20.78 -11.38
C ALA C 98 -29.17 21.26 -10.43
N ARG C 99 -28.04 21.62 -11.00
CA ARG C 99 -26.94 22.26 -10.29
C ARG C 99 -26.94 23.76 -10.56
N GLN C 100 -26.87 24.54 -9.48
CA GLN C 100 -26.91 25.99 -9.62
C GLN C 100 -25.70 26.47 -10.44
N GLN C 101 -25.99 27.27 -11.45
CA GLN C 101 -24.98 27.90 -12.29
C GLN C 101 -24.47 29.19 -11.65
N GLU C 102 -23.26 29.60 -12.02
CA GLU C 102 -22.69 30.81 -11.45
C GLU C 102 -23.56 32.02 -11.75
N GLY C 103 -23.91 32.76 -10.71
CA GLY C 103 -24.71 33.95 -10.86
C GLY C 103 -26.18 33.72 -11.11
N GLU C 104 -26.65 32.48 -10.99
CA GLU C 104 -28.06 32.18 -11.20
C GLU C 104 -28.78 32.37 -9.87
N SER C 105 -29.94 33.00 -9.91
CA SER C 105 -30.68 33.24 -8.68
C SER C 105 -31.32 31.94 -8.22
N ARG C 106 -31.56 31.84 -6.92
CA ARG C 106 -32.19 30.65 -6.39
C ARG C 106 -33.57 30.42 -6.99
N LEU C 107 -34.35 31.50 -7.20
CA LEU C 107 -35.67 31.35 -7.77
C LEU C 107 -35.60 30.68 -9.14
N ASN C 108 -34.62 31.07 -9.96
CA ASN C 108 -34.45 30.45 -11.27
C ASN C 108 -33.98 29.01 -11.13
N LEU C 109 -33.14 28.71 -10.13
CA LEU C 109 -32.73 27.34 -9.91
C LEU C 109 -33.95 26.47 -9.57
N VAL C 110 -34.84 26.98 -8.72
CA VAL C 110 -36.04 26.23 -8.36
C VAL C 110 -36.90 25.99 -9.60
N GLN C 111 -37.07 27.01 -10.43
CA GLN C 111 -37.88 26.85 -11.64
C GLN C 111 -37.27 25.81 -12.57
N ARG C 112 -35.94 25.74 -12.64
CA ARG C 112 -35.32 24.68 -13.41
C ARG C 112 -35.63 23.32 -12.81
N ASN C 113 -35.66 23.23 -11.47
CA ASN C 113 -36.04 21.97 -10.85
C ASN C 113 -37.52 21.66 -11.07
N VAL C 114 -38.37 22.69 -11.03
CA VAL C 114 -39.77 22.50 -11.37
C VAL C 114 -39.91 21.97 -12.78
N ASN C 115 -39.16 22.55 -13.72
CA ASN C 115 -39.20 22.08 -15.11
C ASN C 115 -38.75 20.63 -15.20
N ILE C 116 -37.77 20.24 -14.38
CA ILE C 116 -37.34 18.84 -14.36
C ILE C 116 -38.49 17.96 -13.89
N PHE C 117 -39.19 18.38 -12.83
CA PHE C 117 -40.33 17.62 -12.35
C PHE C 117 -41.45 17.56 -13.38
N LYS C 118 -41.66 18.63 -14.14
CA LYS C 118 -42.70 18.56 -15.15
C LYS C 118 -42.37 17.52 -16.22
N PHE C 119 -41.08 17.20 -16.41
CA PHE C 119 -40.78 16.10 -17.30
C PHE C 119 -40.90 14.74 -16.60
N ILE C 120 -40.42 14.62 -15.37
CA ILE C 120 -40.31 13.33 -14.70
C ILE C 120 -41.68 12.81 -14.28
N ILE C 121 -42.44 13.66 -13.58
CA ILE C 121 -43.62 13.18 -12.85
C ILE C 121 -44.67 12.58 -13.77
N PRO C 122 -45.03 13.18 -14.92
CA PRO C 122 -46.00 12.50 -15.81
C PRO C 122 -45.52 11.13 -16.29
N ASN C 123 -44.23 10.99 -16.57
CA ASN C 123 -43.71 9.71 -17.03
C ASN C 123 -43.71 8.66 -15.93
N VAL C 124 -43.50 9.07 -14.68
CA VAL C 124 -43.61 8.13 -13.56
C VAL C 124 -45.04 7.64 -13.45
N VAL C 125 -46.01 8.57 -13.44
CA VAL C 125 -47.42 8.21 -13.33
C VAL C 125 -47.83 7.27 -14.45
N LYS C 126 -47.33 7.51 -15.67
CA LYS C 126 -47.74 6.67 -16.80
C LYS C 126 -47.46 5.20 -16.56
N TYR C 127 -46.30 4.88 -15.98
CA TYR C 127 -45.88 3.49 -15.86
C TYR C 127 -46.13 2.90 -14.48
N SER C 128 -46.41 3.72 -13.48
CA SER C 128 -46.76 3.23 -12.13
C SER C 128 -47.85 4.11 -11.55
N PRO C 129 -49.07 4.04 -12.08
CA PRO C 129 -50.13 4.95 -11.62
C PRO C 129 -50.50 4.75 -10.15
N ASN C 130 -50.20 3.61 -9.55
CA ASN C 130 -50.56 3.34 -8.17
C ASN C 130 -49.41 3.49 -7.18
N CYS C 131 -48.25 4.01 -7.62
CA CYS C 131 -47.11 4.05 -6.74
C CYS C 131 -47.30 5.10 -5.65
N LYS C 132 -46.45 5.01 -4.64
CA LYS C 132 -46.21 6.11 -3.70
C LYS C 132 -45.02 6.93 -4.20
N LEU C 133 -45.15 8.26 -4.11
CA LEU C 133 -44.09 9.18 -4.51
C LEU C 133 -43.38 9.72 -3.28
N LEU C 134 -42.07 9.50 -3.22
CA LEU C 134 -41.24 10.01 -2.13
C LEU C 134 -40.26 11.03 -2.73
N ILE C 135 -40.45 12.30 -2.37
CA ILE C 135 -39.72 13.39 -2.99
C ILE C 135 -38.57 13.79 -2.07
N VAL C 136 -37.35 13.76 -2.61
CA VAL C 136 -36.17 14.14 -1.84
C VAL C 136 -35.54 15.42 -2.36
N SER C 137 -35.65 15.71 -3.66
CA SER C 137 -35.01 16.89 -4.24
C SER C 137 -35.42 18.15 -3.51
N ASN C 138 -34.46 19.13 -3.44
CA ASN C 138 -34.69 20.40 -2.77
C ASN C 138 -34.95 21.51 -3.78
N PRO C 139 -35.71 22.54 -3.38
CA PRO C 139 -36.33 22.72 -2.05
C PRO C 139 -37.48 21.74 -1.86
N VAL C 140 -37.39 20.88 -0.84
CA VAL C 140 -38.17 19.65 -0.85
C VAL C 140 -39.66 19.93 -0.61
N ASP C 141 -39.99 20.86 0.26
CA ASP C 141 -41.40 21.09 0.55
C ASP C 141 -42.12 21.69 -0.66
N ILE C 142 -41.45 22.60 -1.36
CA ILE C 142 -42.02 23.19 -2.58
C ILE C 142 -42.18 22.13 -3.67
N LEU C 143 -41.14 21.34 -3.89
CA LEU C 143 -41.16 20.35 -4.96
C LEU C 143 -42.11 19.18 -4.63
N THR C 144 -42.36 18.90 -3.35
CA THR C 144 -43.37 17.90 -3.02
C THR C 144 -44.76 18.40 -3.42
N TYR C 145 -45.05 19.68 -3.15
CA TYR C 145 -46.27 20.29 -3.68
C TYR C 145 -46.31 20.18 -5.19
N VAL C 146 -45.19 20.49 -5.85
CA VAL C 146 -45.14 20.43 -7.31
C VAL C 146 -45.44 19.01 -7.78
N ALA C 147 -44.78 18.03 -7.17
CA ALA C 147 -45.04 16.65 -7.53
C ALA C 147 -46.51 16.29 -7.31
N TRP C 148 -47.08 16.75 -6.20
CA TRP C 148 -48.48 16.48 -5.92
C TRP C 148 -49.39 17.11 -6.98
N LYS C 149 -49.12 18.38 -7.33
CA LYS C 149 -49.96 19.05 -8.32
C LYS C 149 -49.86 18.38 -9.70
N ILE C 150 -48.65 18.04 -10.14
CA ILE C 150 -48.47 17.48 -11.48
C ILE C 150 -49.00 16.06 -11.54
N SER C 151 -48.75 15.25 -10.49
CA SER C 151 -49.13 13.84 -10.56
C SER C 151 -50.64 13.66 -10.57
N GLY C 152 -51.38 14.52 -9.89
CA GLY C 152 -52.79 14.25 -9.67
C GLY C 152 -53.05 13.24 -8.57
N PHE C 153 -52.01 12.72 -7.91
CA PHE C 153 -52.19 11.69 -6.90
C PHE C 153 -53.01 12.20 -5.72
N PRO C 154 -53.70 11.31 -5.01
CA PRO C 154 -54.24 11.68 -3.70
C PRO C 154 -53.09 11.97 -2.73
N LYS C 155 -53.37 12.80 -1.71
CA LYS C 155 -52.26 13.30 -0.92
C LYS C 155 -51.58 12.21 -0.11
N ASN C 156 -52.27 11.10 0.17
CA ASN C 156 -51.60 10.04 0.93
C ASN C 156 -50.43 9.42 0.17
N ARG C 157 -50.40 9.52 -1.16
CA ARG C 157 -49.39 8.86 -1.95
C ARG C 157 -48.28 9.80 -2.43
N VAL C 158 -48.23 11.03 -1.93
CA VAL C 158 -47.14 11.95 -2.24
C VAL C 158 -46.52 12.40 -0.92
N ILE C 159 -45.28 11.99 -0.68
CA ILE C 159 -44.60 12.19 0.59
C ILE C 159 -43.28 12.90 0.31
N GLY C 160 -42.99 13.95 1.05
CA GLY C 160 -41.70 14.63 0.97
C GLY C 160 -40.81 14.20 2.12
N SER C 161 -39.54 13.95 1.83
CA SER C 161 -38.59 13.60 2.88
CA SER C 161 -38.60 13.58 2.90
C SER C 161 -38.67 14.58 4.05
N GLY C 162 -38.86 15.86 3.74
CA GLY C 162 -39.13 16.89 4.74
C GLY C 162 -38.13 16.90 5.89
N CYS C 163 -38.65 16.84 7.12
CA CYS C 163 -37.83 16.95 8.32
C CYS C 163 -37.45 15.60 8.90
N ASN C 164 -37.62 14.52 8.14
CA ASN C 164 -37.15 13.23 8.61
C ASN C 164 -35.67 13.27 8.93
N LEU C 165 -34.87 13.84 8.02
CA LEU C 165 -33.43 13.93 8.25
C LEU C 165 -33.11 14.94 9.34
N ASP C 166 -33.80 16.10 9.34
CA ASP C 166 -33.55 17.10 10.39
C ASP C 166 -33.78 16.50 11.76
N SER C 167 -34.85 15.70 11.92
CA SER C 167 -35.12 15.08 13.20
C SER C 167 -34.06 14.06 13.58
N ALA C 168 -33.55 13.33 12.58
CA ALA C 168 -32.47 12.37 12.84
C ALA C 168 -31.24 13.09 13.35
N ARG C 169 -30.91 14.24 12.75
CA ARG C 169 -29.79 15.04 13.23
C ARG C 169 -30.05 15.55 14.64
N PHE C 170 -31.29 16.00 14.91
CA PHE C 170 -31.64 16.45 16.25
C PHE C 170 -31.37 15.36 17.28
N ARG C 171 -31.84 14.15 17.00
CA ARG C 171 -31.70 13.05 17.96
C ARG C 171 -30.25 12.59 18.09
N TYR C 172 -29.46 12.63 17.00
CA TYR C 172 -28.02 12.37 17.12
C TYR C 172 -27.36 13.41 18.05
N LEU C 173 -27.68 14.69 17.86
CA LEU C 173 -27.05 15.73 18.69
C LEU C 173 -27.54 15.65 20.13
N MET C 174 -28.82 15.37 20.32
CA MET C 174 -29.36 15.14 21.65
C MET C 174 -28.68 13.94 22.32
N GLY C 175 -28.51 12.84 21.57
CA GLY C 175 -27.83 11.69 22.12
C GLY C 175 -26.41 11.99 22.55
N GLU C 176 -25.69 12.80 21.78
CA GLU C 176 -24.32 13.16 22.12
C GLU C 176 -24.24 13.95 23.41
N ARG C 177 -25.19 14.87 23.63
CA ARG C 177 -25.22 15.64 24.87
C ARG C 177 -25.48 14.76 26.08
N LEU C 178 -26.33 13.75 25.92
CA LEU C 178 -26.79 12.94 27.05
C LEU C 178 -26.01 11.63 27.22
N GLY C 179 -25.20 11.24 26.26
CA GLY C 179 -24.55 9.94 26.33
C GLY C 179 -25.51 8.79 26.16
N VAL C 180 -26.53 8.93 25.32
CA VAL C 180 -27.56 7.91 25.11
C VAL C 180 -27.73 7.73 23.60
N HIS C 181 -27.97 6.48 23.18
CA HIS C 181 -28.14 6.21 21.76
C HIS C 181 -29.32 7.03 21.23
N PRO C 182 -29.22 7.58 20.01
CA PRO C 182 -30.37 8.33 19.44
C PRO C 182 -31.66 7.54 19.38
N LEU C 183 -31.58 6.21 19.31
CA LEU C 183 -32.81 5.40 19.32
C LEU C 183 -33.63 5.64 20.58
N SER C 184 -32.98 6.02 21.68
CA SER C 184 -33.66 6.26 22.94
C SER C 184 -33.82 7.73 23.27
N CYS C 185 -33.32 8.61 22.40
CA CYS C 185 -33.48 10.05 22.56
C CYS C 185 -34.56 10.54 21.62
N HIS C 186 -35.67 11.05 22.17
CA HIS C 186 -36.85 11.39 21.40
C HIS C 186 -37.00 12.90 21.30
N GLY C 187 -37.30 13.38 20.09
CA GLY C 187 -37.45 14.80 19.84
C GLY C 187 -37.83 15.02 18.40
N TRP C 188 -38.62 16.06 18.14
CA TRP C 188 -39.25 16.24 16.84
C TRP C 188 -38.93 17.62 16.28
N VAL C 189 -38.44 17.65 15.05
CA VAL C 189 -38.26 18.85 14.27
C VAL C 189 -39.31 18.85 13.16
N LEU C 190 -40.13 19.89 13.12
CA LEU C 190 -41.30 19.92 12.24
C LEU C 190 -41.26 21.15 11.34
N GLY C 191 -42.20 21.21 10.39
CA GLY C 191 -42.32 22.36 9.51
C GLY C 191 -41.49 22.21 8.24
N GLU C 192 -40.77 23.28 7.90
CA GLU C 192 -39.92 23.28 6.72
C GLU C 192 -38.60 22.56 6.98
N HIS C 193 -38.13 21.83 5.98
CA HIS C 193 -36.78 21.29 6.00
C HIS C 193 -35.75 22.43 6.05
N GLY C 194 -34.73 22.26 6.88
CA GLY C 194 -33.60 23.19 6.89
C GLY C 194 -33.79 24.39 7.81
N ASP C 195 -33.46 25.59 7.30
CA ASP C 195 -33.25 26.77 8.17
C ASP C 195 -34.48 27.12 9.00
N SER C 196 -35.68 26.99 8.44
CA SER C 196 -36.90 27.44 9.12
C SER C 196 -37.56 26.33 9.95
N SER C 197 -36.88 25.22 10.19
CA SER C 197 -37.48 24.10 10.91
C SER C 197 -37.80 24.48 12.36
N VAL C 198 -38.74 23.75 12.96
CA VAL C 198 -39.27 24.10 14.28
C VAL C 198 -38.98 22.97 15.27
N PRO C 199 -38.11 23.20 16.27
CA PRO C 199 -37.85 22.18 17.30
C PRO C 199 -38.95 22.20 18.34
N VAL C 200 -39.60 21.06 18.54
CA VAL C 200 -40.75 20.98 19.46
C VAL C 200 -40.20 20.57 20.83
N TRP C 201 -39.81 21.58 21.61
CA TRP C 201 -39.14 21.32 22.87
C TRP C 201 -40.00 20.49 23.81
N SER C 202 -41.33 20.63 23.71
CA SER C 202 -42.25 19.95 24.61
C SER C 202 -42.22 18.44 24.45
N GLY C 203 -41.75 17.93 23.31
CA GLY C 203 -41.69 16.50 23.09
C GLY C 203 -40.35 15.87 23.33
N MET C 204 -39.33 16.68 23.65
CA MET C 204 -38.00 16.15 23.88
C MET C 204 -37.99 15.34 25.18
N ASN C 205 -37.63 14.07 25.11
CA ASN C 205 -37.70 13.21 26.29
C ASN C 205 -36.82 11.98 26.12
N VAL C 206 -36.43 11.41 27.26
CA VAL C 206 -35.84 10.08 27.35
C VAL C 206 -36.69 9.26 28.31
N ALA C 207 -37.07 8.04 27.90
CA ALA C 207 -37.93 7.15 28.70
C ALA C 207 -39.20 7.86 29.17
N GLY C 208 -39.74 8.74 28.33
CA GLY C 208 -40.96 9.42 28.68
C GLY C 208 -40.80 10.52 29.70
N VAL C 209 -39.57 10.88 30.04
CA VAL C 209 -39.29 11.96 30.98
C VAL C 209 -39.10 13.26 30.20
N SER C 210 -40.01 14.20 30.38
CA SER C 210 -39.97 15.46 29.64
C SER C 210 -38.78 16.29 30.09
N LEU C 211 -37.87 16.59 29.16
CA LEU C 211 -36.75 17.47 29.48
C LEU C 211 -37.24 18.88 29.78
N LYS C 212 -38.26 19.34 29.05
CA LYS C 212 -38.79 20.67 29.26
C LYS C 212 -39.40 20.81 30.65
N THR C 213 -40.01 19.75 31.18
CA THR C 213 -40.58 19.82 32.52
C THR C 213 -39.48 19.81 33.57
N LEU C 214 -38.44 19.00 33.35
CA LEU C 214 -37.29 19.02 34.25
C LEU C 214 -36.58 20.36 34.21
N HIS C 215 -36.58 21.01 33.04
CA HIS C 215 -35.74 22.18 32.77
C HIS C 215 -36.59 23.18 32.00
N PRO C 216 -37.38 24.01 32.71
CA PRO C 216 -38.37 24.86 32.02
C PRO C 216 -37.78 25.87 31.06
N ASP C 217 -36.51 26.27 31.22
CA ASP C 217 -35.83 27.16 30.27
C ASP C 217 -35.37 26.45 29.01
N LEU C 218 -35.61 25.14 28.87
CA LEU C 218 -35.18 24.38 27.70
C LEU C 218 -35.53 25.10 26.40
N GLY C 219 -34.50 25.39 25.60
CA GLY C 219 -34.66 26.01 24.30
C GLY C 219 -34.85 27.51 24.28
N THR C 220 -34.97 28.17 25.43
CA THR C 220 -35.12 29.62 25.48
C THR C 220 -33.75 30.28 25.53
N ASP C 221 -33.75 31.62 25.40
CA ASP C 221 -32.51 32.37 25.53
C ASP C 221 -32.02 32.40 26.97
N LYS C 222 -32.92 32.23 27.95
CA LYS C 222 -32.53 32.17 29.36
C LYS C 222 -31.82 30.88 29.73
N ASP C 223 -31.77 29.89 28.83
CA ASP C 223 -31.20 28.59 29.11
C ASP C 223 -29.69 28.68 29.28
N LYS C 224 -29.21 28.45 30.50
CA LYS C 224 -27.77 28.51 30.76
C LYS C 224 -27.02 27.42 30.01
N GLU C 225 -27.67 26.30 29.72
CA GLU C 225 -27.05 25.22 28.97
C GLU C 225 -27.23 25.34 27.46
N GLN C 226 -27.97 26.35 27.00
CA GLN C 226 -28.13 26.65 25.57
C GLN C 226 -28.54 25.41 24.77
N TRP C 227 -29.63 24.77 25.20
CA TRP C 227 -30.14 23.66 24.41
C TRP C 227 -30.64 24.12 23.05
N LYS C 228 -30.94 25.41 22.89
CA LYS C 228 -31.29 25.94 21.58
C LYS C 228 -30.17 25.70 20.56
N GLU C 229 -28.92 25.60 21.01
CA GLU C 229 -27.82 25.30 20.11
C GLU C 229 -27.95 23.91 19.49
N VAL C 230 -28.69 22.99 20.12
CA VAL C 230 -28.94 21.70 19.48
C VAL C 230 -29.71 21.89 18.18
N HIS C 231 -30.75 22.73 18.22
CA HIS C 231 -31.49 22.97 16.98
C HIS C 231 -30.68 23.82 16.02
N LYS C 232 -29.93 24.80 16.52
CA LYS C 232 -29.06 25.57 15.63
C LYS C 232 -28.10 24.65 14.87
N GLN C 233 -27.57 23.63 15.55
CA GLN C 233 -26.64 22.70 14.89
C GLN C 233 -27.37 21.75 13.95
N VAL C 234 -28.64 21.46 14.20
CA VAL C 234 -29.41 20.72 13.20
C VAL C 234 -29.33 21.42 11.85
N VAL C 235 -29.44 22.74 11.85
CA VAL C 235 -29.35 23.55 10.63
C VAL C 235 -27.90 23.71 10.19
N GLU C 236 -27.03 24.16 11.08
CA GLU C 236 -25.66 24.49 10.68
C GLU C 236 -24.88 23.24 10.24
N SER C 237 -25.10 22.09 10.89
CA SER C 237 -24.28 20.93 10.53
C SER C 237 -24.51 20.48 9.09
N ALA C 238 -25.72 20.67 8.56
CA ALA C 238 -25.93 20.32 7.15
C ALA C 238 -25.07 21.22 6.26
N TYR C 239 -25.11 22.52 6.51
CA TYR C 239 -24.24 23.45 5.77
C TYR C 239 -22.77 23.13 5.98
N GLU C 240 -22.41 22.67 7.18
CA GLU C 240 -21.00 22.35 7.42
C GLU C 240 -20.58 21.15 6.58
N VAL C 241 -21.39 20.09 6.56
CA VAL C 241 -21.07 18.93 5.73
C VAL C 241 -20.97 19.34 4.27
N ILE C 242 -21.90 20.18 3.80
CA ILE C 242 -21.82 20.66 2.42
C ILE C 242 -20.49 21.37 2.18
N LYS C 243 -20.06 22.19 3.14
CA LYS C 243 -18.78 22.90 2.99
C LYS C 243 -17.60 21.94 2.98
N LEU C 244 -17.62 20.92 3.86
CA LEU C 244 -16.45 20.07 4.04
C LEU C 244 -16.29 19.04 2.93
N LYS C 245 -17.39 18.38 2.52
CA LYS C 245 -17.29 17.36 1.48
C LYS C 245 -18.01 17.71 0.19
N GLY C 246 -18.73 18.84 0.13
CA GLY C 246 -19.34 19.29 -1.10
C GLY C 246 -20.84 19.07 -1.20
N TYR C 247 -21.37 18.15 -0.40
CA TYR C 247 -22.76 17.71 -0.49
C TYR C 247 -22.99 16.80 0.71
N THR C 248 -24.25 16.45 0.96
CA THR C 248 -24.57 15.38 1.91
C THR C 248 -25.20 14.23 1.16
N SER C 249 -24.98 13.02 1.67
CA SER C 249 -25.51 11.85 0.97
C SER C 249 -25.83 10.67 1.89
N TRP C 250 -24.91 10.31 2.81
CA TRP C 250 -25.11 9.07 3.54
C TRP C 250 -26.31 9.15 4.48
N ALA C 251 -26.44 10.25 5.24
CA ALA C 251 -27.53 10.34 6.22
C ALA C 251 -28.89 10.43 5.53
N ILE C 252 -28.99 11.19 4.42
CA ILE C 252 -30.24 11.25 3.70
C ILE C 252 -30.58 9.89 3.09
N GLY C 253 -29.56 9.18 2.60
CA GLY C 253 -29.81 7.85 2.07
C GLY C 253 -30.38 6.91 3.10
N LEU C 254 -29.81 6.93 4.31
CA LEU C 254 -30.29 6.06 5.39
C LEU C 254 -31.70 6.46 5.82
N SER C 255 -31.97 7.76 5.92
CA SER C 255 -33.30 8.20 6.32
C SER C 255 -34.36 7.87 5.27
N VAL C 256 -34.00 7.96 3.97
CA VAL C 256 -34.93 7.58 2.91
C VAL C 256 -35.21 6.07 2.95
N ALA C 257 -34.18 5.25 3.19
CA ALA C 257 -34.43 3.81 3.28
C ALA C 257 -35.31 3.48 4.47
N ASP C 258 -35.19 4.25 5.56
CA ASP C 258 -36.05 4.04 6.72
C ASP C 258 -37.52 4.32 6.37
N LEU C 259 -37.79 5.40 5.63
CA LEU C 259 -39.15 5.66 5.18
C LEU C 259 -39.62 4.56 4.25
N ALA C 260 -38.75 4.14 3.33
CA ALA C 260 -39.11 3.07 2.40
C ALA C 260 -39.43 1.80 3.16
N GLU C 261 -38.71 1.54 4.25
CA GLU C 261 -38.99 0.35 5.05
C GLU C 261 -40.41 0.38 5.60
N SER C 262 -40.84 1.52 6.14
CA SER C 262 -42.19 1.59 6.68
C SER C 262 -43.24 1.41 5.59
N ILE C 263 -42.99 1.99 4.41
CA ILE C 263 -43.97 1.90 3.32
C ILE C 263 -44.01 0.47 2.77
N MET C 264 -42.86 -0.09 2.44
CA MET C 264 -42.81 -1.42 1.82
C MET C 264 -43.30 -2.54 2.74
N LYS C 265 -43.11 -2.42 4.06
CA LYS C 265 -43.53 -3.45 4.99
C LYS C 265 -44.81 -3.10 5.76
N ASN C 266 -45.42 -1.95 5.46
CA ASN C 266 -46.68 -1.55 6.05
C ASN C 266 -46.60 -1.46 7.57
N LEU C 267 -45.54 -0.82 8.07
CA LEU C 267 -45.26 -0.87 9.50
C LEU C 267 -46.17 0.04 10.31
N ARG C 268 -46.66 1.13 9.73
CA ARG C 268 -47.45 2.13 10.46
C ARG C 268 -46.63 2.72 11.61
N ARG C 269 -45.34 2.92 11.37
CA ARG C 269 -44.50 3.76 12.21
C ARG C 269 -44.77 5.23 11.91
N VAL C 270 -44.37 6.09 12.84
CA VAL C 270 -44.55 7.53 12.73
C VAL C 270 -43.24 8.18 12.35
N HIS C 271 -43.26 8.99 11.28
CA HIS C 271 -42.08 9.70 10.78
C HIS C 271 -42.41 11.17 10.57
N PRO C 272 -41.42 12.07 10.75
CA PRO C 272 -41.67 13.47 10.38
C PRO C 272 -41.40 13.67 8.90
N VAL C 273 -42.45 13.64 8.08
CA VAL C 273 -42.33 13.80 6.64
C VAL C 273 -43.28 14.91 6.18
N SER C 274 -43.03 15.42 4.99
CA SER C 274 -43.78 16.56 4.49
C SER C 274 -45.07 16.10 3.81
N THR C 275 -46.20 16.66 4.26
CA THR C 275 -47.52 16.27 3.77
C THR C 275 -48.40 17.50 3.58
N MET C 276 -49.42 17.35 2.73
CA MET C 276 -50.33 18.45 2.42
C MET C 276 -51.18 18.77 3.64
N ILE C 277 -50.91 19.89 4.29
CA ILE C 277 -51.37 20.13 5.65
C ILE C 277 -52.53 21.11 5.71
N LYS C 278 -53.09 21.51 4.56
CA LYS C 278 -54.21 22.43 4.57
C LYS C 278 -55.37 21.87 5.39
N GLY C 279 -55.94 22.72 6.26
CA GLY C 279 -57.02 22.33 7.13
C GLY C 279 -56.59 21.87 8.52
N LEU C 280 -55.30 21.62 8.70
CA LEU C 280 -54.72 21.18 9.96
C LEU C 280 -53.63 22.17 10.36
N TYR C 281 -53.36 22.26 11.67
CA TYR C 281 -52.31 23.14 12.20
C TYR C 281 -52.52 24.60 11.80
N GLY C 282 -53.77 25.01 11.57
CA GLY C 282 -54.13 26.39 11.28
C GLY C 282 -53.76 26.89 9.89
N ILE C 283 -53.18 26.05 9.05
CA ILE C 283 -52.82 26.43 7.69
C ILE C 283 -54.02 26.39 6.76
N LYS C 284 -54.16 27.43 5.93
CA LYS C 284 -55.29 27.56 5.03
C LYS C 284 -54.92 27.52 3.56
N ASP C 285 -53.65 27.32 3.21
CA ASP C 285 -53.23 27.20 1.81
C ASP C 285 -52.70 25.81 1.50
N ASP C 286 -52.66 25.49 0.20
CA ASP C 286 -52.11 24.22 -0.29
C ASP C 286 -50.59 24.22 -0.20
N VAL C 287 -50.05 23.78 0.93
CA VAL C 287 -48.60 23.69 1.13
C VAL C 287 -48.28 22.39 1.85
N PHE C 288 -47.01 22.00 1.76
CA PHE C 288 -46.49 20.80 2.39
C PHE C 288 -45.55 21.19 3.52
N LEU C 289 -45.84 20.69 4.72
CA LEU C 289 -44.97 20.88 5.86
C LEU C 289 -44.84 19.55 6.59
N SER C 290 -43.74 19.39 7.32
CA SER C 290 -43.51 18.14 8.01
C SER C 290 -44.27 18.12 9.32
N VAL C 291 -45.08 17.08 9.51
CA VAL C 291 -45.71 16.77 10.79
C VAL C 291 -45.49 15.27 11.01
N PRO C 292 -45.72 14.72 12.19
CA PRO C 292 -45.55 13.27 12.36
C PRO C 292 -46.65 12.53 11.63
N CYS C 293 -46.25 11.69 10.66
CA CYS C 293 -47.19 10.92 9.84
C CYS C 293 -47.00 9.43 10.04
N ILE C 294 -48.10 8.72 10.03
CA ILE C 294 -48.11 7.25 10.08
C ILE C 294 -47.97 6.75 8.65
N LEU C 295 -46.92 5.97 8.39
CA LEU C 295 -46.54 5.53 7.06
C LEU C 295 -46.79 4.03 6.90
N GLY C 296 -47.41 3.65 5.78
CA GLY C 296 -47.64 2.25 5.49
C GLY C 296 -47.79 1.99 3.99
N GLN C 297 -48.43 0.86 3.65
CA GLN C 297 -48.49 0.47 2.24
C GLN C 297 -49.36 1.42 1.43
N ASN C 298 -50.17 2.25 2.08
CA ASN C 298 -50.96 3.26 1.39
C ASN C 298 -50.33 4.65 1.50
N GLY C 299 -49.07 4.74 1.92
CA GLY C 299 -48.45 6.04 2.11
C GLY C 299 -48.82 6.59 3.47
N ILE C 300 -49.21 7.87 3.51
CA ILE C 300 -49.62 8.54 4.73
C ILE C 300 -51.10 8.24 4.95
N SER C 301 -51.41 7.32 5.87
CA SER C 301 -52.80 7.01 6.16
C SER C 301 -53.39 7.92 7.23
N ASP C 302 -52.52 8.42 8.12
CA ASP C 302 -52.93 9.21 9.27
C ASP C 302 -51.79 10.14 9.62
N LEU C 303 -52.09 11.19 10.39
CA LEU C 303 -51.04 12.03 10.94
C LEU C 303 -51.37 12.41 12.38
N VAL C 304 -50.32 12.67 13.15
CA VAL C 304 -50.44 13.06 14.55
C VAL C 304 -50.64 14.56 14.65
N LYS C 305 -51.62 14.97 15.45
CA LYS C 305 -51.86 16.38 15.73
C LYS C 305 -51.08 16.77 16.97
N VAL C 306 -49.88 17.31 16.77
CA VAL C 306 -49.03 17.72 17.88
C VAL C 306 -49.61 18.97 18.52
N THR C 307 -49.67 18.99 19.86
CA THR C 307 -50.07 20.19 20.58
C THR C 307 -48.92 21.20 20.53
N LEU C 308 -49.19 22.36 19.95
CA LEU C 308 -48.19 23.39 19.76
C LEU C 308 -48.43 24.61 20.64
N THR C 309 -47.35 25.28 21.01
CA THR C 309 -47.49 26.58 21.64
C THR C 309 -47.90 27.62 20.61
N SER C 310 -48.27 28.80 21.10
CA SER C 310 -48.62 29.91 20.21
C SER C 310 -47.47 30.26 19.28
N GLU C 311 -46.24 30.28 19.80
CA GLU C 311 -45.09 30.61 18.96
C GLU C 311 -44.86 29.54 17.90
N GLU C 312 -44.94 28.26 18.28
CA GLU C 312 -44.73 27.19 17.31
C GLU C 312 -45.80 27.23 16.22
N GLU C 313 -47.06 27.46 16.60
CA GLU C 313 -48.12 27.55 15.59
C GLU C 313 -47.91 28.74 14.67
N ALA C 314 -47.50 29.88 15.21
CA ALA C 314 -47.26 31.05 14.38
C ALA C 314 -46.09 30.82 13.41
N ARG C 315 -45.08 30.05 13.84
CA ARG C 315 -43.96 29.75 12.95
C ARG C 315 -44.40 28.86 11.79
N LEU C 316 -45.24 27.86 12.05
CA LEU C 316 -45.72 27.01 10.97
C LEU C 316 -46.61 27.79 10.00
N LYS C 317 -47.49 28.64 10.53
CA LYS C 317 -48.34 29.46 9.65
C LYS C 317 -47.49 30.39 8.81
N LYS C 318 -46.43 30.95 9.39
CA LYS C 318 -45.54 31.81 8.63
C LYS C 318 -44.82 31.04 7.53
N SER C 319 -44.39 29.80 7.82
CA SER C 319 -43.82 28.94 6.78
C SER C 319 -44.82 28.70 5.65
N ALA C 320 -46.07 28.40 6.01
CA ALA C 320 -47.10 28.18 5.00
C ALA C 320 -47.32 29.44 4.15
N ASP C 321 -47.39 30.61 4.78
CA ASP C 321 -47.54 31.84 4.00
C ASP C 321 -46.37 32.01 3.03
N THR C 322 -45.16 31.75 3.50
CA THR C 322 -43.97 31.88 2.66
C THR C 322 -43.95 30.87 1.53
N LEU C 323 -44.30 29.61 1.81
CA LEU C 323 -44.36 28.60 0.77
C LEU C 323 -45.40 28.93 -0.29
N TRP C 324 -46.59 29.39 0.14
CA TRP C 324 -47.64 29.72 -0.81
C TRP C 324 -47.23 30.89 -1.71
N GLY C 325 -46.55 31.89 -1.14
CA GLY C 325 -46.09 33.01 -1.95
C GLY C 325 -45.10 32.57 -3.02
N ILE C 326 -44.20 31.67 -2.68
CA ILE C 326 -43.22 31.17 -3.66
C ILE C 326 -43.90 30.33 -4.72
N GLN C 327 -44.85 29.48 -4.32
CA GLN C 327 -45.42 28.56 -5.29
C GLN C 327 -46.18 29.30 -6.39
N LYS C 328 -46.93 30.34 -6.02
CA LYS C 328 -47.63 31.11 -7.05
C LYS C 328 -46.67 31.90 -7.93
N GLU C 329 -45.40 32.03 -7.55
CA GLU C 329 -44.42 32.69 -8.42
C GLU C 329 -43.71 31.69 -9.32
N LEU C 330 -44.02 30.41 -9.20
CA LEU C 330 -43.48 29.36 -10.06
C LEU C 330 -44.44 29.10 -11.22
N GLN C 331 -43.86 28.77 -12.37
CA GLN C 331 -44.63 28.53 -13.58
C GLN C 331 -44.83 27.03 -13.75
N PHE C 332 -46.09 26.61 -13.86
CA PHE C 332 -46.36 25.19 -14.03
C PHE C 332 -46.67 24.96 -15.50
N ALA D 2 38.63 38.85 -56.99
CA ALA D 2 38.37 37.48 -56.57
C ALA D 2 38.76 37.32 -55.11
N THR D 3 38.05 36.46 -54.39
CA THR D 3 38.38 36.25 -52.99
C THR D 3 39.70 35.50 -52.85
N LEU D 4 40.27 35.57 -51.65
CA LEU D 4 41.50 34.84 -51.38
C LEU D 4 41.31 33.35 -51.61
N LYS D 5 40.19 32.79 -51.15
CA LYS D 5 39.93 31.37 -51.36
C LYS D 5 39.93 31.01 -52.84
N ASP D 6 39.29 31.86 -53.67
CA ASP D 6 39.24 31.60 -55.11
C ASP D 6 40.57 31.90 -55.78
N GLN D 7 41.32 32.86 -55.24
CA GLN D 7 42.69 33.07 -55.72
C GLN D 7 43.55 31.84 -55.46
N LEU D 8 43.34 31.21 -54.31
CA LEU D 8 44.19 30.09 -53.90
C LEU D 8 43.73 28.76 -54.51
N ILE D 9 42.42 28.56 -54.65
CA ILE D 9 41.86 27.24 -54.95
C ILE D 9 40.95 27.32 -56.16
N TYR D 10 41.16 26.42 -57.12
CA TYR D 10 40.28 26.24 -58.27
C TYR D 10 39.33 25.09 -58.01
N ASN D 11 38.03 25.35 -58.13
CA ASN D 11 37.03 24.35 -57.80
C ASN D 11 36.69 23.53 -59.06
N LEU D 12 36.78 22.20 -58.93
CA LEU D 12 36.42 21.28 -60.01
C LEU D 12 34.98 20.81 -59.89
N LEU D 13 34.52 20.53 -58.67
CA LEU D 13 33.21 19.95 -58.45
C LEU D 13 32.44 20.79 -57.46
N LYS D 14 31.31 21.32 -57.90
CA LYS D 14 30.29 21.86 -57.02
C LYS D 14 29.31 20.72 -56.85
N GLU D 15 29.31 20.08 -55.67
CA GLU D 15 28.54 18.85 -55.53
C GLU D 15 28.00 18.73 -54.11
N GLU D 16 26.89 18.01 -53.98
CA GLU D 16 26.25 17.77 -52.70
C GLU D 16 26.90 16.58 -52.00
N GLN D 17 27.57 16.84 -50.88
CA GLN D 17 28.15 15.81 -50.04
C GLN D 17 27.08 14.83 -49.54
N THR D 18 27.25 13.54 -49.83
CA THR D 18 26.38 12.52 -49.28
C THR D 18 27.21 11.60 -48.37
N PRO D 19 26.83 11.42 -47.11
CA PRO D 19 27.71 10.72 -46.16
C PRO D 19 27.73 9.22 -46.39
N GLN D 20 28.94 8.65 -46.31
CA GLN D 20 29.14 7.23 -46.57
C GLN D 20 29.21 6.37 -45.31
N ASN D 21 29.81 6.87 -44.24
CA ASN D 21 29.99 6.07 -43.03
C ASN D 21 29.62 6.95 -41.83
N LYS D 22 28.37 7.35 -41.77
CA LYS D 22 27.92 8.32 -40.80
C LYS D 22 27.40 7.62 -39.56
N ILE D 23 27.78 8.15 -38.40
CA ILE D 23 27.30 7.69 -37.10
C ILE D 23 26.64 8.85 -36.38
N THR D 24 25.53 8.58 -35.72
CA THR D 24 24.87 9.55 -34.83
C THR D 24 24.90 9.04 -33.40
N VAL D 25 25.18 9.95 -32.46
CA VAL D 25 24.99 9.72 -31.03
C VAL D 25 23.88 10.65 -30.55
N VAL D 26 22.85 10.09 -29.94
CA VAL D 26 21.75 10.87 -29.37
C VAL D 26 21.93 10.88 -27.85
N GLY D 27 22.08 12.08 -27.28
CA GLY D 27 22.33 12.24 -25.86
C GLY D 27 23.81 12.48 -25.60
N VAL D 28 24.17 13.71 -25.24
CA VAL D 28 25.58 14.08 -25.11
C VAL D 28 25.93 14.24 -23.63
N GLY D 29 25.40 13.34 -22.79
CA GLY D 29 25.87 13.21 -21.43
C GLY D 29 27.24 12.56 -21.39
N ALA D 30 27.65 12.16 -20.19
CA ALA D 30 28.97 11.54 -20.04
C ALA D 30 29.12 10.30 -20.92
N VAL D 31 28.09 9.46 -20.99
CA VAL D 31 28.17 8.22 -21.76
C VAL D 31 28.22 8.53 -23.25
N GLY D 32 27.32 9.39 -23.73
CA GLY D 32 27.33 9.74 -25.15
C GLY D 32 28.66 10.34 -25.61
N MET D 33 29.25 11.22 -24.80
CA MET D 33 30.51 11.82 -25.23
C MET D 33 31.67 10.83 -25.12
N ALA D 34 31.65 9.92 -24.15
CA ALA D 34 32.65 8.86 -24.14
C ALA D 34 32.53 7.97 -25.38
N CYS D 35 31.29 7.64 -25.77
CA CYS D 35 31.11 6.94 -27.04
C CYS D 35 31.69 7.75 -28.19
N ALA D 36 31.41 9.06 -28.20
CA ALA D 36 31.85 9.92 -29.31
C ALA D 36 33.37 9.95 -29.43
N ILE D 37 34.07 10.19 -28.33
CA ILE D 37 35.52 10.29 -28.44
C ILE D 37 36.12 8.96 -28.86
N SER D 38 35.56 7.85 -28.36
CA SER D 38 36.08 6.53 -28.68
C SER D 38 35.88 6.19 -30.15
N ILE D 39 34.72 6.54 -30.70
CA ILE D 39 34.48 6.35 -32.11
C ILE D 39 35.41 7.24 -32.94
N LEU D 40 35.61 8.49 -32.52
CA LEU D 40 36.48 9.40 -33.25
C LEU D 40 37.93 8.91 -33.25
N MET D 41 38.39 8.37 -32.13
CA MET D 41 39.78 7.96 -32.09
C MET D 41 40.02 6.59 -32.72
N LYS D 42 38.97 5.89 -33.15
CA LYS D 42 39.11 4.63 -33.87
C LYS D 42 38.78 4.77 -35.36
N ASP D 43 38.56 5.99 -35.83
CA ASP D 43 38.31 6.27 -37.25
C ASP D 43 37.18 5.40 -37.81
N LEU D 44 36.07 5.32 -37.07
CA LEU D 44 34.98 4.45 -37.51
C LEU D 44 33.98 5.14 -38.40
N ALA D 45 33.96 6.47 -38.43
CA ALA D 45 32.96 7.21 -39.20
C ALA D 45 33.63 8.32 -40.01
N ASP D 46 33.03 8.67 -41.15
CA ASP D 46 33.47 9.87 -41.85
C ASP D 46 32.64 11.09 -41.49
N GLU D 47 31.57 10.89 -40.73
CA GLU D 47 30.74 11.99 -40.27
C GLU D 47 30.12 11.58 -38.94
N LEU D 48 30.17 12.48 -37.97
CA LEU D 48 29.59 12.24 -36.67
C LEU D 48 28.58 13.33 -36.39
N ALA D 49 27.35 12.94 -36.07
CA ALA D 49 26.29 13.86 -35.68
C ALA D 49 25.91 13.63 -34.24
N LEU D 50 25.68 14.71 -33.51
CA LEU D 50 25.25 14.66 -32.11
C LEU D 50 23.90 15.33 -31.96
N VAL D 51 23.03 14.75 -31.14
CA VAL D 51 21.71 15.29 -30.87
C VAL D 51 21.49 15.30 -29.36
N ASP D 52 20.82 16.34 -28.87
CA ASP D 52 20.39 16.41 -27.48
C ASP D 52 19.24 17.41 -27.40
N VAL D 53 18.62 17.51 -26.22
CA VAL D 53 17.61 18.54 -26.02
C VAL D 53 18.17 19.79 -25.35
N ILE D 54 19.31 19.69 -24.67
CA ILE D 54 19.96 20.85 -24.07
C ILE D 54 20.84 21.48 -25.14
N GLU D 55 20.42 22.63 -25.65
CA GLU D 55 21.03 23.18 -26.85
C GLU D 55 22.46 23.68 -26.59
N ASP D 56 22.66 24.46 -25.52
CA ASP D 56 23.98 25.02 -25.23
CA ASP D 56 23.99 25.02 -25.29
C ASP D 56 25.00 23.92 -25.00
N LYS D 57 24.66 22.96 -24.15
CA LYS D 57 25.53 21.82 -23.90
C LYS D 57 25.89 21.10 -25.19
N LEU D 58 24.88 20.86 -26.05
CA LEU D 58 25.10 20.18 -27.31
C LEU D 58 26.09 20.94 -28.20
N LYS D 59 25.89 22.26 -28.34
CA LYS D 59 26.78 23.04 -29.19
C LYS D 59 28.19 23.11 -28.62
N GLY D 60 28.31 23.21 -27.29
CA GLY D 60 29.63 23.27 -26.66
C GLY D 60 30.43 21.99 -26.84
N GLU D 61 29.79 20.82 -26.68
CA GLU D 61 30.50 19.57 -26.92
C GLU D 61 30.92 19.45 -28.37
N MET D 62 30.02 19.80 -29.30
CA MET D 62 30.38 19.78 -30.71
C MET D 62 31.59 20.67 -30.98
N MET D 63 31.56 21.90 -30.48
CA MET D 63 32.67 22.82 -30.72
C MET D 63 33.97 22.27 -30.12
N ASP D 64 33.88 21.71 -28.92
CA ASP D 64 35.07 21.10 -28.29
C ASP D 64 35.67 20.02 -29.18
N LEU D 65 34.83 19.12 -29.70
CA LEU D 65 35.32 18.09 -30.63
C LEU D 65 35.88 18.72 -31.91
N GLN D 66 35.20 19.72 -32.45
CA GLN D 66 35.66 20.35 -33.69
C GLN D 66 37.04 20.97 -33.51
N HIS D 67 37.29 21.56 -32.34
CA HIS D 67 38.59 22.19 -32.06
C HIS D 67 39.74 21.21 -32.03
N GLY D 68 39.45 19.91 -31.89
CA GLY D 68 40.44 18.86 -32.01
C GLY D 68 40.56 18.23 -33.39
N SER D 69 39.95 18.83 -34.42
CA SER D 69 39.92 18.22 -35.75
C SER D 69 41.31 17.94 -36.29
N LEU D 70 42.28 18.82 -36.03
CA LEU D 70 43.65 18.60 -36.47
C LEU D 70 44.18 17.22 -36.07
N PHE D 71 43.68 16.68 -34.97
CA PHE D 71 44.20 15.43 -34.43
C PHE D 71 43.34 14.23 -34.78
N LEU D 72 42.32 14.42 -35.61
CA LEU D 72 41.35 13.38 -35.94
C LEU D 72 41.33 13.14 -37.45
N ARG D 73 40.61 12.10 -37.85
CA ARG D 73 40.44 11.78 -39.27
C ARG D 73 38.98 11.51 -39.56
N THR D 74 38.12 12.28 -38.90
CA THR D 74 36.67 12.32 -39.12
C THR D 74 36.32 13.74 -39.54
N PRO D 75 36.15 14.00 -40.83
CA PRO D 75 36.21 15.39 -41.31
C PRO D 75 34.99 16.24 -41.00
N LYS D 76 33.84 15.65 -40.67
CA LYS D 76 32.62 16.42 -40.44
C LYS D 76 32.03 16.05 -39.08
N ILE D 77 31.89 17.03 -38.20
CA ILE D 77 31.23 16.88 -36.92
C ILE D 77 30.12 17.91 -36.86
N VAL D 78 28.87 17.45 -36.74
CA VAL D 78 27.71 18.32 -36.73
C VAL D 78 26.84 17.96 -35.53
N SER D 79 25.90 18.86 -35.22
CA SER D 79 24.97 18.63 -34.13
C SER D 79 23.75 19.51 -34.29
N GLY D 80 22.70 19.14 -33.57
CA GLY D 80 21.49 19.95 -33.54
C GLY D 80 20.36 19.25 -32.84
N LYS D 81 19.36 20.01 -32.39
CA LYS D 81 18.16 19.42 -31.80
C LYS D 81 17.24 18.86 -32.87
N ASP D 82 17.32 19.37 -34.09
CA ASP D 82 16.52 18.86 -35.20
C ASP D 82 17.21 17.64 -35.80
N TYR D 83 16.44 16.60 -36.09
CA TYR D 83 17.02 15.33 -36.55
C TYR D 83 17.45 15.34 -38.02
N ASN D 84 17.26 16.44 -38.76
CA ASN D 84 17.81 16.45 -40.12
C ASN D 84 19.32 16.35 -40.13
N VAL D 85 20.00 16.68 -39.02
CA VAL D 85 21.45 16.52 -38.99
C VAL D 85 21.87 15.05 -38.95
N THR D 86 20.96 14.12 -38.68
CA THR D 86 21.28 12.71 -38.57
C THR D 86 21.03 11.93 -39.84
N ALA D 87 20.52 12.58 -40.90
CA ALA D 87 20.07 11.88 -42.10
C ALA D 87 21.14 10.95 -42.65
N ASN D 88 20.70 9.75 -43.06
CA ASN D 88 21.53 8.75 -43.74
C ASN D 88 22.66 8.24 -42.85
N SER D 89 22.38 8.12 -41.55
CA SER D 89 23.34 7.47 -40.66
C SER D 89 23.32 5.97 -40.87
N LYS D 90 24.49 5.35 -40.84
CA LYS D 90 24.52 3.90 -40.89
C LYS D 90 24.22 3.30 -39.52
N LEU D 91 24.61 4.00 -38.45
CA LEU D 91 24.51 3.54 -37.08
C LEU D 91 24.07 4.71 -36.23
N VAL D 92 23.07 4.50 -35.39
CA VAL D 92 22.54 5.53 -34.49
C VAL D 92 22.58 4.97 -33.06
N ILE D 93 23.31 5.64 -32.18
CA ILE D 93 23.59 5.16 -30.84
C ILE D 93 22.77 5.99 -29.88
N ILE D 94 21.94 5.34 -29.07
CA ILE D 94 21.02 6.03 -28.16
C ILE D 94 21.58 5.93 -26.75
N THR D 95 22.02 7.08 -26.22
CA THR D 95 22.47 7.20 -24.83
C THR D 95 21.66 8.25 -24.07
N ALA D 96 20.49 8.61 -24.57
CA ALA D 96 19.69 9.62 -23.93
C ALA D 96 18.96 9.05 -22.72
N GLY D 97 18.70 9.91 -21.74
CA GLY D 97 17.95 9.49 -20.57
C GLY D 97 17.60 10.68 -19.71
N ALA D 98 16.66 10.44 -18.80
CA ALA D 98 16.25 11.41 -17.80
C ALA D 98 17.22 11.36 -16.63
N ARG D 99 17.21 12.42 -15.82
CA ARG D 99 18.06 12.48 -14.64
C ARG D 99 17.28 11.99 -13.44
N GLN D 100 17.83 11.02 -12.73
CA GLN D 100 17.14 10.55 -11.54
C GLN D 100 17.14 11.66 -10.49
N GLN D 101 15.96 12.04 -10.02
CA GLN D 101 15.89 13.06 -8.98
C GLN D 101 16.07 12.42 -7.62
N GLU D 102 16.50 13.23 -6.65
CA GLU D 102 16.66 12.71 -5.30
C GLU D 102 15.31 12.18 -4.80
N GLY D 103 15.32 10.95 -4.30
CA GLY D 103 14.10 10.32 -3.82
C GLY D 103 13.19 9.75 -4.90
N GLU D 104 13.66 9.67 -6.15
CA GLU D 104 12.90 9.09 -7.26
C GLU D 104 13.29 7.62 -7.44
N SER D 105 12.30 6.75 -7.62
CA SER D 105 12.52 5.32 -7.80
C SER D 105 12.92 5.00 -9.24
N ARG D 106 13.58 3.83 -9.40
CA ARG D 106 13.94 3.37 -10.74
C ARG D 106 12.70 3.18 -11.60
N LEU D 107 11.60 2.71 -11.01
CA LEU D 107 10.37 2.50 -11.77
C LEU D 107 9.91 3.78 -12.46
N ASN D 108 10.04 4.92 -11.78
CA ASN D 108 9.67 6.20 -12.37
C ASN D 108 10.61 6.57 -13.52
N LEU D 109 11.90 6.25 -13.39
CA LEU D 109 12.86 6.53 -14.45
C LEU D 109 12.51 5.79 -15.73
N VAL D 110 12.01 4.57 -15.61
CA VAL D 110 11.74 3.74 -16.79
C VAL D 110 10.70 4.42 -17.69
N GLN D 111 9.60 4.88 -17.11
CA GLN D 111 8.56 5.52 -17.93
C GLN D 111 9.04 6.84 -18.51
N ARG D 112 9.86 7.60 -17.77
CA ARG D 112 10.43 8.82 -18.33
C ARG D 112 11.36 8.50 -19.49
N ASN D 113 12.15 7.44 -19.39
CA ASN D 113 13.02 7.06 -20.50
C ASN D 113 12.22 6.52 -21.68
N VAL D 114 11.14 5.78 -21.40
CA VAL D 114 10.24 5.37 -22.47
C VAL D 114 9.67 6.58 -23.20
N ASN D 115 9.23 7.59 -22.44
CA ASN D 115 8.71 8.80 -23.06
C ASN D 115 9.77 9.50 -23.89
N ILE D 116 11.02 9.48 -23.43
CA ILE D 116 12.11 10.05 -24.22
C ILE D 116 12.29 9.27 -25.52
N PHE D 117 12.22 7.94 -25.45
CA PHE D 117 12.35 7.12 -26.67
C PHE D 117 11.20 7.34 -27.63
N LYS D 118 9.99 7.58 -27.11
CA LYS D 118 8.86 7.84 -28.00
C LYS D 118 9.03 9.14 -28.77
N PHE D 119 9.79 10.10 -28.24
CA PHE D 119 10.11 11.28 -29.03
C PHE D 119 11.27 11.01 -29.98
N ILE D 120 12.29 10.28 -29.51
CA ILE D 120 13.53 10.13 -30.27
C ILE D 120 13.34 9.20 -31.46
N ILE D 121 12.82 7.98 -31.22
CA ILE D 121 12.93 6.92 -32.22
C ILE D 121 12.19 7.25 -33.52
N PRO D 122 10.96 7.79 -33.49
CA PRO D 122 10.32 8.13 -34.78
C PRO D 122 11.11 9.14 -35.59
N ASN D 123 11.77 10.10 -34.92
CA ASN D 123 12.57 11.08 -35.64
C ASN D 123 13.82 10.46 -36.21
N VAL D 124 14.43 9.52 -35.48
CA VAL D 124 15.59 8.81 -36.01
C VAL D 124 15.20 8.04 -37.26
N VAL D 125 14.12 7.27 -37.16
CA VAL D 125 13.66 6.46 -38.29
C VAL D 125 13.35 7.34 -39.49
N LYS D 126 12.79 8.53 -39.25
CA LYS D 126 12.43 9.41 -40.37
C LYS D 126 13.64 9.73 -41.25
N TYR D 127 14.79 10.00 -40.65
CA TYR D 127 15.94 10.46 -41.42
C TYR D 127 16.99 9.38 -41.71
N SER D 128 16.93 8.23 -41.04
CA SER D 128 17.81 7.11 -41.35
C SER D 128 16.99 5.82 -41.27
N PRO D 129 16.08 5.61 -42.22
CA PRO D 129 15.22 4.41 -42.15
C PRO D 129 15.97 3.09 -42.25
N ASN D 130 17.18 3.07 -42.82
CA ASN D 130 17.93 1.82 -42.97
C ASN D 130 19.04 1.66 -41.93
N CYS D 131 19.11 2.51 -40.91
CA CYS D 131 20.24 2.45 -39.99
C CYS D 131 20.16 1.22 -39.09
N LYS D 132 21.27 0.92 -38.43
CA LYS D 132 21.28 0.06 -37.26
C LYS D 132 21.13 0.90 -36.00
N LEU D 133 20.27 0.43 -35.09
CA LEU D 133 20.02 1.09 -33.82
C LEU D 133 20.77 0.35 -32.73
N LEU D 134 21.61 1.09 -32.00
CA LEU D 134 22.37 0.56 -30.86
C LEU D 134 21.90 1.27 -29.60
N ILE D 135 21.25 0.54 -28.71
CA ILE D 135 20.60 1.11 -27.53
C ILE D 135 21.54 0.93 -26.34
N VAL D 136 21.89 2.05 -25.69
CA VAL D 136 22.74 2.01 -24.51
C VAL D 136 22.01 2.45 -23.23
N SER D 137 21.03 3.34 -23.33
CA SER D 137 20.33 3.87 -22.16
C SER D 137 19.71 2.75 -21.31
N ASN D 138 19.72 2.96 -19.92
CA ASN D 138 19.17 1.93 -19.05
C ASN D 138 17.76 2.25 -18.60
N PRO D 139 16.91 1.25 -18.30
CA PRO D 139 17.23 -0.20 -18.37
C PRO D 139 17.34 -0.73 -19.80
N VAL D 140 18.53 -1.25 -20.12
CA VAL D 140 18.90 -1.36 -21.52
C VAL D 140 18.08 -2.43 -22.23
N ASP D 141 17.80 -3.56 -21.55
CA ASP D 141 17.04 -4.61 -22.22
C ASP D 141 15.59 -4.18 -22.45
N ILE D 142 15.00 -3.51 -21.47
CA ILE D 142 13.63 -3.00 -21.64
C ILE D 142 13.61 -1.95 -22.75
N LEU D 143 14.57 -1.02 -22.71
CA LEU D 143 14.58 0.08 -23.67
C LEU D 143 14.92 -0.39 -25.07
N THR D 144 15.68 -1.48 -25.20
CA THR D 144 15.90 -2.03 -26.54
C THR D 144 14.61 -2.60 -27.12
N TYR D 145 13.81 -3.31 -26.30
CA TYR D 145 12.48 -3.73 -26.72
C TYR D 145 11.65 -2.54 -27.16
N VAL D 146 11.66 -1.47 -26.36
CA VAL D 146 10.87 -0.28 -26.67
C VAL D 146 11.30 0.30 -28.01
N ALA D 147 12.61 0.43 -28.20
CA ALA D 147 13.14 0.94 -29.45
C ALA D 147 12.73 0.07 -30.63
N TRP D 148 12.79 -1.25 -30.45
CA TRP D 148 12.36 -2.15 -31.51
C TRP D 148 10.88 -1.95 -31.82
N LYS D 149 10.03 -1.84 -30.79
CA LYS D 149 8.60 -1.68 -31.01
C LYS D 149 8.29 -0.37 -31.72
N ILE D 150 8.90 0.74 -31.29
CA ILE D 150 8.57 2.03 -31.89
C ILE D 150 9.11 2.13 -33.30
N SER D 151 10.34 1.65 -33.52
CA SER D 151 10.97 1.80 -34.83
C SER D 151 10.27 1.01 -35.92
N GLY D 152 9.72 -0.17 -35.60
CA GLY D 152 9.26 -1.06 -36.64
C GLY D 152 10.38 -1.81 -37.35
N PHE D 153 11.63 -1.61 -36.94
CA PHE D 153 12.76 -2.23 -37.61
C PHE D 153 12.72 -3.75 -37.46
N PRO D 154 13.31 -4.48 -38.41
CA PRO D 154 13.55 -5.91 -38.20
C PRO D 154 14.54 -6.10 -37.06
N LYS D 155 14.48 -7.28 -36.44
CA LYS D 155 15.23 -7.49 -35.20
C LYS D 155 16.73 -7.48 -35.40
N ASN D 156 17.21 -7.78 -36.61
CA ASN D 156 18.66 -7.74 -36.84
C ASN D 156 19.23 -6.33 -36.69
N ARG D 157 18.39 -5.30 -36.80
CA ARG D 157 18.85 -3.92 -36.80
C ARG D 157 18.59 -3.17 -35.49
N VAL D 158 18.15 -3.87 -34.44
CA VAL D 158 17.97 -3.24 -33.14
C VAL D 158 18.83 -4.02 -32.15
N ILE D 159 19.87 -3.37 -31.64
CA ILE D 159 20.87 -4.00 -30.79
C ILE D 159 20.97 -3.22 -29.48
N GLY D 160 20.94 -3.92 -28.35
CA GLY D 160 21.20 -3.31 -27.05
C GLY D 160 22.61 -3.67 -26.59
N SER D 161 23.31 -2.69 -26.01
CA SER D 161 24.66 -2.94 -25.50
CA SER D 161 24.66 -2.96 -25.52
C SER D 161 24.68 -4.17 -24.59
N GLY D 162 23.62 -4.36 -23.82
CA GLY D 162 23.42 -5.59 -23.08
C GLY D 162 24.58 -5.94 -22.16
N CYS D 163 25.09 -7.15 -22.32
CA CYS D 163 26.12 -7.70 -21.45
C CYS D 163 27.51 -7.60 -22.06
N ASN D 164 27.68 -6.80 -23.12
CA ASN D 164 29.01 -6.60 -23.68
C ASN D 164 29.98 -6.05 -22.65
N LEU D 165 29.55 -5.00 -21.94
CA LEU D 165 30.40 -4.42 -20.89
C LEU D 165 30.50 -5.35 -19.69
N ASP D 166 29.40 -6.02 -19.33
CA ASP D 166 29.47 -6.98 -18.23
C ASP D 166 30.51 -8.04 -18.50
N SER D 167 30.55 -8.57 -19.72
CA SER D 167 31.54 -9.58 -20.07
C SER D 167 32.95 -8.99 -20.09
N ALA D 168 33.10 -7.73 -20.52
CA ALA D 168 34.42 -7.10 -20.48
C ALA D 168 34.93 -6.98 -19.04
N ARG D 169 34.06 -6.62 -18.11
CA ARG D 169 34.46 -6.59 -16.70
C ARG D 169 34.80 -7.99 -16.21
N PHE D 170 34.00 -8.98 -16.60
CA PHE D 170 34.29 -10.36 -16.21
C PHE D 170 35.69 -10.77 -16.63
N ARG D 171 36.03 -10.48 -17.89
CA ARG D 171 37.34 -10.87 -18.42
C ARG D 171 38.46 -10.04 -17.79
N TYR D 172 38.21 -8.77 -17.47
CA TYR D 172 39.20 -8.01 -16.71
C TYR D 172 39.46 -8.65 -15.35
N LEU D 173 38.39 -8.98 -14.62
CA LEU D 173 38.56 -9.54 -13.28
C LEU D 173 39.20 -10.94 -13.33
N MET D 174 38.80 -11.75 -14.32
CA MET D 174 39.43 -13.04 -14.52
C MET D 174 40.91 -12.87 -14.82
N GLY D 175 41.27 -11.91 -15.68
CA GLY D 175 42.67 -11.65 -15.95
C GLY D 175 43.46 -11.20 -14.73
N GLU D 176 42.82 -10.43 -13.84
CA GLU D 176 43.49 -10.04 -12.61
CA GLU D 176 43.43 -10.04 -12.58
C GLU D 176 43.84 -11.26 -11.75
N ARG D 177 42.93 -12.24 -11.66
CA ARG D 177 43.21 -13.44 -10.89
C ARG D 177 44.32 -14.29 -11.52
N LEU D 178 44.36 -14.37 -12.84
CA LEU D 178 45.29 -15.29 -13.50
C LEU D 178 46.61 -14.64 -13.92
N GLY D 179 46.70 -13.31 -13.85
CA GLY D 179 47.88 -12.61 -14.34
C GLY D 179 48.01 -12.67 -15.86
N VAL D 180 46.88 -12.62 -16.58
CA VAL D 180 46.81 -12.76 -18.03
C VAL D 180 45.94 -11.62 -18.57
N HIS D 181 46.30 -11.11 -19.75
CA HIS D 181 45.54 -10.02 -20.35
C HIS D 181 44.10 -10.47 -20.62
N PRO D 182 43.10 -9.60 -20.42
CA PRO D 182 41.71 -9.98 -20.71
C PRO D 182 41.49 -10.49 -22.12
N LEU D 183 42.29 -10.03 -23.09
CA LEU D 183 42.16 -10.52 -24.46
C LEU D 183 42.36 -12.04 -24.54
N SER D 184 43.11 -12.61 -23.61
CA SER D 184 43.36 -14.04 -23.61
C SER D 184 42.57 -14.78 -22.54
N CYS D 185 41.75 -14.08 -21.76
CA CYS D 185 40.87 -14.69 -20.77
C CYS D 185 39.45 -14.72 -21.29
N HIS D 186 38.89 -15.91 -21.51
CA HIS D 186 37.59 -16.03 -22.15
C HIS D 186 36.53 -16.44 -21.14
N GLY D 187 35.38 -15.77 -21.19
CA GLY D 187 34.28 -16.02 -20.29
C GLY D 187 33.11 -15.14 -20.66
N TRP D 188 31.89 -15.63 -20.45
CA TRP D 188 30.70 -14.98 -20.99
C TRP D 188 29.69 -14.72 -19.87
N VAL D 189 29.22 -13.48 -19.79
CA VAL D 189 28.11 -13.09 -18.93
C VAL D 189 26.91 -12.80 -19.84
N LEU D 190 25.79 -13.46 -19.59
CA LEU D 190 24.65 -13.44 -20.51
C LEU D 190 23.37 -13.00 -19.79
N GLY D 191 22.29 -12.87 -20.56
CA GLY D 191 21.01 -12.54 -19.98
C GLY D 191 20.82 -11.04 -19.84
N GLU D 192 20.34 -10.62 -18.68
CA GLU D 192 20.10 -9.20 -18.41
C GLU D 192 21.39 -8.47 -18.10
N HIS D 193 21.48 -7.22 -18.54
CA HIS D 193 22.55 -6.35 -18.09
C HIS D 193 22.45 -6.09 -16.58
N GLY D 194 23.57 -6.17 -15.88
CA GLY D 194 23.62 -5.75 -14.49
C GLY D 194 23.26 -6.84 -13.50
N ASP D 195 22.33 -6.51 -12.59
CA ASP D 195 22.12 -7.27 -11.36
C ASP D 195 21.79 -8.73 -11.64
N SER D 196 20.97 -9.01 -12.66
CA SER D 196 20.44 -10.34 -12.91
C SER D 196 21.25 -11.13 -13.94
N SER D 197 22.45 -10.67 -14.34
CA SER D 197 23.20 -11.34 -15.39
C SER D 197 23.65 -12.73 -14.95
N VAL D 198 23.98 -13.57 -15.92
CA VAL D 198 24.27 -14.98 -15.70
C VAL D 198 25.69 -15.30 -16.15
N PRO D 199 26.60 -15.67 -15.25
CA PRO D 199 27.96 -16.09 -15.65
C PRO D 199 27.94 -17.54 -16.12
N VAL D 200 28.44 -17.78 -17.33
CA VAL D 200 28.42 -19.13 -17.92
C VAL D 200 29.75 -19.80 -17.58
N TRP D 201 29.81 -20.45 -16.41
CA TRP D 201 31.07 -20.99 -15.91
C TRP D 201 31.69 -21.99 -16.87
N SER D 202 30.86 -22.74 -17.61
CA SER D 202 31.35 -23.79 -18.50
C SER D 202 32.16 -23.26 -19.67
N GLY D 203 32.04 -21.97 -20.00
CA GLY D 203 32.78 -21.39 -21.11
C GLY D 203 34.05 -20.66 -20.73
N MET D 204 34.32 -20.52 -19.43
CA MET D 204 35.49 -19.81 -18.96
C MET D 204 36.74 -20.62 -19.28
N ASN D 205 37.69 -20.02 -19.99
CA ASN D 205 38.87 -20.79 -20.41
C ASN D 205 40.03 -19.86 -20.76
N VAL D 206 41.24 -20.40 -20.68
CA VAL D 206 42.43 -19.78 -21.27
C VAL D 206 43.03 -20.79 -22.22
N ALA D 207 43.32 -20.36 -23.45
CA ALA D 207 43.87 -21.21 -24.51
C ALA D 207 43.06 -22.48 -24.70
N GLY D 208 41.74 -22.39 -24.53
CA GLY D 208 40.87 -23.53 -24.74
C GLY D 208 40.87 -24.54 -23.63
N VAL D 209 41.51 -24.24 -22.50
CA VAL D 209 41.52 -25.12 -21.34
C VAL D 209 40.37 -24.71 -20.43
N SER D 210 39.40 -25.59 -20.25
CA SER D 210 38.23 -25.30 -19.45
C SER D 210 38.59 -25.15 -17.99
N LEU D 211 38.34 -23.97 -17.41
CA LEU D 211 38.60 -23.80 -15.99
C LEU D 211 37.70 -24.71 -15.15
N LYS D 212 36.45 -24.88 -15.60
CA LYS D 212 35.46 -25.71 -14.90
C LYS D 212 35.86 -27.18 -14.89
N THR D 213 36.49 -27.66 -15.98
CA THR D 213 36.94 -29.06 -15.98
C THR D 213 38.18 -29.25 -15.11
N LEU D 214 39.10 -28.26 -15.11
CA LEU D 214 40.23 -28.31 -14.19
C LEU D 214 39.77 -28.23 -12.74
N HIS D 215 38.70 -27.50 -12.47
CA HIS D 215 38.28 -27.16 -11.11
C HIS D 215 36.76 -27.27 -11.03
N PRO D 216 36.24 -28.48 -10.82
CA PRO D 216 34.78 -28.69 -10.92
C PRO D 216 33.96 -27.87 -9.94
N ASP D 217 34.52 -27.47 -8.81
CA ASP D 217 33.78 -26.60 -7.89
C ASP D 217 33.72 -25.15 -8.35
N LEU D 218 34.34 -24.82 -9.49
CA LEU D 218 34.36 -23.46 -10.01
C LEU D 218 32.98 -22.83 -9.99
N GLY D 219 32.86 -21.69 -9.31
CA GLY D 219 31.63 -20.93 -9.32
C GLY D 219 30.55 -21.44 -8.38
N THR D 220 30.75 -22.57 -7.70
CA THR D 220 29.78 -23.04 -6.73
C THR D 220 30.12 -22.52 -5.34
N ASP D 221 29.22 -22.78 -4.39
CA ASP D 221 29.48 -22.38 -3.00
C ASP D 221 30.57 -23.22 -2.35
N LYS D 222 30.83 -24.44 -2.85
CA LYS D 222 31.92 -25.27 -2.35
C LYS D 222 33.29 -24.78 -2.78
N ASP D 223 33.35 -23.80 -3.68
CA ASP D 223 34.61 -23.33 -4.26
C ASP D 223 35.44 -22.62 -3.19
N LYS D 224 36.56 -23.22 -2.79
CA LYS D 224 37.44 -22.59 -1.81
C LYS D 224 38.06 -21.30 -2.34
N GLU D 225 38.22 -21.17 -3.66
CA GLU D 225 38.74 -19.96 -4.25
C GLU D 225 37.66 -18.93 -4.55
N GLN D 226 36.40 -19.29 -4.33
CA GLN D 226 35.27 -18.37 -4.45
C GLN D 226 35.28 -17.65 -5.81
N TRP D 227 35.35 -18.44 -6.89
CA TRP D 227 35.28 -17.80 -8.20
C TRP D 227 33.95 -17.12 -8.46
N LYS D 228 32.89 -17.49 -7.72
CA LYS D 228 31.63 -16.77 -7.86
C LYS D 228 31.80 -15.28 -7.56
N GLU D 229 32.79 -14.93 -6.72
CA GLU D 229 33.04 -13.52 -6.42
C GLU D 229 33.46 -12.74 -7.67
N VAL D 230 34.02 -13.41 -8.68
CA VAL D 230 34.33 -12.73 -9.93
C VAL D 230 33.07 -12.18 -10.58
N HIS D 231 32.00 -12.98 -10.61
CA HIS D 231 30.75 -12.46 -11.15
C HIS D 231 30.08 -11.46 -10.22
N LYS D 232 30.13 -11.70 -8.91
CA LYS D 232 29.56 -10.72 -7.99
C LYS D 232 30.20 -9.35 -8.20
N GLN D 233 31.51 -9.33 -8.48
CA GLN D 233 32.21 -8.07 -8.70
C GLN D 233 31.86 -7.45 -10.06
N VAL D 234 31.52 -8.27 -11.05
CA VAL D 234 30.98 -7.74 -12.31
C VAL D 234 29.81 -6.82 -12.04
N VAL D 235 28.93 -7.22 -11.13
CA VAL D 235 27.79 -6.39 -10.75
C VAL D 235 28.24 -5.28 -9.80
N GLU D 236 28.92 -5.64 -8.72
CA GLU D 236 29.18 -4.67 -7.66
C GLU D 236 30.14 -3.56 -8.12
N SER D 237 31.12 -3.89 -8.95
CA SER D 237 32.10 -2.89 -9.37
C SER D 237 31.45 -1.76 -10.16
N ALA D 238 30.37 -2.03 -10.91
CA ALA D 238 29.66 -0.96 -11.59
C ALA D 238 29.00 -0.03 -10.57
N TYR D 239 28.31 -0.60 -9.58
CA TYR D 239 27.77 0.24 -8.51
C TYR D 239 28.88 0.99 -7.76
N GLU D 240 30.05 0.38 -7.65
CA GLU D 240 31.14 1.01 -6.92
C GLU D 240 31.63 2.26 -7.66
N VAL D 241 31.84 2.13 -8.98
CA VAL D 241 32.23 3.29 -9.78
C VAL D 241 31.17 4.38 -9.69
N ILE D 242 29.89 4.00 -9.76
CA ILE D 242 28.82 4.99 -9.62
C ILE D 242 28.93 5.68 -8.26
N LYS D 243 29.18 4.91 -7.21
CA LYS D 243 29.32 5.52 -5.91
C LYS D 243 30.55 6.43 -5.86
N LEU D 244 31.66 6.00 -6.47
CA LEU D 244 32.92 6.72 -6.31
C LEU D 244 33.02 7.99 -7.17
N LYS D 245 32.62 7.91 -8.44
CA LYS D 245 32.74 9.06 -9.34
C LYS D 245 31.39 9.60 -9.82
N GLY D 246 30.28 8.98 -9.43
CA GLY D 246 28.95 9.50 -9.72
C GLY D 246 28.21 8.82 -10.83
N TYR D 247 28.92 8.09 -11.70
CA TYR D 247 28.39 7.50 -12.92
C TYR D 247 29.54 6.68 -13.52
N THR D 248 29.22 5.84 -14.50
CA THR D 248 30.27 5.21 -15.30
C THR D 248 30.22 5.77 -16.71
N SER D 249 31.39 5.86 -17.37
CA SER D 249 31.40 6.41 -18.71
C SER D 249 32.48 5.81 -19.63
N TRP D 250 33.71 5.70 -19.13
CA TRP D 250 34.82 5.33 -20.04
C TRP D 250 34.68 3.91 -20.57
N ALA D 251 34.36 2.95 -19.69
CA ALA D 251 34.29 1.56 -20.14
C ALA D 251 33.12 1.34 -21.09
N ILE D 252 31.96 1.96 -20.82
CA ILE D 252 30.82 1.82 -21.75
C ILE D 252 31.17 2.44 -23.09
N GLY D 253 31.91 3.55 -23.08
CA GLY D 253 32.30 4.18 -24.33
C GLY D 253 33.16 3.29 -25.18
N LEU D 254 34.13 2.61 -24.56
CA LEU D 254 35.01 1.71 -25.29
C LEU D 254 34.27 0.46 -25.77
N SER D 255 33.35 -0.09 -24.95
CA SER D 255 32.61 -1.27 -25.40
C SER D 255 31.65 -0.93 -26.52
N VAL D 256 31.05 0.27 -26.48
CA VAL D 256 30.18 0.69 -27.57
C VAL D 256 30.99 0.88 -28.86
N ALA D 257 32.19 1.46 -28.76
CA ALA D 257 33.01 1.63 -29.96
C ALA D 257 33.45 0.28 -30.53
N ASP D 258 33.67 -0.71 -29.67
CA ASP D 258 33.97 -2.06 -30.13
C ASP D 258 32.79 -2.64 -30.93
N LEU D 259 31.56 -2.42 -30.45
CA LEU D 259 30.39 -2.86 -31.21
C LEU D 259 30.29 -2.11 -32.53
N ALA D 260 30.46 -0.79 -32.51
CA ALA D 260 30.40 -0.02 -33.75
C ALA D 260 31.46 -0.50 -34.73
N GLU D 261 32.64 -0.84 -34.23
CA GLU D 261 33.70 -1.31 -35.12
C GLU D 261 33.29 -2.57 -35.87
N SER D 262 32.69 -3.53 -35.16
CA SER D 262 32.25 -4.75 -35.84
C SER D 262 31.16 -4.44 -36.86
N ILE D 263 30.26 -3.51 -36.54
CA ILE D 263 29.15 -3.18 -37.45
C ILE D 263 29.65 -2.39 -38.65
N MET D 264 30.41 -1.31 -38.42
CA MET D 264 30.88 -0.46 -39.51
C MET D 264 31.88 -1.17 -40.41
N LYS D 265 32.61 -2.17 -39.90
CA LYS D 265 33.60 -2.87 -40.70
C LYS D 265 33.14 -4.27 -41.10
N ASN D 266 31.88 -4.61 -40.82
CA ASN D 266 31.32 -5.88 -41.24
C ASN D 266 32.18 -7.06 -40.78
N LEU D 267 32.62 -7.01 -39.52
CA LEU D 267 33.64 -7.96 -39.08
C LEU D 267 33.08 -9.35 -38.81
N ARG D 268 31.81 -9.47 -38.38
CA ARG D 268 31.24 -10.76 -37.99
C ARG D 268 32.02 -11.38 -36.84
N ARG D 269 32.45 -10.54 -35.89
CA ARG D 269 32.89 -11.00 -34.58
C ARG D 269 31.67 -11.29 -33.71
N VAL D 270 31.89 -12.05 -32.65
CA VAL D 270 30.82 -12.45 -31.74
C VAL D 270 30.87 -11.59 -30.49
N HIS D 271 29.74 -10.95 -30.18
CA HIS D 271 29.66 -10.10 -29.00
C HIS D 271 28.42 -10.48 -28.20
N PRO D 272 28.50 -10.37 -26.89
CA PRO D 272 27.29 -10.60 -26.07
C PRO D 272 26.47 -9.32 -26.00
N VAL D 273 25.45 -9.23 -26.87
CA VAL D 273 24.59 -8.07 -26.94
C VAL D 273 23.14 -8.51 -26.81
N SER D 274 22.28 -7.57 -26.48
CA SER D 274 20.90 -7.92 -26.19
C SER D 274 20.14 -8.00 -27.50
N THR D 275 19.48 -9.13 -27.73
CA THR D 275 18.81 -9.39 -29.01
C THR D 275 17.46 -10.00 -28.74
N MET D 276 16.57 -9.87 -29.72
CA MET D 276 15.21 -10.40 -29.60
C MET D 276 15.29 -11.91 -29.56
N ILE D 277 15.02 -12.48 -28.38
CA ILE D 277 15.40 -13.85 -28.10
C ILE D 277 14.20 -14.80 -28.16
N LYS D 278 13.03 -14.32 -28.56
CA LYS D 278 11.86 -15.19 -28.64
C LYS D 278 12.15 -16.36 -29.56
N GLY D 279 11.77 -17.56 -29.11
CA GLY D 279 12.07 -18.78 -29.84
C GLY D 279 13.23 -19.59 -29.30
N LEU D 280 13.97 -19.08 -28.31
CA LEU D 280 15.07 -19.81 -27.71
C LEU D 280 14.82 -19.98 -26.21
N TYR D 281 15.34 -21.08 -25.66
CA TYR D 281 15.27 -21.35 -24.22
C TYR D 281 13.85 -21.39 -23.70
N GLY D 282 12.91 -21.77 -24.56
CA GLY D 282 11.52 -21.82 -24.15
C GLY D 282 10.84 -20.47 -24.05
N ILE D 283 11.55 -19.39 -24.38
CA ILE D 283 10.99 -18.05 -24.31
C ILE D 283 10.04 -17.84 -25.50
N LYS D 284 8.82 -17.39 -25.20
CA LYS D 284 7.77 -17.20 -26.19
C LYS D 284 7.26 -15.77 -26.24
N ASP D 285 7.87 -14.84 -25.50
CA ASP D 285 7.48 -13.44 -25.52
C ASP D 285 8.52 -12.61 -26.25
N ASP D 286 8.12 -11.41 -26.66
CA ASP D 286 9.00 -10.44 -27.31
C ASP D 286 9.88 -9.78 -26.24
N VAL D 287 11.05 -10.36 -25.99
CA VAL D 287 11.98 -9.78 -25.02
C VAL D 287 13.37 -9.82 -25.60
N PHE D 288 14.24 -8.94 -25.06
CA PHE D 288 15.62 -8.82 -25.48
C PHE D 288 16.52 -9.23 -24.32
N LEU D 289 17.40 -10.21 -24.57
CA LEU D 289 18.39 -10.67 -23.62
C LEU D 289 19.71 -10.87 -24.35
N SER D 290 20.81 -10.82 -23.60
CA SER D 290 22.12 -10.94 -24.21
C SER D 290 22.47 -12.40 -24.44
N VAL D 291 22.84 -12.72 -25.67
CA VAL D 291 23.45 -13.98 -26.04
C VAL D 291 24.62 -13.62 -26.96
N PRO D 292 25.55 -14.53 -27.26
CA PRO D 292 26.64 -14.18 -28.18
C PRO D 292 26.07 -14.05 -29.59
N CYS D 293 26.22 -12.87 -30.18
CA CYS D 293 25.69 -12.55 -31.50
C CYS D 293 26.81 -12.19 -32.46
N ILE D 294 26.61 -12.58 -33.73
CA ILE D 294 27.53 -12.22 -34.81
C ILE D 294 27.10 -10.88 -35.38
N LEU D 295 27.97 -9.88 -35.28
CA LEU D 295 27.67 -8.51 -35.65
C LEU D 295 28.40 -8.12 -36.93
N GLY D 296 27.68 -7.47 -37.83
CA GLY D 296 28.26 -6.96 -39.05
C GLY D 296 27.43 -5.81 -39.60
N GLN D 297 27.60 -5.56 -40.90
CA GLN D 297 26.97 -4.40 -41.55
C GLN D 297 25.46 -4.49 -41.62
N ASN D 298 24.88 -5.68 -41.43
CA ASN D 298 23.43 -5.82 -41.32
C ASN D 298 22.99 -5.99 -39.87
N GLY D 299 23.86 -5.64 -38.92
CA GLY D 299 23.53 -5.83 -37.53
C GLY D 299 23.77 -7.24 -37.06
N ILE D 300 22.81 -7.79 -36.31
CA ILE D 300 22.90 -9.15 -35.78
C ILE D 300 22.42 -10.10 -36.88
N SER D 301 23.35 -10.76 -37.55
CA SER D 301 22.98 -11.69 -38.61
C SER D 301 22.75 -13.10 -38.10
N ASP D 302 23.38 -13.45 -36.99
CA ASP D 302 23.34 -14.79 -36.42
C ASP D 302 23.55 -14.68 -34.91
N LEU D 303 23.17 -15.73 -34.19
CA LEU D 303 23.49 -15.82 -32.77
C LEU D 303 23.96 -17.23 -32.44
N VAL D 304 24.81 -17.33 -31.42
CA VAL D 304 25.37 -18.60 -30.97
C VAL D 304 24.41 -19.21 -29.96
N LYS D 305 24.14 -20.50 -30.10
CA LYS D 305 23.30 -21.23 -29.15
C LYS D 305 24.22 -21.87 -28.10
N VAL D 306 24.39 -21.16 -26.99
CA VAL D 306 25.24 -21.65 -25.91
C VAL D 306 24.52 -22.80 -25.21
N THR D 307 25.23 -23.91 -24.98
CA THR D 307 24.64 -25.00 -24.21
C THR D 307 24.61 -24.57 -22.74
N LEU D 308 23.41 -24.48 -22.19
CA LEU D 308 23.22 -24.03 -20.82
C LEU D 308 22.78 -25.20 -19.98
N THR D 309 23.14 -25.15 -18.69
CA THR D 309 22.58 -26.12 -17.76
C THR D 309 21.12 -25.81 -17.51
N SER D 310 20.44 -26.74 -16.82
CA SER D 310 19.04 -26.50 -16.47
C SER D 310 18.89 -25.22 -15.66
N GLU D 311 19.80 -25.01 -14.70
CA GLU D 311 19.73 -23.83 -13.84
C GLU D 311 19.96 -22.55 -14.64
N GLU D 312 20.95 -22.54 -15.53
CA GLU D 312 21.21 -21.36 -16.34
C GLU D 312 20.06 -21.06 -17.28
N GLU D 313 19.49 -22.10 -17.89
CA GLU D 313 18.36 -21.88 -18.79
C GLU D 313 17.17 -21.30 -18.02
N ALA D 314 16.92 -21.80 -16.80
CA ALA D 314 15.81 -21.29 -16.01
C ALA D 314 16.01 -19.83 -15.62
N ARG D 315 17.27 -19.40 -15.41
CA ARG D 315 17.51 -18.00 -15.09
C ARG D 315 17.17 -17.10 -16.27
N LEU D 316 17.54 -17.52 -17.50
CA LEU D 316 17.18 -16.73 -18.67
C LEU D 316 15.67 -16.66 -18.86
N LYS D 317 14.97 -17.78 -18.66
CA LYS D 317 13.52 -17.77 -18.81
C LYS D 317 12.87 -16.87 -17.77
N LYS D 318 13.38 -16.88 -16.52
CA LYS D 318 12.80 -16.02 -15.50
C LYS D 318 13.00 -14.55 -15.81
N SER D 319 14.17 -14.21 -16.36
CA SER D 319 14.39 -12.85 -16.85
C SER D 319 13.39 -12.49 -17.94
N ALA D 320 13.17 -13.41 -18.90
CA ALA D 320 12.22 -13.15 -19.97
C ALA D 320 10.81 -12.94 -19.43
N ASP D 321 10.38 -13.80 -18.50
CA ASP D 321 9.04 -13.64 -17.94
C ASP D 321 8.93 -12.30 -17.24
N THR D 322 9.94 -11.92 -16.48
CA THR D 322 9.92 -10.66 -15.73
C THR D 322 9.94 -9.46 -16.67
N LEU D 323 10.73 -9.51 -17.74
CA LEU D 323 10.76 -8.43 -18.71
C LEU D 323 9.39 -8.25 -19.37
N TRP D 324 8.77 -9.35 -19.79
CA TRP D 324 7.46 -9.24 -20.43
C TRP D 324 6.42 -8.70 -19.47
N GLY D 325 6.51 -9.09 -18.19
CA GLY D 325 5.57 -8.58 -17.20
C GLY D 325 5.66 -7.08 -17.02
N ILE D 326 6.88 -6.53 -17.02
CA ILE D 326 7.03 -5.08 -16.91
C ILE D 326 6.61 -4.41 -18.20
N GLN D 327 7.00 -4.97 -19.35
CA GLN D 327 6.77 -4.31 -20.63
C GLN D 327 5.29 -4.16 -20.93
N LYS D 328 4.48 -5.14 -20.52
CA LYS D 328 3.05 -5.04 -20.79
C LYS D 328 2.42 -3.84 -20.07
N GLU D 329 3.10 -3.26 -19.07
CA GLU D 329 2.61 -2.09 -18.36
C GLU D 329 3.18 -0.76 -18.84
N LEU D 330 3.99 -0.73 -19.90
CA LEU D 330 4.56 0.52 -20.38
C LEU D 330 3.61 1.21 -21.36
N GLN D 331 3.58 2.54 -21.31
CA GLN D 331 2.66 3.36 -22.10
C GLN D 331 3.38 3.94 -23.32
N PHE D 332 2.83 3.69 -24.50
CA PHE D 332 3.43 4.17 -25.74
C PHE D 332 2.75 5.40 -26.34
#